data_6WSZ
# 
_entry.id   6WSZ 
# 
_audit_conform.dict_name       mmcif_pdbx.dic 
_audit_conform.dict_version    5.380 
_audit_conform.dict_location   http://mmcif.pdb.org/dictionaries/ascii/mmcif_pdbx.dic 
# 
loop_
_database_2.database_id 
_database_2.database_code 
_database_2.pdbx_database_accession 
_database_2.pdbx_DOI 
PDB   6WSZ         pdb_00006wsz 10.2210/pdb6wsz/pdb 
WWPDB D_1000248889 ?            ?                   
# 
_pdbx_database_status.status_code                     REL 
_pdbx_database_status.status_code_sf                  REL 
_pdbx_database_status.status_code_mr                  ? 
_pdbx_database_status.entry_id                        6WSZ 
_pdbx_database_status.recvd_initial_deposition_date   2020-05-01 
_pdbx_database_status.SG_entry                        N 
_pdbx_database_status.deposit_site                    RCSB 
_pdbx_database_status.process_site                    RCSB 
_pdbx_database_status.status_code_cs                  ? 
_pdbx_database_status.status_code_nmr_data            ? 
_pdbx_database_status.methods_development_category    ? 
_pdbx_database_status.pdb_format_compatible           Y 
# 
loop_
_audit_author.name 
_audit_author.pdbx_ordinal 
_audit_author.identifier_ORCID 
'Simmons, C.R.'      1 0000-0002-2290-6132 
'MacCulloch, T.'     2 0000-0001-5875-3361 
'Stephanopoulos, N.' 3 0000-0001-7859-410X 
'Yan, H.'            4 0000-0001-7397-9852 
# 
_citation.abstract                  ? 
_citation.abstract_id_CAS           ? 
_citation.book_id_ISBN              ? 
_citation.book_publisher            ? 
_citation.book_publisher_city       ? 
_citation.book_title                ? 
_citation.coordinate_linkage        ? 
_citation.country                   UK 
_citation.database_id_Medline       ? 
_citation.details                   ? 
_citation.id                        primary 
_citation.journal_abbrev            'Nat Commun' 
_citation.journal_id_ASTM           ? 
_citation.journal_id_CSD            ? 
_citation.journal_id_ISSN           2041-1723 
_citation.journal_full              ? 
_citation.journal_issue             ? 
_citation.journal_volume            13 
_citation.language                  ? 
_citation.page_first                3112 
_citation.page_last                 3112 
_citation.title                     'The influence of Holliday junction sequence and dynamics on DNA crystal self-assembly.' 
_citation.year                      2022 
_citation.database_id_CSD           ? 
_citation.pdbx_database_id_DOI      10.1038/s41467-022-30779-6 
_citation.pdbx_database_id_PubMed   35662248 
_citation.unpublished_flag          ? 
# 
loop_
_citation_author.citation_id 
_citation_author.name 
_citation_author.ordinal 
_citation_author.identifier_ORCID 
primary 'Simmons, C.R.'      1  ?                   
primary 'MacCulloch, T.'     2  ?                   
primary 'Krepl, M.'          3  0000-0002-9833-4281 
primary 'Matthies, M.'       4  ?                   
primary 'Buchberger, A.'     5  ?                   
primary 'Crawford, I.'       6  ?                   
primary 'Sponer, J.'         7  0000-0001-6558-6186 
primary 'Sulc, P.'           8  0000-0003-1565-6769 
primary 'Stephanopoulos, N.' 9  0000-0001-7859-410X 
primary 'Yan, H.'            10 0000-0001-7397-9852 
# 
_cell.angle_alpha                  90.000 
_cell.angle_alpha_esd              ? 
_cell.angle_beta                   90.000 
_cell.angle_beta_esd               ? 
_cell.angle_gamma                  120.000 
_cell.angle_gamma_esd              ? 
_cell.entry_id                     6WSZ 
_cell.details                      ? 
_cell.formula_units_Z              ? 
_cell.length_a                     68.458 
_cell.length_a_esd                 ? 
_cell.length_b                     68.458 
_cell.length_b_esd                 ? 
_cell.length_c                     60.214 
_cell.length_c_esd                 ? 
_cell.volume                       ? 
_cell.volume_esd                   ? 
_cell.Z_PDB                        6 
_cell.reciprocal_angle_alpha       ? 
_cell.reciprocal_angle_beta        ? 
_cell.reciprocal_angle_gamma       ? 
_cell.reciprocal_angle_alpha_esd   ? 
_cell.reciprocal_angle_beta_esd    ? 
_cell.reciprocal_angle_gamma_esd   ? 
_cell.reciprocal_length_a          ? 
_cell.reciprocal_length_b          ? 
_cell.reciprocal_length_c          ? 
_cell.reciprocal_length_a_esd      ? 
_cell.reciprocal_length_b_esd      ? 
_cell.reciprocal_length_c_esd      ? 
_cell.pdbx_unique_axis             ? 
# 
_symmetry.entry_id                         6WSZ 
_symmetry.cell_setting                     ? 
_symmetry.Int_Tables_number                154 
_symmetry.space_group_name_Hall            ? 
_symmetry.space_group_name_H-M             'P 32 2 1' 
_symmetry.pdbx_full_space_group_name_H-M   ? 
# 
loop_
_entity.id 
_entity.type 
_entity.src_method 
_entity.pdbx_description 
_entity.formula_weight 
_entity.pdbx_number_of_molecules 
_entity.pdbx_ec 
_entity.pdbx_mutation 
_entity.pdbx_fragment 
_entity.details 
1 polymer     syn 
;DNA (5'-D(*GP*AP*GP*CP*AP*GP*AP*CP*CP*AP*GP*AP*CP*TP*CP*CP*AP*CP*TP*CP*A)-3')
;
6386.152 1 ? ? ? ? 
2 polymer     syn 
;DNA (5'-D(P*AP*GP*TP*CP*T)-3')
;
1495.023 1 ? ? ? ? 
3 polymer     syn 
;DNA (5'-D(*TP*CP*TP*GP*AP*GP*TP*GP*G)-3')
;
2786.833 1 ? ? ? ? 
4 polymer     syn 
;DNA (5'-D(P*GP*GP*TP*CP*TP*GP*C)-3')
;
2129.409 1 ? ? ? ? 
5 non-polymer syn 'CACODYLATE ION'                                                                136.989  3 ? ? ? ? 
# 
loop_
_entity_poly.entity_id 
_entity_poly.type 
_entity_poly.nstd_linkage 
_entity_poly.nstd_monomer 
_entity_poly.pdbx_seq_one_letter_code 
_entity_poly.pdbx_seq_one_letter_code_can 
_entity_poly.pdbx_strand_id 
_entity_poly.pdbx_target_identifier 
1 polydeoxyribonucleotide no no 
;(DG)(DA)(DG)(DC)(DA)(DG)(DA)(DC)(DC)(DA)(DG)(DA)(DC)(DT)(DC)(DC)(DA)(DC)(DT)(DC)
(DA)
;
GAGCAGACCAGACTCCACTCA A ? 
2 polydeoxyribonucleotide no no '(DA)(DG)(DT)(DC)(DT)'                                                                  AGTCT B ? 
3 polydeoxyribonucleotide no no '(DT)(DC)(DT)(DG)(DA)(DG)(DT)(DG)(DG)'                                                  TCTGAGTGG 
C ? 
4 polydeoxyribonucleotide no no '(DG)(DG)(DT)(DC)(DT)(DG)(DC)'                                                          GGTCTGC D 
? 
# 
loop_
_entity_poly_seq.entity_id 
_entity_poly_seq.num 
_entity_poly_seq.mon_id 
_entity_poly_seq.hetero 
1 1  DG n 
1 2  DA n 
1 3  DG n 
1 4  DC n 
1 5  DA n 
1 6  DG n 
1 7  DA n 
1 8  DC n 
1 9  DC n 
1 10 DA n 
1 11 DG n 
1 12 DA n 
1 13 DC n 
1 14 DT n 
1 15 DC n 
1 16 DC n 
1 17 DA n 
1 18 DC n 
1 19 DT n 
1 20 DC n 
1 21 DA n 
2 1  DA n 
2 2  DG n 
2 3  DT n 
2 4  DC n 
2 5  DT n 
3 1  DT n 
3 2  DC n 
3 3  DT n 
3 4  DG n 
3 5  DA n 
3 6  DG n 
3 7  DT n 
3 8  DG n 
3 9  DG n 
4 1  DG n 
4 2  DG n 
4 3  DT n 
4 4  DC n 
4 5  DT n 
4 6  DG n 
4 7  DC n 
# 
loop_
_pdbx_entity_src_syn.entity_id 
_pdbx_entity_src_syn.pdbx_src_id 
_pdbx_entity_src_syn.pdbx_alt_source_flag 
_pdbx_entity_src_syn.pdbx_beg_seq_num 
_pdbx_entity_src_syn.pdbx_end_seq_num 
_pdbx_entity_src_syn.organism_scientific 
_pdbx_entity_src_syn.organism_common_name 
_pdbx_entity_src_syn.ncbi_taxonomy_id 
_pdbx_entity_src_syn.details 
1 1 sample 1 21 'synthetic construct' ? 32630 ? 
2 1 sample 1 5  'synthetic construct' ? 32630 ? 
3 1 sample 1 9  'synthetic construct' ? 32630 ? 
4 1 sample 1 7  'synthetic construct' ? 32630 ? 
# 
loop_
_struct_ref.id 
_struct_ref.db_name 
_struct_ref.db_code 
_struct_ref.pdbx_db_accession 
_struct_ref.pdbx_db_isoform 
_struct_ref.entity_id 
_struct_ref.pdbx_seq_one_letter_code 
_struct_ref.pdbx_align_begin 
1 PDB 6WSZ 6WSZ ? 1 ? 1 
2 PDB 6WSZ 6WSZ ? 2 ? 1 
3 PDB 6WSZ 6WSZ ? 3 ? 1 
4 PDB 6WSZ 6WSZ ? 4 ? 1 
# 
loop_
_struct_ref_seq.align_id 
_struct_ref_seq.ref_id 
_struct_ref_seq.pdbx_PDB_id_code 
_struct_ref_seq.pdbx_strand_id 
_struct_ref_seq.seq_align_beg 
_struct_ref_seq.pdbx_seq_align_beg_ins_code 
_struct_ref_seq.seq_align_end 
_struct_ref_seq.pdbx_seq_align_end_ins_code 
_struct_ref_seq.pdbx_db_accession 
_struct_ref_seq.db_align_beg 
_struct_ref_seq.pdbx_db_align_beg_ins_code 
_struct_ref_seq.db_align_end 
_struct_ref_seq.pdbx_db_align_end_ins_code 
_struct_ref_seq.pdbx_auth_seq_align_beg 
_struct_ref_seq.pdbx_auth_seq_align_end 
1 1 6WSZ A 1 ? 21 ? 6WSZ 1  ? 21 ? 1  21 
2 2 6WSZ B 1 ? 5  ? 6WSZ 1  ? 5  ? 1  5  
3 3 6WSZ C 1 ? 9  ? 6WSZ 1  ? 9  ? 1  9  
4 4 6WSZ D 1 ? 7  ? 6WSZ 10 ? 16 ? 10 16 
# 
loop_
_chem_comp.id 
_chem_comp.type 
_chem_comp.mon_nstd_flag 
_chem_comp.name 
_chem_comp.pdbx_synonyms 
_chem_comp.formula 
_chem_comp.formula_weight 
CAC non-polymer   . 'CACODYLATE ION'                     dimethylarsinate 'C2 H6 As O2 -1'  136.989 
DA  'DNA linking' y "2'-DEOXYADENOSINE-5'-MONOPHOSPHATE" ?                'C10 H14 N5 O6 P' 331.222 
DC  'DNA linking' y "2'-DEOXYCYTIDINE-5'-MONOPHOSPHATE"  ?                'C9 H14 N3 O7 P'  307.197 
DG  'DNA linking' y "2'-DEOXYGUANOSINE-5'-MONOPHOSPHATE" ?                'C10 H14 N5 O7 P' 347.221 
DT  'DNA linking' y "THYMIDINE-5'-MONOPHOSPHATE"         ?                'C10 H15 N2 O8 P' 322.208 
# 
_exptl.absorpt_coefficient_mu     ? 
_exptl.absorpt_correction_T_max   ? 
_exptl.absorpt_correction_T_min   ? 
_exptl.absorpt_correction_type    ? 
_exptl.absorpt_process_details    ? 
_exptl.entry_id                   6WSZ 
_exptl.crystals_number            1 
_exptl.details                    ? 
_exptl.method                     'X-RAY DIFFRACTION' 
_exptl.method_details             ? 
# 
_exptl_crystal.colour                      ? 
_exptl_crystal.density_diffrn              ? 
_exptl_crystal.density_Matthews            3.18 
_exptl_crystal.density_method              ? 
_exptl_crystal.density_percent_sol         61.35 
_exptl_crystal.description                 ? 
_exptl_crystal.F_000                       ? 
_exptl_crystal.id                          1 
_exptl_crystal.preparation                 ? 
_exptl_crystal.size_max                    ? 
_exptl_crystal.size_mid                    ? 
_exptl_crystal.size_min                    ? 
_exptl_crystal.size_rad                    ? 
_exptl_crystal.colour_lustre               ? 
_exptl_crystal.colour_modifier             ? 
_exptl_crystal.colour_primary              ? 
_exptl_crystal.density_meas                ? 
_exptl_crystal.density_meas_esd            ? 
_exptl_crystal.density_meas_gt             ? 
_exptl_crystal.density_meas_lt             ? 
_exptl_crystal.density_meas_temp           ? 
_exptl_crystal.density_meas_temp_esd       ? 
_exptl_crystal.density_meas_temp_gt        ? 
_exptl_crystal.density_meas_temp_lt        ? 
_exptl_crystal.pdbx_crystal_image_url      ? 
_exptl_crystal.pdbx_crystal_image_format   ? 
_exptl_crystal.pdbx_mosaicity              ? 
_exptl_crystal.pdbx_mosaicity_esd          ? 
# 
_exptl_crystal_grow.apparatus       ? 
_exptl_crystal_grow.atmosphere      ? 
_exptl_crystal_grow.crystal_id      1 
_exptl_crystal_grow.details         ? 
_exptl_crystal_grow.method          'VAPOR DIFFUSION, SITTING DROP' 
_exptl_crystal_grow.method_ref      ? 
_exptl_crystal_grow.pH              ? 
_exptl_crystal_grow.pressure        ? 
_exptl_crystal_grow.pressure_esd    ? 
_exptl_crystal_grow.seeding         ? 
_exptl_crystal_grow.seeding_ref     ? 
_exptl_crystal_grow.temp            298 
_exptl_crystal_grow.temp_details    'temperature gradient generated from 60 to 25 C at 0.3 degrees per hour' 
_exptl_crystal_grow.temp_esd        ? 
_exptl_crystal_grow.time            ? 
_exptl_crystal_grow.pdbx_details    
;0.5 mL of 0.05 M Cacodylate pH 7.0 with 30 mM MgCl2, 2.5 mM spermine, and 5% PEG 400 was added to the reservoir with 2 uL added to the drop containing 4 uL of DNA stock
;
_exptl_crystal_grow.pdbx_pH_range   ? 
# 
_diffrn.ambient_environment              ? 
_diffrn.ambient_temp                     100 
_diffrn.ambient_temp_details             ? 
_diffrn.ambient_temp_esd                 ? 
_diffrn.crystal_id                       1 
_diffrn.crystal_support                  ? 
_diffrn.crystal_treatment                ? 
_diffrn.details                          ? 
_diffrn.id                               1 
_diffrn.ambient_pressure                 ? 
_diffrn.ambient_pressure_esd             ? 
_diffrn.ambient_pressure_gt              ? 
_diffrn.ambient_pressure_lt              ? 
_diffrn.ambient_temp_gt                  ? 
_diffrn.ambient_temp_lt                  ? 
_diffrn.pdbx_serial_crystal_experiment   N 
# 
_diffrn_detector.details                      ? 
_diffrn_detector.detector                     PIXEL 
_diffrn_detector.diffrn_id                    1 
_diffrn_detector.type                         'DECTRIS PILATUS3 6M' 
_diffrn_detector.area_resol_mean              ? 
_diffrn_detector.dtime                        ? 
_diffrn_detector.pdbx_frames_total            ? 
_diffrn_detector.pdbx_collection_time_total   ? 
_diffrn_detector.pdbx_collection_date         2018-05-15 
_diffrn_detector.pdbx_frequency               ? 
# 
_diffrn_radiation.collimation                      ? 
_diffrn_radiation.diffrn_id                        1 
_diffrn_radiation.filter_edge                      ? 
_diffrn_radiation.inhomogeneity                    ? 
_diffrn_radiation.monochromator                    ? 
_diffrn_radiation.polarisn_norm                    ? 
_diffrn_radiation.polarisn_ratio                   ? 
_diffrn_radiation.probe                            ? 
_diffrn_radiation.type                             ? 
_diffrn_radiation.xray_symbol                      ? 
_diffrn_radiation.wavelength_id                    1 
_diffrn_radiation.pdbx_monochromatic_or_laue_m_l   M 
_diffrn_radiation.pdbx_wavelength_list             ? 
_diffrn_radiation.pdbx_wavelength                  ? 
_diffrn_radiation.pdbx_diffrn_protocol             'SINGLE WAVELENGTH' 
_diffrn_radiation.pdbx_analyzer                    ? 
_diffrn_radiation.pdbx_scattering_type             x-ray 
# 
_diffrn_radiation_wavelength.id           1 
_diffrn_radiation_wavelength.wavelength   1 
_diffrn_radiation_wavelength.wt           1.0 
# 
_diffrn_source.current                     ? 
_diffrn_source.details                     ? 
_diffrn_source.diffrn_id                   1 
_diffrn_source.power                       ? 
_diffrn_source.size                        ? 
_diffrn_source.source                      SYNCHROTRON 
_diffrn_source.target                      ? 
_diffrn_source.type                        'ALS BEAMLINE 5.0.2' 
_diffrn_source.voltage                     ? 
_diffrn_source.take-off_angle              ? 
_diffrn_source.pdbx_wavelength_list        1 
_diffrn_source.pdbx_wavelength             ? 
_diffrn_source.pdbx_synchrotron_beamline   5.0.2 
_diffrn_source.pdbx_synchrotron_site       ALS 
# 
_reflns.B_iso_Wilson_estimate            87.980 
_reflns.entry_id                         6WSZ 
_reflns.data_reduction_details           ? 
_reflns.data_reduction_method            ? 
_reflns.d_resolution_high                3.050 
_reflns.d_resolution_low                 50.000 
_reflns.details                          ? 
_reflns.limit_h_max                      ? 
_reflns.limit_h_min                      ? 
_reflns.limit_k_max                      ? 
_reflns.limit_k_min                      ? 
_reflns.limit_l_max                      ? 
_reflns.limit_l_min                      ? 
_reflns.number_all                       ? 
_reflns.number_obs                       5010 
_reflns.observed_criterion               ? 
_reflns.observed_criterion_F_max         ? 
_reflns.observed_criterion_F_min         ? 
_reflns.observed_criterion_I_max         ? 
_reflns.observed_criterion_I_min         ? 
_reflns.observed_criterion_sigma_F       ? 
_reflns.observed_criterion_sigma_I       ? 
_reflns.percent_possible_obs             85.100 
_reflns.R_free_details                   ? 
_reflns.Rmerge_F_all                     ? 
_reflns.Rmerge_F_obs                     ? 
_reflns.Friedel_coverage                 ? 
_reflns.number_gt                        ? 
_reflns.threshold_expression             ? 
_reflns.pdbx_redundancy                  9.400 
_reflns.pdbx_Rmerge_I_obs                0.078 
_reflns.pdbx_Rmerge_I_all                ? 
_reflns.pdbx_Rsym_value                  ? 
_reflns.pdbx_netI_over_av_sigmaI         ? 
_reflns.pdbx_netI_over_sigmaI            6.600 
_reflns.pdbx_res_netI_over_av_sigmaI_2   ? 
_reflns.pdbx_res_netI_over_sigmaI_2      ? 
_reflns.pdbx_chi_squared                 1.199 
_reflns.pdbx_scaling_rejects             ? 
_reflns.pdbx_d_res_high_opt              ? 
_reflns.pdbx_d_res_low_opt               ? 
_reflns.pdbx_d_res_opt_method            ? 
_reflns.phase_calculation_details        ? 
_reflns.pdbx_Rrim_I_all                  0.082 
_reflns.pdbx_Rpim_I_all                  0.026 
_reflns.pdbx_d_opt                       ? 
_reflns.pdbx_number_measured_all         ? 
_reflns.pdbx_diffrn_id                   1 
_reflns.pdbx_ordinal                     1 
_reflns.pdbx_CC_half                     0.977 
_reflns.pdbx_CC_star                     ? 
_reflns.pdbx_R_split                     ? 
# 
loop_
_reflns_shell.d_res_high 
_reflns_shell.d_res_low 
_reflns_shell.meanI_over_sigI_all 
_reflns_shell.meanI_over_sigI_obs 
_reflns_shell.number_measured_all 
_reflns_shell.number_measured_obs 
_reflns_shell.number_possible 
_reflns_shell.number_unique_all 
_reflns_shell.number_unique_obs 
_reflns_shell.percent_possible_all 
_reflns_shell.percent_possible_obs 
_reflns_shell.Rmerge_F_all 
_reflns_shell.Rmerge_F_obs 
_reflns_shell.Rmerge_I_all 
_reflns_shell.Rmerge_I_obs 
_reflns_shell.meanI_over_sigI_gt 
_reflns_shell.meanI_over_uI_all 
_reflns_shell.meanI_over_uI_gt 
_reflns_shell.number_measured_gt 
_reflns_shell.number_unique_gt 
_reflns_shell.percent_possible_gt 
_reflns_shell.Rmerge_F_gt 
_reflns_shell.Rmerge_I_gt 
_reflns_shell.pdbx_redundancy 
_reflns_shell.pdbx_Rsym_value 
_reflns_shell.pdbx_chi_squared 
_reflns_shell.pdbx_netI_over_sigmaI_all 
_reflns_shell.pdbx_netI_over_sigmaI_obs 
_reflns_shell.pdbx_Rrim_I_all 
_reflns_shell.pdbx_Rpim_I_all 
_reflns_shell.pdbx_rejects 
_reflns_shell.pdbx_ordinal 
_reflns_shell.pdbx_diffrn_id 
_reflns_shell.pdbx_CC_half 
_reflns_shell.pdbx_CC_star 
_reflns_shell.pdbx_R_split 
3.050 3.100  ? ? ? ? ? ? 147 47.900  ? ? ? ? 0.688 ? ? ? ? ? ? ? ? 7.100  ? 0.465 ? ? 0.735 0.252 ? 1  1 0.864 ? ? 
3.100 3.160  ? ? ? ? ? ? 140 51.500  ? ? ? ? 0.463 ? ? ? ? ? ? ? ? 7.100  ? 0.526 ? ? 0.495 0.169 ? 2  1 0.945 ? ? 
3.160 3.220  ? ? ? ? ? ? 189 58.700  ? ? ? ? 0.247 ? ? ? ? ? ? ? ? 7.600  ? 0.745 ? ? 0.263 0.088 ? 3  1 0.989 ? ? 
3.220 3.290  ? ? ? ? ? ? 183 68.000  ? ? ? ? 0.142 ? ? ? ? ? ? ? ? 8.000  ? 0.916 ? ? 0.150 0.048 ? 4  1 0.995 ? ? 
3.290 3.360  ? ? ? ? ? ? 207 72.100  ? ? ? ? 0.248 ? ? ? ? ? ? ? ? 7.800  ? 0.722 ? ? 0.263 0.087 ? 5  1 0.986 ? ? 
3.360 3.430  ? ? ? ? ? ? 230 74.400  ? ? ? ? 0.152 ? ? ? ? ? ? ? ? 8.600  ? 0.924 ? ? 0.160 0.050 ? 6  1 0.997 ? ? 
3.430 3.520  ? ? ? ? ? ? 212 77.400  ? ? ? ? 0.374 ? ? ? ? ? ? ? ? 8.400  ? 0.553 ? ? 0.397 0.131 ? 7  1 0.981 ? ? 
3.520 3.620  ? ? ? ? ? ? 256 80.500  ? ? ? ? 0.324 ? ? ? ? ? ? ? ? 8.900  ? 0.611 ? ? 0.343 0.111 ? 8  1 0.986 ? ? 
3.620 3.720  ? ? ? ? ? ? 244 86.500  ? ? ? ? 0.428 ? ? ? ? ? ? ? ? 8.700  ? 0.576 ? ? 0.453 0.146 ? 9  1 0.969 ? ? 
3.720 3.840  ? ? ? ? ? ? 273 91.300  ? ? ? ? 0.316 ? ? ? ? ? ? ? ? 8.500  ? 0.662 ? ? 0.336 0.110 ? 10 1 0.979 ? ? 
3.840 3.980  ? ? ? ? ? ? 282 95.300  ? ? ? ? 0.281 ? ? ? ? ? ? ? ? 9.000  ? 0.861 ? ? 0.299 0.100 ? 11 1 0.988 ? ? 
3.980 4.140  ? ? ? ? ? ? 292 100.000 ? ? ? ? 0.205 ? ? ? ? ? ? ? ? 10.100 ? 0.772 ? ? 0.216 0.068 ? 12 1 0.992 ? ? 
4.140 4.330  ? ? ? ? ? ? 291 100.000 ? ? ? ? 0.217 ? ? ? ? ? ? ? ? 10.500 ? 0.805 ? ? 0.228 0.070 ? 13 1 0.991 ? ? 
4.330 4.560  ? ? ? ? ? ? 295 100.000 ? ? ? ? 0.192 ? ? ? ? ? ? ? ? 10.500 ? 0.829 ? ? 0.202 0.062 ? 14 1 0.988 ? ? 
4.560 4.840  ? ? ? ? ? ? 295 100.000 ? ? ? ? 0.173 ? ? ? ? ? ? ? ? 10.600 ? 1.008 ? ? 0.182 0.056 ? 15 1 0.990 ? ? 
4.840 5.210  ? ? ? ? ? ? 297 100.000 ? ? ? ? 0.124 ? ? ? ? ? ? ? ? 10.200 ? 1.738 ? ? 0.131 0.041 ? 16 1 0.994 ? ? 
5.210 5.740  ? ? ? ? ? ? 299 100.000 ? ? ? ? 0.098 ? ? ? ? ? ? ? ? 10.700 ? 1.878 ? ? 0.103 0.031 ? 17 1 0.997 ? ? 
5.740 6.570  ? ? ? ? ? ? 291 100.000 ? ? ? ? 0.095 ? ? ? ? ? ? ? ? 10.800 ? 1.950 ? ? 0.100 0.030 ? 18 1 0.996 ? ? 
6.570 8.270  ? ? ? ? ? ? 298 100.000 ? ? ? ? 0.071 ? ? ? ? ? ? ? ? 10.100 ? 2.535 ? ? 0.074 0.023 ? 19 1 0.998 ? ? 
8.270 50.000 ? ? ? ? ? ? 289 99.000  ? ? ? ? 0.048 ? ? ? ? ? ? ? ? 10.400 ? 2.348 ? ? 0.051 0.017 ? 20 1 0.999 ? ? 
# 
_refine.aniso_B[1][1]                            ? 
_refine.aniso_B[1][2]                            ? 
_refine.aniso_B[1][3]                            ? 
_refine.aniso_B[2][2]                            ? 
_refine.aniso_B[2][3]                            ? 
_refine.aniso_B[3][3]                            ? 
_refine.B_iso_max                                210.240 
_refine.B_iso_mean                               90.7466 
_refine.B_iso_min                                55.880 
_refine.correlation_coeff_Fo_to_Fc               ? 
_refine.correlation_coeff_Fo_to_Fc_free          ? 
_refine.details                                  ? 
_refine.diff_density_max                         ? 
_refine.diff_density_max_esd                     ? 
_refine.diff_density_min                         ? 
_refine.diff_density_min_esd                     ? 
_refine.diff_density_rms                         ? 
_refine.diff_density_rms_esd                     ? 
_refine.entry_id                                 6WSZ 
_refine.pdbx_refine_id                           'X-RAY DIFFRACTION' 
_refine.ls_abs_structure_details                 ? 
_refine.ls_abs_structure_Flack                   ? 
_refine.ls_abs_structure_Flack_esd               ? 
_refine.ls_abs_structure_Rogers                  ? 
_refine.ls_abs_structure_Rogers_esd              ? 
_refine.ls_d_res_high                            3.0530 
_refine.ls_d_res_low                             42.2460 
_refine.ls_extinction_coef                       ? 
_refine.ls_extinction_coef_esd                   ? 
_refine.ls_extinction_expression                 ? 
_refine.ls_extinction_method                     ? 
_refine.ls_goodness_of_fit_all                   ? 
_refine.ls_goodness_of_fit_all_esd               ? 
_refine.ls_goodness_of_fit_obs                   ? 
_refine.ls_goodness_of_fit_obs_esd               ? 
_refine.ls_hydrogen_treatment                    ? 
_refine.ls_matrix_type                           ? 
_refine.ls_number_constraints                    ? 
_refine.ls_number_parameters                     ? 
_refine.ls_number_reflns_all                     ? 
_refine.ls_number_reflns_obs                     3258 
_refine.ls_number_reflns_R_free                  162 
_refine.ls_number_reflns_R_work                  ? 
_refine.ls_number_restraints                     ? 
_refine.ls_percent_reflns_obs                    98.6100 
_refine.ls_percent_reflns_R_free                 4.9700 
_refine.ls_R_factor_all                          ? 
_refine.ls_R_factor_obs                          0.2394 
_refine.ls_R_factor_R_free                       0.2617 
_refine.ls_R_factor_R_free_error                 ? 
_refine.ls_R_factor_R_free_error_details         ? 
_refine.ls_R_factor_R_work                       0.2379 
_refine.ls_R_Fsqd_factor_obs                     ? 
_refine.ls_R_I_factor_obs                        ? 
_refine.ls_redundancy_reflns_all                 ? 
_refine.ls_redundancy_reflns_obs                 ? 
_refine.ls_restrained_S_all                      ? 
_refine.ls_restrained_S_obs                      ? 
_refine.ls_shift_over_esd_max                    ? 
_refine.ls_shift_over_esd_mean                   ? 
_refine.ls_structure_factor_coef                 ? 
_refine.ls_weighting_details                     ? 
_refine.ls_weighting_scheme                      ? 
_refine.ls_wR_factor_all                         ? 
_refine.ls_wR_factor_obs                         ? 
_refine.ls_wR_factor_R_free                      ? 
_refine.ls_wR_factor_R_work                      ? 
_refine.occupancy_max                            ? 
_refine.occupancy_min                            ? 
_refine.solvent_model_details                    ? 
_refine.solvent_model_param_bsol                 ? 
_refine.solvent_model_param_ksol                 ? 
_refine.pdbx_R_complete                          ? 
_refine.ls_R_factor_gt                           ? 
_refine.ls_goodness_of_fit_gt                    ? 
_refine.ls_goodness_of_fit_ref                   ? 
_refine.ls_shift_over_su_max                     ? 
_refine.ls_shift_over_su_max_lt                  ? 
_refine.ls_shift_over_su_mean                    ? 
_refine.ls_shift_over_su_mean_lt                 ? 
_refine.pdbx_ls_sigma_I                          ? 
_refine.pdbx_ls_sigma_F                          2.070 
_refine.pdbx_ls_sigma_Fsqd                       ? 
_refine.pdbx_data_cutoff_high_absF               ? 
_refine.pdbx_data_cutoff_high_rms_absF           ? 
_refine.pdbx_data_cutoff_low_absF                ? 
_refine.pdbx_isotropic_thermal_model             ? 
_refine.pdbx_ls_cross_valid_method               THROUGHOUT 
_refine.pdbx_method_to_determine_struct          'MOLECULAR REPLACEMENT' 
_refine.pdbx_starting_model                      5KEK 
_refine.pdbx_stereochemistry_target_values       ? 
_refine.pdbx_R_Free_selection_details            ? 
_refine.pdbx_stereochem_target_val_spec_case     ? 
_refine.pdbx_overall_ESU_R                       ? 
_refine.pdbx_overall_ESU_R_Free                  ? 
_refine.pdbx_solvent_vdw_probe_radii             1.1100 
_refine.pdbx_solvent_ion_probe_radii             ? 
_refine.pdbx_solvent_shrinkage_radii             0.9000 
_refine.pdbx_real_space_R                        ? 
_refine.pdbx_density_correlation                 ? 
_refine.pdbx_pd_number_of_powder_patterns        ? 
_refine.pdbx_pd_number_of_points                 ? 
_refine.pdbx_pd_meas_number_of_points            ? 
_refine.pdbx_pd_proc_ls_prof_R_factor            ? 
_refine.pdbx_pd_proc_ls_prof_wR_factor           ? 
_refine.pdbx_pd_Marquardt_correlation_coeff      ? 
_refine.pdbx_pd_Fsqrd_R_factor                   ? 
_refine.pdbx_pd_ls_matrix_band_width             ? 
_refine.pdbx_overall_phase_error                 26.5300 
_refine.pdbx_overall_SU_R_free_Cruickshank_DPI   ? 
_refine.pdbx_overall_SU_R_free_Blow_DPI          ? 
_refine.pdbx_overall_SU_R_Blow_DPI               ? 
_refine.pdbx_TLS_residual_ADP_flag               ? 
_refine.pdbx_diffrn_id                           1 
_refine.overall_SU_B                             ? 
_refine.overall_SU_ML                            0.2100 
_refine.overall_SU_R_Cruickshank_DPI             ? 
_refine.overall_SU_R_free                        ? 
_refine.overall_FOM_free_R_set                   ? 
_refine.overall_FOM_work_R_set                   ? 
_refine.pdbx_average_fsc_overall                 ? 
_refine.pdbx_average_fsc_work                    ? 
_refine.pdbx_average_fsc_free                    ? 
# 
_refine_hist.pdbx_refine_id                   'X-RAY DIFFRACTION' 
_refine_hist.cycle_id                         final 
_refine_hist.details                          ? 
_refine_hist.d_res_high                       3.0530 
_refine_hist.d_res_low                        42.2460 
_refine_hist.number_atoms_solvent             0 
_refine_hist.number_atoms_total               858 
_refine_hist.number_reflns_all                ? 
_refine_hist.number_reflns_obs                ? 
_refine_hist.number_reflns_R_free             ? 
_refine_hist.number_reflns_R_work             ? 
_refine_hist.R_factor_all                     ? 
_refine_hist.R_factor_obs                     ? 
_refine_hist.R_factor_R_free                  ? 
_refine_hist.R_factor_R_work                  ? 
_refine_hist.pdbx_number_residues_total       42 
_refine_hist.pdbx_B_iso_mean_ligand           182.31 
_refine_hist.pdbx_B_iso_mean_solvent          ? 
_refine_hist.pdbx_number_atoms_protein        0 
_refine_hist.pdbx_number_atoms_nucleic_acid   855 
_refine_hist.pdbx_number_atoms_ligand         3 
_refine_hist.pdbx_number_atoms_lipid          ? 
_refine_hist.pdbx_number_atoms_carb           ? 
_refine_hist.pdbx_pseudo_atom_details         ? 
# 
loop_
_refine_ls_restr.pdbx_refine_id 
_refine_ls_restr.criterion 
_refine_ls_restr.dev_ideal 
_refine_ls_restr.dev_ideal_target 
_refine_ls_restr.number 
_refine_ls_restr.rejects 
_refine_ls_restr.type 
_refine_ls_restr.weight 
_refine_ls_restr.pdbx_restraint_function 
'X-RAY DIFFRACTION' ? 0.004  ? 956  ? f_bond_d           ? ? 
'X-RAY DIFFRACTION' ? 0.602  ? 1467 ? f_angle_d          ? ? 
'X-RAY DIFFRACTION' ? 0.031  ? 166  ? f_chiral_restr     ? ? 
'X-RAY DIFFRACTION' ? 0.004  ? 42   ? f_plane_restr      ? ? 
'X-RAY DIFFRACTION' ? 33.668 ? 406  ? f_dihedral_angle_d ? ? 
# 
_refine_ls_shell.pdbx_refine_id                   'X-RAY DIFFRACTION' 
_refine_ls_shell.d_res_high                       3.053 
_refine_ls_shell.d_res_low                        42.2460 
_refine_ls_shell.number_reflns_all                ? 
_refine_ls_shell.number_reflns_obs                ? 
_refine_ls_shell.number_reflns_R_free             162 
_refine_ls_shell.number_reflns_R_work             3096 
_refine_ls_shell.percent_reflns_obs               99.0000 
_refine_ls_shell.percent_reflns_R_free            ? 
_refine_ls_shell.R_factor_all                     ? 
_refine_ls_shell.R_factor_obs                     ? 
_refine_ls_shell.R_factor_R_free                  0.2617 
_refine_ls_shell.R_factor_R_free_error            0.0000 
_refine_ls_shell.R_factor_R_work                  0.2379 
_refine_ls_shell.redundancy_reflns_all            ? 
_refine_ls_shell.redundancy_reflns_obs            ? 
_refine_ls_shell.wR_factor_all                    ? 
_refine_ls_shell.wR_factor_obs                    ? 
_refine_ls_shell.wR_factor_R_free                 ? 
_refine_ls_shell.wR_factor_R_work                 ? 
_refine_ls_shell.pdbx_R_complete                  ? 
_refine_ls_shell.pdbx_total_number_of_bins_used   ? 
_refine_ls_shell.pdbx_phase_error                 ? 
_refine_ls_shell.pdbx_fsc_work                    ? 
_refine_ls_shell.pdbx_fsc_free                    ? 
# 
_struct.entry_id                     6WSZ 
_struct.title                        
'Self-assembly of a 3D DNA crystal lattice (4x5 duplex version) containing the J24 immobile Holliday junction' 
_struct.pdbx_model_details           ? 
_struct.pdbx_formula_weight          ? 
_struct.pdbx_formula_weight_method   ? 
_struct.pdbx_model_type_details      ? 
_struct.pdbx_CASP_flag               N 
# 
_struct_keywords.entry_id        6WSZ 
_struct_keywords.text            
'Structural DNA nanotechnology, immobile Holliday junctions, 3D DNA self-assembly, designer DNA crystals, DNA' 
_struct_keywords.pdbx_keywords   DNA 
# 
loop_
_struct_asym.id 
_struct_asym.pdbx_blank_PDB_chainid_flag 
_struct_asym.pdbx_modified 
_struct_asym.entity_id 
_struct_asym.details 
A N N 1 ? 
B N N 2 ? 
C N N 3 ? 
D N N 4 ? 
E N N 5 ? 
F N N 5 ? 
G N N 5 ? 
# 
loop_
_struct_conn.id 
_struct_conn.conn_type_id 
_struct_conn.pdbx_leaving_atom_flag 
_struct_conn.pdbx_PDB_id 
_struct_conn.ptnr1_label_asym_id 
_struct_conn.ptnr1_label_comp_id 
_struct_conn.ptnr1_label_seq_id 
_struct_conn.ptnr1_label_atom_id 
_struct_conn.pdbx_ptnr1_label_alt_id 
_struct_conn.pdbx_ptnr1_PDB_ins_code 
_struct_conn.pdbx_ptnr1_standard_comp_id 
_struct_conn.ptnr1_symmetry 
_struct_conn.ptnr2_label_asym_id 
_struct_conn.ptnr2_label_comp_id 
_struct_conn.ptnr2_label_seq_id 
_struct_conn.ptnr2_label_atom_id 
_struct_conn.pdbx_ptnr2_label_alt_id 
_struct_conn.pdbx_ptnr2_PDB_ins_code 
_struct_conn.ptnr1_auth_asym_id 
_struct_conn.ptnr1_auth_comp_id 
_struct_conn.ptnr1_auth_seq_id 
_struct_conn.ptnr2_auth_asym_id 
_struct_conn.ptnr2_auth_comp_id 
_struct_conn.ptnr2_auth_seq_id 
_struct_conn.ptnr2_symmetry 
_struct_conn.pdbx_ptnr3_label_atom_id 
_struct_conn.pdbx_ptnr3_label_seq_id 
_struct_conn.pdbx_ptnr3_label_comp_id 
_struct_conn.pdbx_ptnr3_label_asym_id 
_struct_conn.pdbx_ptnr3_label_alt_id 
_struct_conn.pdbx_ptnr3_PDB_ins_code 
_struct_conn.details 
_struct_conn.pdbx_dist_value 
_struct_conn.pdbx_value_order 
_struct_conn.pdbx_role 
hydrog1  hydrog ? ? A DG 3  N1 ? ? ? 1_555 D DC 7 N3 ? ? A DG 3  D DC 16 1_555 ? ? ? ? ? ? WATSON-CRICK ? ? ? 
hydrog2  hydrog ? ? A DG 3  N2 ? ? ? 1_555 D DC 7 O2 ? ? A DG 3  D DC 16 1_555 ? ? ? ? ? ? WATSON-CRICK ? ? ? 
hydrog3  hydrog ? ? A DG 3  O6 ? ? ? 1_555 D DC 7 N4 ? ? A DG 3  D DC 16 1_555 ? ? ? ? ? ? WATSON-CRICK ? ? ? 
hydrog4  hydrog ? ? A DC 4  N3 ? ? ? 1_555 D DG 6 N1 ? ? A DC 4  D DG 15 1_555 ? ? ? ? ? ? WATSON-CRICK ? ? ? 
hydrog5  hydrog ? ? A DC 4  N4 ? ? ? 1_555 D DG 6 O6 ? ? A DC 4  D DG 15 1_555 ? ? ? ? ? ? WATSON-CRICK ? ? ? 
hydrog6  hydrog ? ? A DC 4  O2 ? ? ? 1_555 D DG 6 N2 ? ? A DC 4  D DG 15 1_555 ? ? ? ? ? ? WATSON-CRICK ? ? ? 
hydrog7  hydrog ? ? A DA 5  N1 ? ? ? 1_555 D DT 5 N3 ? ? A DA 5  D DT 14 1_555 ? ? ? ? ? ? WATSON-CRICK ? ? ? 
hydrog8  hydrog ? ? A DA 5  N6 ? ? ? 1_555 D DT 5 O4 ? ? A DA 5  D DT 14 1_555 ? ? ? ? ? ? WATSON-CRICK ? ? ? 
hydrog9  hydrog ? ? A DG 6  N1 ? ? ? 1_555 D DC 4 N3 ? ? A DG 6  D DC 13 1_555 ? ? ? ? ? ? WATSON-CRICK ? ? ? 
hydrog10 hydrog ? ? A DG 6  N2 ? ? ? 1_555 D DC 4 O2 ? ? A DG 6  D DC 13 1_555 ? ? ? ? ? ? WATSON-CRICK ? ? ? 
hydrog11 hydrog ? ? A DG 6  O6 ? ? ? 1_555 D DC 4 N4 ? ? A DG 6  D DC 13 1_555 ? ? ? ? ? ? WATSON-CRICK ? ? ? 
hydrog12 hydrog ? ? A DA 7  N1 ? ? ? 1_555 D DT 3 N3 ? ? A DA 7  D DT 12 1_555 ? ? ? ? ? ? WATSON-CRICK ? ? ? 
hydrog13 hydrog ? ? A DA 7  N6 ? ? ? 1_555 D DT 3 O4 ? ? A DA 7  D DT 12 1_555 ? ? ? ? ? ? WATSON-CRICK ? ? ? 
hydrog14 hydrog ? ? A DC 8  N3 ? ? ? 1_555 D DG 2 N1 ? ? A DC 8  D DG 11 1_555 ? ? ? ? ? ? WATSON-CRICK ? ? ? 
hydrog15 hydrog ? ? A DC 8  N4 ? ? ? 1_555 D DG 2 O6 ? ? A DC 8  D DG 11 1_555 ? ? ? ? ? ? WATSON-CRICK ? ? ? 
hydrog16 hydrog ? ? A DC 8  O2 ? ? ? 1_555 D DG 2 N2 ? ? A DC 8  D DG 11 1_555 ? ? ? ? ? ? WATSON-CRICK ? ? ? 
hydrog17 hydrog ? ? A DC 9  N3 ? ? ? 1_555 D DG 1 N1 ? ? A DC 9  D DG 10 1_555 ? ? ? ? ? ? WATSON-CRICK ? ? ? 
hydrog18 hydrog ? ? A DC 9  N4 ? ? ? 1_555 D DG 1 O6 ? ? A DC 9  D DG 10 1_555 ? ? ? ? ? ? WATSON-CRICK ? ? ? 
hydrog19 hydrog ? ? A DC 9  O2 ? ? ? 1_555 D DG 1 N2 ? ? A DC 9  D DG 10 1_555 ? ? ? ? ? ? WATSON-CRICK ? ? ? 
hydrog20 hydrog ? ? A DA 10 N1 ? ? ? 1_555 B DT 5 N3 ? ? A DA 10 B DT 5  1_555 ? ? ? ? ? ? WATSON-CRICK ? ? ? 
hydrog21 hydrog ? ? A DA 10 N6 ? ? ? 1_555 B DT 5 O4 ? ? A DA 10 B DT 5  1_555 ? ? ? ? ? ? WATSON-CRICK ? ? ? 
hydrog22 hydrog ? ? A DG 11 N1 ? ? ? 1_555 B DC 4 N3 ? ? A DG 11 B DC 4  1_555 ? ? ? ? ? ? WATSON-CRICK ? ? ? 
hydrog23 hydrog ? ? A DG 11 N2 ? ? ? 1_555 B DC 4 O2 ? ? A DG 11 B DC 4  1_555 ? ? ? ? ? ? WATSON-CRICK ? ? ? 
hydrog24 hydrog ? ? A DG 11 O6 ? ? ? 1_555 B DC 4 N4 ? ? A DG 11 B DC 4  1_555 ? ? ? ? ? ? WATSON-CRICK ? ? ? 
hydrog25 hydrog ? ? A DA 12 N1 ? ? ? 1_555 B DT 3 N3 ? ? A DA 12 B DT 3  1_555 ? ? ? ? ? ? WATSON-CRICK ? ? ? 
hydrog26 hydrog ? ? A DA 12 N6 ? ? ? 1_555 B DT 3 O4 ? ? A DA 12 B DT 3  1_555 ? ? ? ? ? ? WATSON-CRICK ? ? ? 
hydrog27 hydrog ? ? A DC 13 N3 ? ? ? 1_555 B DG 2 N1 ? ? A DC 13 B DG 2  1_555 ? ? ? ? ? ? WATSON-CRICK ? ? ? 
hydrog28 hydrog ? ? A DC 13 N4 ? ? ? 1_555 B DG 2 O6 ? ? A DC 13 B DG 2  1_555 ? ? ? ? ? ? WATSON-CRICK ? ? ? 
hydrog29 hydrog ? ? A DC 13 O2 ? ? ? 1_555 B DG 2 N2 ? ? A DC 13 B DG 2  1_555 ? ? ? ? ? ? WATSON-CRICK ? ? ? 
hydrog30 hydrog ? ? A DT 14 N3 ? ? ? 1_555 B DA 1 N1 ? ? A DT 14 B DA 1  1_555 ? ? ? ? ? ? WATSON-CRICK ? ? ? 
hydrog31 hydrog ? ? A DT 14 O4 ? ? ? 1_555 B DA 1 N6 ? ? A DT 14 B DA 1  1_555 ? ? ? ? ? ? WATSON-CRICK ? ? ? 
hydrog32 hydrog ? ? A DC 15 N3 ? ? ? 1_555 C DG 9 N1 ? ? A DC 15 C DG 9  1_555 ? ? ? ? ? ? WATSON-CRICK ? ? ? 
hydrog33 hydrog ? ? A DC 15 N4 ? ? ? 1_555 C DG 9 O6 ? ? A DC 15 C DG 9  1_555 ? ? ? ? ? ? WATSON-CRICK ? ? ? 
hydrog34 hydrog ? ? A DC 15 O2 ? ? ? 1_555 C DG 9 N2 ? ? A DC 15 C DG 9  1_555 ? ? ? ? ? ? WATSON-CRICK ? ? ? 
hydrog35 hydrog ? ? A DC 16 N3 ? ? ? 1_555 C DG 8 N1 ? ? A DC 16 C DG 8  1_555 ? ? ? ? ? ? WATSON-CRICK ? ? ? 
hydrog36 hydrog ? ? A DC 16 N4 ? ? ? 1_555 C DG 8 O6 ? ? A DC 16 C DG 8  1_555 ? ? ? ? ? ? WATSON-CRICK ? ? ? 
hydrog37 hydrog ? ? A DC 16 O2 ? ? ? 1_555 C DG 8 N2 ? ? A DC 16 C DG 8  1_555 ? ? ? ? ? ? WATSON-CRICK ? ? ? 
hydrog38 hydrog ? ? A DA 17 N1 ? ? ? 1_555 C DT 7 N3 ? ? A DA 17 C DT 7  1_555 ? ? ? ? ? ? WATSON-CRICK ? ? ? 
hydrog39 hydrog ? ? A DA 17 N6 ? ? ? 1_555 C DT 7 O4 ? ? A DA 17 C DT 7  1_555 ? ? ? ? ? ? WATSON-CRICK ? ? ? 
hydrog40 hydrog ? ? A DC 18 N3 ? ? ? 1_555 C DG 6 N1 ? ? A DC 18 C DG 6  1_555 ? ? ? ? ? ? WATSON-CRICK ? ? ? 
hydrog41 hydrog ? ? A DC 18 N4 ? ? ? 1_555 C DG 6 O6 ? ? A DC 18 C DG 6  1_555 ? ? ? ? ? ? WATSON-CRICK ? ? ? 
hydrog42 hydrog ? ? A DC 18 O2 ? ? ? 1_555 C DG 6 N2 ? ? A DC 18 C DG 6  1_555 ? ? ? ? ? ? WATSON-CRICK ? ? ? 
hydrog43 hydrog ? ? A DT 19 N3 ? ? ? 1_555 C DA 5 N1 ? ? A DT 19 C DA 5  1_555 ? ? ? ? ? ? WATSON-CRICK ? ? ? 
hydrog44 hydrog ? ? A DT 19 O4 ? ? ? 1_555 C DA 5 N6 ? ? A DT 19 C DA 5  1_555 ? ? ? ? ? ? WATSON-CRICK ? ? ? 
hydrog45 hydrog ? ? A DC 20 N3 ? ? ? 1_555 C DG 4 N1 ? ? A DC 20 C DG 4  1_555 ? ? ? ? ? ? WATSON-CRICK ? ? ? 
hydrog46 hydrog ? ? A DC 20 N4 ? ? ? 1_555 C DG 4 O6 ? ? A DC 20 C DG 4  1_555 ? ? ? ? ? ? WATSON-CRICK ? ? ? 
hydrog47 hydrog ? ? A DC 20 O2 ? ? ? 1_555 C DG 4 N2 ? ? A DC 20 C DG 4  1_555 ? ? ? ? ? ? WATSON-CRICK ? ? ? 
hydrog48 hydrog ? ? A DA 21 N1 ? ? ? 1_555 C DT 3 N3 ? ? A DA 21 C DT 3  1_555 ? ? ? ? ? ? WATSON-CRICK ? ? ? 
hydrog49 hydrog ? ? A DA 21 N6 ? ? ? 1_555 C DT 3 O4 ? ? A DA 21 C DT 3  1_555 ? ? ? ? ? ? WATSON-CRICK ? ? ? 
# 
_struct_conn_type.id          hydrog 
_struct_conn_type.criteria    ? 
_struct_conn_type.reference   ? 
# 
loop_
_struct_site.id 
_struct_site.pdbx_evidence_code 
_struct_site.pdbx_auth_asym_id 
_struct_site.pdbx_auth_comp_id 
_struct_site.pdbx_auth_seq_id 
_struct_site.pdbx_auth_ins_code 
_struct_site.pdbx_num_residues 
_struct_site.details 
AC1 Software C CAC 102 ? 2 'binding site for residue CAC C 102' 
AC2 Software D CAC 101 ? 1 'binding site for residue CAC D 101' 
# 
loop_
_struct_site_gen.id 
_struct_site_gen.site_id 
_struct_site_gen.pdbx_num_res 
_struct_site_gen.label_comp_id 
_struct_site_gen.label_asym_id 
_struct_site_gen.label_seq_id 
_struct_site_gen.pdbx_auth_ins_code 
_struct_site_gen.auth_comp_id 
_struct_site_gen.auth_asym_id 
_struct_site_gen.auth_seq_id 
_struct_site_gen.label_atom_id 
_struct_site_gen.label_alt_id 
_struct_site_gen.symmetry 
_struct_site_gen.details 
1 AC1 2 DG  D 1 ? DG  D 10  . ? 3_335 ? 
2 AC1 2 CAC G . ? CAC D 101 . ? 3_335 ? 
3 AC2 1 CAC F . ? CAC C 102 . ? 2_354 ? 
# 
_atom_sites.entry_id                    6WSZ 
_atom_sites.Cartn_transf_matrix[1][1]   ? 
_atom_sites.Cartn_transf_matrix[1][2]   ? 
_atom_sites.Cartn_transf_matrix[1][3]   ? 
_atom_sites.Cartn_transf_matrix[2][1]   ? 
_atom_sites.Cartn_transf_matrix[2][2]   ? 
_atom_sites.Cartn_transf_matrix[2][3]   ? 
_atom_sites.Cartn_transf_matrix[3][1]   ? 
_atom_sites.Cartn_transf_matrix[3][2]   ? 
_atom_sites.Cartn_transf_matrix[3][3]   ? 
_atom_sites.Cartn_transf_vector[1]      ? 
_atom_sites.Cartn_transf_vector[2]      ? 
_atom_sites.Cartn_transf_vector[3]      ? 
_atom_sites.fract_transf_matrix[1][1]   0.00135819 
_atom_sites.fract_transf_matrix[1][2]   0.00764011 
_atom_sites.fract_transf_matrix[1][3]   0.01497601 
_atom_sites.fract_transf_matrix[2][1]   0.01178722 
_atom_sites.fract_transf_matrix[2][2]   -0.00499909 
_atom_sites.fract_transf_matrix[2][3]   0.01098027 
_atom_sites.fract_transf_matrix[3][1]   0.01070101 
_atom_sites.fract_transf_matrix[3][2]   0.01089348 
_atom_sites.fract_transf_matrix[3][3]   -0.00652786 
_atom_sites.fract_transf_vector[1]      -1.261077 
_atom_sites.fract_transf_vector[2]      -0.633042 
_atom_sites.fract_transf_vector[3]      2.326440 
_atom_sites.solution_primary            ? 
_atom_sites.solution_secondary          ? 
_atom_sites.solution_hydrogens          ? 
_atom_sites.special_details             ? 
# 
loop_
_atom_type.symbol 
AS 
C  
N  
O  
P  
# 
loop_
_atom_site.group_PDB 
_atom_site.id 
_atom_site.type_symbol 
_atom_site.label_atom_id 
_atom_site.label_alt_id 
_atom_site.label_comp_id 
_atom_site.label_asym_id 
_atom_site.label_entity_id 
_atom_site.label_seq_id 
_atom_site.pdbx_PDB_ins_code 
_atom_site.Cartn_x 
_atom_site.Cartn_y 
_atom_site.Cartn_z 
_atom_site.occupancy 
_atom_site.B_iso_or_equiv 
_atom_site.pdbx_formal_charge 
_atom_site.auth_seq_id 
_atom_site.auth_comp_id 
_atom_site.auth_asym_id 
_atom_site.auth_atom_id 
_atom_site.pdbx_PDB_model_num 
ATOM   1   O  "O5'" . DG  A 1 1  ? 28.010  -22.306 -0.745  1.00 107.46 ? 1   DG  A "O5'" 1 
ATOM   2   C  "C5'" . DG  A 1 1  ? 27.611  -23.671 -0.770  1.00 102.03 ? 1   DG  A "C5'" 1 
ATOM   3   C  "C4'" . DG  A 1 1  ? 27.056  -24.098 0.576   1.00 100.28 ? 1   DG  A "C4'" 1 
ATOM   4   O  "O4'" . DG  A 1 1  ? 28.009  -23.788 1.608   1.00 100.06 ? 1   DG  A "O4'" 1 
ATOM   5   C  "C3'" . DG  A 1 1  ? 25.793  -23.378 1.007   1.00 107.46 ? 1   DG  A "C3'" 1 
ATOM   6   O  "O3'" . DG  A 1 1  ? 24.653  -24.026 0.458   1.00 115.05 ? 1   DG  A "O3'" 1 
ATOM   7   C  "C2'" . DG  A 1 1  ? 25.832  -23.519 2.529   1.00 99.84  ? 1   DG  A "C2'" 1 
ATOM   8   C  "C1'" . DG  A 1 1  ? 27.326  -23.614 2.836   1.00 96.79  ? 1   DG  A "C1'" 1 
ATOM   9   N  N9    . DG  A 1 1  ? 27.868  -22.441 3.510   1.00 88.23  ? 1   DG  A N9    1 
ATOM   10  C  C8    . DG  A 1 1  ? 28.634  -21.449 2.951   1.00 87.49  ? 1   DG  A C8    1 
ATOM   11  N  N7    . DG  A 1 1  ? 28.993  -20.529 3.801   1.00 90.79  ? 1   DG  A N7    1 
ATOM   12  C  C5    . DG  A 1 1  ? 28.433  -20.939 5.002   1.00 86.37  ? 1   DG  A C5    1 
ATOM   13  C  C6    . DG  A 1 1  ? 28.483  -20.338 6.283   1.00 86.26  ? 1   DG  A C6    1 
ATOM   14  O  O6    . DG  A 1 1  ? 29.053  -19.292 6.615   1.00 91.81  ? 1   DG  A O6    1 
ATOM   15  N  N1    . DG  A 1 1  ? 27.783  -21.078 7.228   1.00 89.60  ? 1   DG  A N1    1 
ATOM   16  C  C2    . DG  A 1 1  ? 27.114  -22.252 6.971   1.00 96.91  ? 1   DG  A C2    1 
ATOM   17  N  N2    . DG  A 1 1  ? 26.494  -22.822 8.015   1.00 94.50  ? 1   DG  A N2    1 
ATOM   18  N  N3    . DG  A 1 1  ? 27.057  -22.828 5.773   1.00 93.18  ? 1   DG  A N3    1 
ATOM   19  C  C4    . DG  A 1 1  ? 27.735  -22.115 4.841   1.00 89.30  ? 1   DG  A C4    1 
ATOM   20  P  P     . DA  A 1 2  ? 23.222  -23.293 0.475   1.00 126.60 ? 2   DA  A P     1 
ATOM   21  O  OP1   . DA  A 1 2  ? 22.325  -24.057 -0.422  1.00 111.21 ? 2   DA  A OP1   1 
ATOM   22  O  OP2   . DA  A 1 2  ? 23.463  -21.851 0.236   1.00 123.03 ? 2   DA  A OP2   1 
ATOM   23  O  "O5'" . DA  A 1 2  ? 22.717  -23.457 1.986   1.00 98.88  ? 2   DA  A "O5'" 1 
ATOM   24  C  "C5'" . DA  A 1 2  ? 22.542  -24.755 2.539   1.00 101.62 ? 2   DA  A "C5'" 1 
ATOM   25  C  "C4'" . DA  A 1 2  ? 22.321  -24.679 4.039   1.00 108.41 ? 2   DA  A "C4'" 1 
ATOM   26  O  "O4'" . DA  A 1 2  ? 23.354  -23.852 4.642   1.00 111.36 ? 2   DA  A "O4'" 1 
ATOM   27  C  "C3'" . DA  A 1 2  ? 20.990  -24.063 4.458   1.00 106.36 ? 2   DA  A "C3'" 1 
ATOM   28  O  "O3'" . DA  A 1 2  ? 20.491  -24.720 5.607   1.00 106.95 ? 2   DA  A "O3'" 1 
ATOM   29  C  "C2'" . DA  A 1 2  ? 21.361  -22.615 4.759   1.00 107.67 ? 2   DA  A "C2'" 1 
ATOM   30  C  "C1'" . DA  A 1 2  ? 22.766  -22.762 5.324   1.00 106.38 ? 2   DA  A "C1'" 1 
ATOM   31  N  N9    . DA  A 1 2  ? 23.596  -21.578 5.108   1.00 101.35 ? 2   DA  A N9    1 
ATOM   32  C  C8    . DA  A 1 2  ? 24.095  -21.133 3.916   1.00 97.42  ? 2   DA  A C8    1 
ATOM   33  N  N7    . DA  A 1 2  ? 24.808  -20.038 4.015   1.00 96.41  ? 2   DA  A N7    1 
ATOM   34  C  C5    . DA  A 1 2  ? 24.767  -19.735 5.366   1.00 93.86  ? 2   DA  A C5    1 
ATOM   35  C  C6    . DA  A 1 2  ? 25.331  -18.685 6.121   1.00 95.48  ? 2   DA  A C6    1 
ATOM   36  N  N6    . DA  A 1 2  ? 26.072  -17.711 5.581   1.00 95.73  ? 2   DA  A N6    1 
ATOM   37  N  N1    . DA  A 1 2  ? 25.101  -18.674 7.453   1.00 92.02  ? 2   DA  A N1    1 
ATOM   38  C  C2    . DA  A 1 2  ? 24.361  -19.652 7.986   1.00 94.45  ? 2   DA  A C2    1 
ATOM   39  N  N3    . DA  A 1 2  ? 23.778  -20.689 7.379   1.00 101.61 ? 2   DA  A N3    1 
ATOM   40  C  C4    . DA  A 1 2  ? 24.025  -20.672 6.057   1.00 97.33  ? 2   DA  A C4    1 
ATOM   41  P  P     . DG  A 1 3  ? 19.050  -24.317 6.191   1.00 116.91 ? 3   DG  A P     1 
ATOM   42  O  OP1   . DG  A 1 3  ? 18.524  -25.461 6.970   1.00 112.65 ? 3   DG  A OP1   1 
ATOM   43  O  OP2   . DG  A 1 3  ? 18.268  -23.753 5.068   1.00 119.69 ? 3   DG  A OP2   1 
ATOM   44  O  "O5'" . DG  A 1 3  ? 19.372  -23.135 7.210   1.00 97.37  ? 3   DG  A "O5'" 1 
ATOM   45  C  "C5'" . DG  A 1 3  ? 20.140  -23.397 8.363   1.00 95.13  ? 3   DG  A "C5'" 1 
ATOM   46  C  "C4'" . DG  A 1 3  ? 19.931  -22.312 9.400   1.00 100.65 ? 3   DG  A "C4'" 1 
ATOM   47  O  "O4'" . DG  A 1 3  ? 20.844  -21.211 9.147   1.00 108.28 ? 3   DG  A "O4'" 1 
ATOM   48  C  "C3'" . DG  A 1 3  ? 18.535  -21.702 9.424   1.00 97.99  ? 3   DG  A "C3'" 1 
ATOM   49  O  "O3'" . DG  A 1 3  ? 18.203  -21.354 10.752  1.00 102.87 ? 3   DG  A "O3'" 1 
ATOM   50  C  "C2'" . DG  A 1 3  ? 18.693  -20.463 8.546   1.00 107.93 ? 3   DG  A "C2'" 1 
ATOM   51  C  "C1'" . DG  A 1 3  ? 20.116  -20.027 8.879   1.00 105.39 ? 3   DG  A "C1'" 1 
ATOM   52  N  N9    . DG  A 1 3  ? 20.784  -19.314 7.790   1.00 96.19  ? 3   DG  A N9    1 
ATOM   53  C  C8    . DG  A 1 3  ? 20.860  -19.697 6.473   1.00 99.66  ? 3   DG  A C8    1 
ATOM   54  N  N7    . DG  A 1 3  ? 21.532  -18.864 5.725   1.00 93.27  ? 3   DG  A N7    1 
ATOM   55  C  C5    . DG  A 1 3  ? 21.928  -17.866 6.602   1.00 95.41  ? 3   DG  A C5    1 
ATOM   56  C  C6    . DG  A 1 3  ? 22.685  -16.696 6.369   1.00 96.82  ? 3   DG  A C6    1 
ATOM   57  O  O6    . DG  A 1 3  ? 23.172  -16.297 5.303   1.00 96.12  ? 3   DG  A O6    1 
ATOM   58  N  N1    . DG  A 1 3  ? 22.861  -15.956 7.535   1.00 97.67  ? 3   DG  A N1    1 
ATOM   59  C  C2    . DG  A 1 3  ? 22.370  -16.305 8.773   1.00 97.61  ? 3   DG  A C2    1 
ATOM   60  N  N2    . DG  A 1 3  ? 22.636  -15.462 9.783   1.00 95.42  ? 3   DG  A N2    1 
ATOM   61  N  N3    . DG  A 1 3  ? 21.657  -17.399 9.004   1.00 89.42  ? 3   DG  A N3    1 
ATOM   62  C  C4    . DG  A 1 3  ? 21.478  -18.130 7.880   1.00 89.82  ? 3   DG  A C4    1 
ATOM   63  P  P     . DC  A 1 4  ? 16.673  -21.115 11.175  1.00 112.11 ? 4   DC  A P     1 
ATOM   64  O  OP1   . DC  A 1 4  ? 16.299  -22.178 12.136  1.00 111.46 ? 4   DC  A OP1   1 
ATOM   65  O  OP2   . DC  A 1 4  ? 15.878  -20.920 9.942   1.00 118.70 ? 4   DC  A OP2   1 
ATOM   66  O  "O5'" . DC  A 1 4  ? 16.724  -19.724 11.952  1.00 102.14 ? 4   DC  A "O5'" 1 
ATOM   67  C  "C5'" . DC  A 1 4  ? 17.722  -19.506 12.935  1.00 102.01 ? 4   DC  A "C5'" 1 
ATOM   68  C  "C4'" . DC  A 1 4  ? 17.811  -18.036 13.280  1.00 98.29  ? 4   DC  A "C4'" 1 
ATOM   69  O  "O4'" . DC  A 1 4  ? 18.688  -17.362 12.339  1.00 102.41 ? 4   DC  A "O4'" 1 
ATOM   70  C  "C3'" . DC  A 1 4  ? 16.478  -17.295 13.234  1.00 98.56  ? 4   DC  A "C3'" 1 
ATOM   71  O  "O3'" . DC  A 1 4  ? 16.335  -16.509 14.397  1.00 104.86 ? 4   DC  A "O3'" 1 
ATOM   72  C  "C2'" . DC  A 1 4  ? 16.581  -16.436 11.968  1.00 101.32 ? 4   DC  A "C2'" 1 
ATOM   73  C  "C1'" . DC  A 1 4  ? 18.075  -16.178 11.884  1.00 100.05 ? 4   DC  A "C1'" 1 
ATOM   74  N  N1    . DC  A 1 4  ? 18.559  -15.899 10.491  1.00 95.36  ? 4   DC  A N1    1 
ATOM   75  C  C2    . DC  A 1 4  ? 19.287  -14.730 10.218  1.00 99.03  ? 4   DC  A C2    1 
ATOM   76  O  O2    . DC  A 1 4  ? 19.526  -13.934 11.139  1.00 104.93 ? 4   DC  A O2    1 
ATOM   77  N  N3    . DC  A 1 4  ? 19.714  -14.502 8.948   1.00 92.62  ? 4   DC  A N3    1 
ATOM   78  C  C4    . DC  A 1 4  ? 19.437  -15.381 7.983   1.00 91.13  ? 4   DC  A C4    1 
ATOM   79  N  N4    . DC  A 1 4  ? 19.877  -15.116 6.749   1.00 84.74  ? 4   DC  A N4    1 
ATOM   80  C  C5    . DC  A 1 4  ? 18.697  -16.571 8.242   1.00 96.72  ? 4   DC  A C5    1 
ATOM   81  C  C6    . DC  A 1 4  ? 18.284  -16.788 9.496   1.00 100.47 ? 4   DC  A C6    1 
ATOM   82  P  P     . DA  A 1 5  ? 15.100  -15.494 14.540  1.00 126.88 ? 5   DA  A P     1 
ATOM   83  O  OP1   . DA  A 1 5  ? 14.865  -15.291 15.989  1.00 121.91 ? 5   DA  A OP1   1 
ATOM   84  O  OP2   . DA  A 1 5  ? 14.004  -15.973 13.665  1.00 112.56 ? 5   DA  A OP2   1 
ATOM   85  O  "O5'" . DA  A 1 5  ? 15.667  -14.135 13.934  1.00 96.37  ? 5   DA  A "O5'" 1 
ATOM   86  C  "C5'" . DA  A 1 5  ? 16.916  -13.656 14.369  1.00 94.04  ? 5   DA  A "C5'" 1 
ATOM   87  C  "C4'" . DA  A 1 5  ? 16.928  -12.147 14.414  1.00 99.46  ? 5   DA  A "C4'" 1 
ATOM   88  O  "O4'" . DA  A 1 5  ? 17.434  -11.633 13.166  1.00 101.60 ? 5   DA  A "O4'" 1 
ATOM   89  C  "C3'" . DA  A 1 5  ? 15.569  -11.497 14.610  1.00 99.12  ? 5   DA  A "C3'" 1 
ATOM   90  O  "O3'" . DA  A 1 5  ? 15.723  -10.285 15.335  1.00 103.19 ? 5   DA  A "O3'" 1 
ATOM   91  C  "C2'" . DA  A 1 5  ? 15.080  -11.254 13.179  1.00 101.11 ? 5   DA  A "C2'" 1 
ATOM   92  C  "C1'" . DA  A 1 5  ? 16.376  -11.136 12.372  1.00 99.07  ? 5   DA  A "C1'" 1 
ATOM   93  N  N9    . DA  A 1 5  ? 16.351  -11.885 11.118  1.00 93.25  ? 5   DA  A N9    1 
ATOM   94  C  C8    . DA  A 1 5  ? 15.761  -13.096 10.886  1.00 93.09  ? 5   DA  A C8    1 
ATOM   95  N  N7    . DA  A 1 5  ? 15.908  -13.529 9.654   1.00 86.72  ? 5   DA  A N7    1 
ATOM   96  C  C5    . DA  A 1 5  ? 16.647  -12.530 9.039   1.00 87.38  ? 5   DA  A C5    1 
ATOM   97  C  C6    . DA  A 1 5  ? 17.140  -12.379 7.726   1.00 87.96  ? 5   DA  A C6    1 
ATOM   98  N  N6    . DA  A 1 5  ? 16.950  -13.279 6.753   1.00 90.45  ? 5   DA  A N6    1 
ATOM   99  N  N1    . DA  A 1 5  ? 17.840  -11.261 7.448   1.00 94.13  ? 5   DA  A N1    1 
ATOM   100 C  C2    . DA  A 1 5  ? 18.031  -10.362 8.419   1.00 97.68  ? 5   DA  A C2    1 
ATOM   101 N  N3    . DA  A 1 5  ? 17.620  -10.393 9.682   1.00 100.23 ? 5   DA  A N3    1 
ATOM   102 C  C4    . DA  A 1 5  ? 16.928  -11.513 9.930   1.00 93.30  ? 5   DA  A C4    1 
ATOM   103 P  P     . DG  A 1 6  ? 14.487  -9.277  15.524  1.00 121.28 ? 6   DG  A P     1 
ATOM   104 O  OP1   . DG  A 1 6  ? 14.675  -8.609  16.832  1.00 123.27 ? 6   DG  A OP1   1 
ATOM   105 O  OP2   . DG  A 1 6  ? 13.219  -9.990  15.241  1.00 107.27 ? 6   DG  A OP2   1 
ATOM   106 O  "O5'" . DG  A 1 6  ? 14.725  -8.190  14.383  1.00 104.45 ? 6   DG  A "O5'" 1 
ATOM   107 C  "C5'" . DG  A 1 6  ? 15.937  -7.459  14.367  1.00 101.53 ? 6   DG  A "C5'" 1 
ATOM   108 C  "C4'" . DG  A 1 6  ? 16.057  -6.651  13.093  1.00 105.08 ? 6   DG  A "C4'" 1 
ATOM   109 O  "O4'" . DG  A 1 6  ? 16.164  -7.546  11.960  1.00 101.05 ? 6   DG  A "O4'" 1 
ATOM   110 C  "C3'" . DG  A 1 6  ? 14.877  -5.720  12.804  1.00 97.08  ? 6   DG  A "C3'" 1 
ATOM   111 O  "O3'" . DG  A 1 6  ? 15.365  -4.403  12.573  1.00 93.57  ? 6   DG  A "O3'" 1 
ATOM   112 C  "C2'" . DG  A 1 6  ? 14.220  -6.331  11.558  1.00 97.32  ? 6   DG  A "C2'" 1 
ATOM   113 C  "C1'" . DG  A 1 6  ? 15.383  -7.056  10.903  1.00 99.36  ? 6   DG  A "C1'" 1 
ATOM   114 N  N9    . DG  A 1 6  ? 14.978  -8.189  10.079  1.00 93.54  ? 6   DG  A N9    1 
ATOM   115 C  C8    . DG  A 1 6  ? 14.224  -9.267  10.471  1.00 88.99  ? 6   DG  A C8    1 
ATOM   116 N  N7    . DG  A 1 6  ? 14.029  -10.138 9.521   1.00 83.34  ? 6   DG  A N7    1 
ATOM   117 C  C5    . DG  A 1 6  ? 14.699  -9.605  8.428   1.00 86.03  ? 6   DG  A C5    1 
ATOM   118 C  C6    . DG  A 1 6  ? 14.839  -10.106 7.112   1.00 87.77  ? 6   DG  A C6    1 
ATOM   119 O  O6    . DG  A 1 6  ? 14.382  -11.155 6.635   1.00 83.55  ? 6   DG  A O6    1 
ATOM   120 N  N1    . DG  A 1 6  ? 15.598  -9.254  6.316   1.00 87.84  ? 6   DG  A N1    1 
ATOM   121 C  C2    . DG  A 1 6  ? 16.156  -8.070  6.739   1.00 93.18  ? 6   DG  A C2    1 
ATOM   122 N  N2    . DG  A 1 6  ? 16.855  -7.378  5.828   1.00 96.16  ? 6   DG  A N2    1 
ATOM   123 N  N3    . DG  A 1 6  ? 16.029  -7.588  7.969   1.00 91.66  ? 6   DG  A N3    1 
ATOM   124 C  C4    . DG  A 1 6  ? 15.292  -8.408  8.758   1.00 90.11  ? 6   DG  A C4    1 
ATOM   125 P  P     . DA  A 1 7  ? 14.435  -3.271  11.912  1.00 118.71 ? 7   DA  A P     1 
ATOM   126 O  OP1   . DA  A 1 7  ? 14.988  -1.965  12.337  1.00 117.07 ? 7   DA  A OP1   1 
ATOM   127 O  OP2   . DA  A 1 7  ? 13.012  -3.582  12.185  1.00 108.44 ? 7   DA  A OP2   1 
ATOM   128 O  "O5'" . DA  A 1 7  ? 14.709  -3.436  10.345  1.00 109.44 ? 7   DA  A "O5'" 1 
ATOM   129 C  "C5'" . DA  A 1 7  ? 16.045  -3.626  9.887   1.00 108.45 ? 7   DA  A "C5'" 1 
ATOM   130 C  "C4'" . DA  A 1 7  ? 16.174  -3.305  8.411   1.00 108.98 ? 7   DA  A "C4'" 1 
ATOM   131 O  "O4'" . DA  A 1 7  ? 15.920  -4.495  7.621   1.00 104.51 ? 7   DA  A "O4'" 1 
ATOM   132 C  "C3'" . DA  A 1 7  ? 15.223  -2.238  7.894   1.00 100.88 ? 7   DA  A "C3'" 1 
ATOM   133 O  "O3'" . DA  A 1 7  ? 15.882  -1.448  6.925   1.00 109.73 ? 7   DA  A "O3'" 1 
ATOM   134 C  "C2'" . DA  A 1 7  ? 14.078  -3.051  7.288   1.00 102.35 ? 7   DA  A "C2'" 1 
ATOM   135 C  "C1'" . DA  A 1 7  ? 14.789  -4.309  6.797   1.00 99.64  ? 7   DA  A "C1'" 1 
ATOM   136 N  N9    . DA  A 1 7  ? 13.968  -5.515  6.886   1.00 94.00  ? 7   DA  A N9    1 
ATOM   137 C  C8    . DA  A 1 7  ? 13.312  -5.983  7.989   1.00 89.45  ? 7   DA  A C8    1 
ATOM   138 N  N7    . DA  A 1 7  ? 12.654  -7.099  7.780   1.00 91.55  ? 7   DA  A N7    1 
ATOM   139 C  C5    . DA  A 1 7  ? 12.898  -7.384  6.448   1.00 80.46  ? 7   DA  A C5    1 
ATOM   140 C  C6    . DA  A 1 7  ? 12.481  -8.437  5.611   1.00 83.17  ? 7   DA  A C6    1 
ATOM   141 N  N6    . DA  A 1 7  ? 11.698  -9.439  6.020   1.00 78.70  ? 7   DA  A N6    1 
ATOM   142 N  N1    . DA  A 1 7  ? 12.903  -8.421  4.331   1.00 93.60  ? 7   DA  A N1    1 
ATOM   143 C  C2    . DA  A 1 7  ? 13.689  -7.417  3.923   1.00 92.74  ? 7   DA  A C2    1 
ATOM   144 N  N3    . DA  A 1 7  ? 14.142  -6.375  4.614   1.00 91.35  ? 7   DA  A N3    1 
ATOM   145 C  C4    . DA  A 1 7  ? 13.705  -6.418  5.881   1.00 87.42  ? 7   DA  A C4    1 
ATOM   146 P  P     . DC  A 1 8  ? 15.098  -0.273  6.163   1.00 129.55 ? 8   DC  A P     1 
ATOM   147 O  OP1   . DC  A 1 8  ? 16.107  0.725   5.740   1.00 120.83 ? 8   DC  A OP1   1 
ATOM   148 O  OP2   . DC  A 1 8  ? 13.953  0.143   7.008   1.00 118.19 ? 8   DC  A OP2   1 
ATOM   149 O  "O5'" . DC  A 1 8  ? 14.533  -0.995  4.855   1.00 113.17 ? 8   DC  A "O5'" 1 
ATOM   150 C  "C5'" . DC  A 1 8  ? 15.397  -1.799  4.069   1.00 99.72  ? 8   DC  A "C5'" 1 
ATOM   151 C  "C4'" . DC  A 1 8  ? 14.661  -2.353  2.871   1.00 100.72 ? 8   DC  A "C4'" 1 
ATOM   152 O  "O4'" . DC  A 1 8  ? 13.979  -3.583  3.236   1.00 109.53 ? 8   DC  A "O4'" 1 
ATOM   153 C  "C3'" . DC  A 1 8  ? 13.588  -1.424  2.298   1.00 107.26 ? 8   DC  A "C3'" 1 
ATOM   154 O  "O3'" . DC  A 1 8  ? 13.752  -1.332  0.896   1.00 110.47 ? 8   DC  A "O3'" 1 
ATOM   155 C  "C2'" . DC  A 1 8  ? 12.273  -2.111  2.683   1.00 109.24 ? 8   DC  A "C2'" 1 
ATOM   156 C  "C1'" . DC  A 1 8  ? 12.685  -3.568  2.686   1.00 103.79 ? 8   DC  A "C1'" 1 
ATOM   157 N  N1    . DC  A 1 8  ? 11.798  -4.445  3.510   1.00 92.64  ? 8   DC  A N1    1 
ATOM   158 C  C2    . DC  A 1 8  ? 11.201  -5.561  2.921   1.00 93.79  ? 8   DC  A C2    1 
ATOM   159 O  O2    . DC  A 1 8  ? 11.423  -5.792  1.730   1.00 99.06  ? 8   DC  A O2    1 
ATOM   160 N  N3    . DC  A 1 8  ? 10.399  -6.350  3.673   1.00 88.04  ? 8   DC  A N3    1 
ATOM   161 C  C4    . DC  A 1 8  ? 10.190  -6.059  4.956   1.00 86.05  ? 8   DC  A C4    1 
ATOM   162 N  N4    . DC  A 1 8  ? 9.393   -6.868  5.660   1.00 88.32  ? 8   DC  A N4    1 
ATOM   163 C  C5    . DC  A 1 8  ? 10.790  -4.924  5.576   1.00 87.78  ? 8   DC  A C5    1 
ATOM   164 C  C6    . DC  A 1 8  ? 11.577  -4.151  4.821   1.00 91.95  ? 8   DC  A C6    1 
ATOM   165 P  P     . DC  A 1 9  ? 12.570  -0.768  -0.034  1.00 125.00 ? 9   DC  A P     1 
ATOM   166 O  OP1   . DC  A 1 9  ? 13.227  -0.223  -1.245  1.00 113.17 ? 9   DC  A OP1   1 
ATOM   167 O  OP2   . DC  A 1 9  ? 11.679  0.105   0.771   1.00 107.48 ? 9   DC  A OP2   1 
ATOM   168 O  "O5'" . DC  A 1 9  ? 11.780  -2.089  -0.457  1.00 95.85  ? 9   DC  A "O5'" 1 
ATOM   169 C  "C5'" . DC  A 1 9  ? 12.497  -3.180  -0.999  1.00 87.20  ? 9   DC  A "C5'" 1 
ATOM   170 C  "C4'" . DC  A 1 9  ? 11.612  -4.031  -1.888  1.00 92.69  ? 9   DC  A "C4'" 1 
ATOM   171 O  "O4'" . DC  A 1 9  ? 10.821  -4.938  -1.074  1.00 89.85  ? 9   DC  A "O4'" 1 
ATOM   172 C  "C3'" . DC  A 1 9  ? 10.610  -3.264  -2.741  1.00 91.28  ? 9   DC  A "C3'" 1 
ATOM   173 O  "O3'" . DC  A 1 9  ? 10.432  -3.959  -3.971  1.00 90.09  ? 9   DC  A "O3'" 1 
ATOM   174 C  "C2'" . DC  A 1 9  ? 9.350   -3.300  -1.877  1.00 93.87  ? 9   DC  A "C2'" 1 
ATOM   175 C  "C1'" . DC  A 1 9  ? 9.444   -4.703  -1.296  1.00 97.56  ? 9   DC  A "C1'" 1 
ATOM   176 N  N1    . DC  A 1 9  ? 8.729   -4.888  0.000   1.00 93.04  ? 9   DC  A N1    1 
ATOM   177 C  C2    . DC  A 1 9  ? 7.828   -5.950  0.145   1.00 87.81  ? 9   DC  A C2    1 
ATOM   178 O  O2    . DC  A 1 9  ? 7.628   -6.702  -0.816  1.00 92.84  ? 9   DC  A O2    1 
ATOM   179 N  N3    . DC  A 1 9  ? 7.203   -6.121  1.334   1.00 77.85  ? 9   DC  A N3    1 
ATOM   180 C  C4    . DC  A 1 9  ? 7.453   -5.288  2.344   1.00 84.70  ? 9   DC  A C4    1 
ATOM   181 N  N4    . DC  A 1 9  ? 6.813   -5.495  3.497   1.00 85.34  ? 9   DC  A N4    1 
ATOM   182 C  C5    . DC  A 1 9  ? 8.368   -4.202  2.215   1.00 88.68  ? 9   DC  A C5    1 
ATOM   183 C  C6    . DC  A 1 9  ? 8.981   -4.044  1.038   1.00 91.36  ? 9   DC  A C6    1 
ATOM   184 P  P     . DA  A 1 10 ? 9.187   -3.632  -4.932  1.00 95.82  ? 10  DA  A P     1 
ATOM   185 O  OP1   . DA  A 1 10 ? 9.503   -4.181  -6.271  1.00 94.44  ? 10  DA  A OP1   1 
ATOM   186 O  OP2   . DA  A 1 10 ? 8.869   -2.194  -4.783  1.00 102.18 ? 10  DA  A OP2   1 
ATOM   187 O  "O5'" . DA  A 1 10 ? 7.990   -4.497  -4.319  1.00 90.92  ? 10  DA  A "O5'" 1 
ATOM   188 C  "C5'" . DA  A 1 10 ? 8.045   -5.918  -4.362  1.00 92.41  ? 10  DA  A "C5'" 1 
ATOM   189 C  "C4'" . DA  A 1 10 ? 6.988   -6.475  -5.296  1.00 92.30  ? 10  DA  A "C4'" 1 
ATOM   190 O  "O4'" . DA  A 1 10 ? 5.906   -7.027  -4.524  1.00 85.97  ? 10  DA  A "O4'" 1 
ATOM   191 C  "C3'" . DA  A 1 10 ? 6.340   -5.455  -6.218  1.00 103.59 ? 10  DA  A "C3'" 1 
ATOM   192 O  "O3'" . DA  A 1 10 ? 5.941   -6.073  -7.432  1.00 115.22 ? 10  DA  A "O3'" 1 
ATOM   193 C  "C2'" . DA  A 1 10 ? 5.135   -4.957  -5.416  1.00 100.36 ? 10  DA  A "C2'" 1 
ATOM   194 C  "C1'" . DA  A 1 10 ? 4.866   -6.081  -4.411  1.00 92.59  ? 10  DA  A "C1'" 1 
ATOM   195 N  N9    . DA  A 1 10 ? 4.810   -5.610  -3.030  1.00 88.13  ? 10  DA  A N9    1 
ATOM   196 C  C8    . DA  A 1 10 ? 5.521   -4.583  -2.475  1.00 91.41  ? 10  DA  A C8    1 
ATOM   197 N  N7    . DA  A 1 10 ? 5.256   -4.378  -1.206  1.00 83.16  ? 10  DA  A N7    1 
ATOM   198 C  C5    . DA  A 1 10 ? 4.304   -5.333  -0.913  1.00 77.61  ? 10  DA  A C5    1 
ATOM   199 C  C6    . DA  A 1 10 ? 3.612   -5.647  0.267   1.00 83.47  ? 10  DA  A C6    1 
ATOM   200 N  N6    . DA  A 1 10 ? 3.789   -4.990  1.419   1.00 83.87  ? 10  DA  A N6    1 
ATOM   201 N  N1    . DA  A 1 10 ? 2.728   -6.665  0.218   1.00 85.31  ? 10  DA  A N1    1 
ATOM   202 C  C2    . DA  A 1 10 ? 2.556   -7.318  -0.940  1.00 91.06  ? 10  DA  A C2    1 
ATOM   203 N  N3    . DA  A 1 10 ? 3.149   -7.114  -2.112  1.00 88.35  ? 10  DA  A N3    1 
ATOM   204 C  C4    . DA  A 1 10 ? 4.019   -6.100  -2.030  1.00 82.76  ? 10  DA  A C4    1 
ATOM   205 P  P     . DG  A 1 11 ? 5.061   -5.258  -8.502  1.00 127.88 ? 11  DG  A P     1 
ATOM   206 O  OP1   . DG  A 1 11 ? 5.395   -5.803  -9.837  1.00 113.00 ? 11  DG  A OP1   1 
ATOM   207 O  OP2   . DG  A 1 11 ? 5.210   -3.804  -8.248  1.00 105.74 ? 11  DG  A OP2   1 
ATOM   208 O  "O5'" . DG  A 1 11 ? 3.564   -5.687  -8.151  1.00 103.43 ? 11  DG  A "O5'" 1 
ATOM   209 C  "C5'" . DG  A 1 11 ? 3.208   -7.056  -8.204  1.00 103.70 ? 11  DG  A "C5'" 1 
ATOM   210 C  "C4'" . DG  A 1 11 ? 1.787   -7.267  -7.721  1.00 104.78 ? 11  DG  A "C4'" 1 
ATOM   211 O  "O4'" . DG  A 1 11 ? 1.711   -7.000  -6.297  1.00 107.34 ? 11  DG  A "O4'" 1 
ATOM   212 C  "C3'" . DG  A 1 11 ? 0.738   -6.375  -8.379  1.00 100.13 ? 11  DG  A "C3'" 1 
ATOM   213 O  "O3'" . DG  A 1 11 ? -0.425  -7.144  -8.652  1.00 104.00 ? 11  DG  A "O3'" 1 
ATOM   214 C  "C2'" . DG  A 1 11 ? 0.475   -5.309  -7.313  1.00 93.27  ? 11  DG  A "C2'" 1 
ATOM   215 C  "C1'" . DG  A 1 11 ? 0.644   -6.117  -6.041  1.00 93.03  ? 11  DG  A "C1'" 1 
ATOM   216 N  N9    . DG  A 1 11 ? 0.995   -5.314  -4.877  1.00 86.74  ? 11  DG  A N9    1 
ATOM   217 C  C8    . DG  A 1 11 ? 1.932   -4.315  -4.813  1.00 85.48  ? 11  DG  A C8    1 
ATOM   218 N  N7    . DG  A 1 11 ? 2.042   -3.781  -3.631  1.00 79.53  ? 11  DG  A N7    1 
ATOM   219 C  C5    . DG  A 1 11 ? 1.119   -4.471  -2.859  1.00 74.78  ? 11  DG  A C5    1 
ATOM   220 C  C6    . DG  A 1 11 ? 0.789   -4.331  -1.491  1.00 82.97  ? 11  DG  A C6    1 
ATOM   221 O  O6    . DG  A 1 11 ? 1.264   -3.539  -0.662  1.00 83.36  ? 11  DG  A O6    1 
ATOM   222 N  N1    . DG  A 1 11 ? -0.201  -5.231  -1.105  1.00 76.68  ? 11  DG  A N1    1 
ATOM   223 C  C2    . DG  A 1 11 ? -0.793  -6.151  -1.938  1.00 78.09  ? 11  DG  A C2    1 
ATOM   224 N  N2    . DG  A 1 11 ? -1.730  -6.936  -1.392  1.00 86.68  ? 11  DG  A N2    1 
ATOM   225 N  N3    . DG  A 1 11 ? -0.491  -6.291  -3.221  1.00 79.87  ? 11  DG  A N3    1 
ATOM   226 C  C4    . DG  A 1 11 ? 0.469   -5.420  -3.610  1.00 77.13  ? 11  DG  A C4    1 
ATOM   227 P  P     . DA  A 1 12 ? -1.613  -6.553  -9.554  1.00 114.94 ? 12  DA  A P     1 
ATOM   228 O  OP1   . DA  A 1 12 ? -1.808  -7.488  -10.686 1.00 111.43 ? 12  DA  A OP1   1 
ATOM   229 O  OP2   . DA  A 1 12 ? -1.354  -5.117  -9.822  1.00 89.54  ? 12  DA  A OP2   1 
ATOM   230 O  "O5'" . DA  A 1 12 ? -2.886  -6.658  -8.597  1.00 102.04 ? 12  DA  A "O5'" 1 
ATOM   231 C  "C5'" . DA  A 1 12 ? -3.153  -7.883  -7.932  1.00 101.40 ? 12  DA  A "C5'" 1 
ATOM   232 C  "C4'" . DA  A 1 12 ? -4.144  -7.677  -6.804  1.00 99.43  ? 12  DA  A "C4'" 1 
ATOM   233 O  "O4'" . DA  A 1 12 ? -3.487  -7.015  -5.696  1.00 92.20  ? 12  DA  A "O4'" 1 
ATOM   234 C  "C3'" . DA  A 1 12 ? -5.358  -6.826  -7.170  1.00 94.08  ? 12  DA  A "C3'" 1 
ATOM   235 O  "O3'" . DA  A 1 12 ? -6.548  -7.498  -6.799  1.00 103.37 ? 12  DA  A "O3'" 1 
ATOM   236 C  "C2'" . DA  A 1 12 ? -5.164  -5.532  -6.379  1.00 93.99  ? 12  DA  A "C2'" 1 
ATOM   237 C  "C1'" . DA  A 1 12 ? -4.297  -5.974  -5.208  1.00 89.43  ? 12  DA  A "C1'" 1 
ATOM   238 N  N9    . DA  A 1 12 ? -3.417  -4.919  -4.720  1.00 80.06  ? 12  DA  A N9    1 
ATOM   239 C  C8    . DA  A 1 12 ? -2.471  -4.254  -5.442  1.00 84.33  ? 12  DA  A C8    1 
ATOM   240 N  N7    . DA  A 1 12 ? -1.816  -3.353  -4.754  1.00 86.24  ? 12  DA  A N7    1 
ATOM   241 C  C5    . DA  A 1 12 ? -2.367  -3.436  -3.487  1.00 75.00  ? 12  DA  A C5    1 
ATOM   242 C  C6    . DA  A 1 12 ? -2.100  -2.737  -2.296  1.00 72.05  ? 12  DA  A C6    1 
ATOM   243 N  N6    . DA  A 1 12 ? -1.172  -1.784  -2.204  1.00 70.74  ? 12  DA  A N6    1 
ATOM   244 N  N1    . DA  A 1 12 ? -2.828  -3.054  -1.205  1.00 73.32  ? 12  DA  A N1    1 
ATOM   245 C  C2    . DA  A 1 12 ? -3.756  -4.014  -1.309  1.00 78.29  ? 12  DA  A C2    1 
ATOM   246 N  N3    . DA  A 1 12 ? -4.097  -4.739  -2.378  1.00 79.61  ? 12  DA  A N3    1 
ATOM   247 C  C4    . DA  A 1 12 ? -3.354  -4.397  -3.444  1.00 73.04  ? 12  DA  A C4    1 
ATOM   248 P  P     . DC  A 1 13 ? -7.974  -6.932  -7.276  1.00 127.88 ? 13  DC  A P     1 
ATOM   249 O  OP1   . DC  A 1 13 ? -8.872  -8.094  -7.475  1.00 117.03 ? 13  DC  A OP1   1 
ATOM   250 O  OP2   . DC  A 1 13 ? -7.731  -5.990  -8.393  1.00 110.89 ? 13  DC  A OP2   1 
ATOM   251 O  "O5'" . DC  A 1 13 ? -8.484  -6.100  -6.009  1.00 97.27  ? 13  DC  A "O5'" 1 
ATOM   252 C  "C5'" . DC  A 1 13 ? -8.479  -6.715  -4.738  1.00 93.94  ? 13  DC  A "C5'" 1 
ATOM   253 C  "C4'" . DC  A 1 13 ? -8.423  -5.684  -3.627  1.00 93.53  ? 13  DC  A "C4'" 1 
ATOM   254 O  "O4'" . DC  A 1 13 ? -7.213  -4.905  -3.728  1.00 79.54  ? 13  DC  A "O4'" 1 
ATOM   255 C  "C3'" . DC  A 1 13 ? -9.566  -4.658  -3.616  1.00 89.84  ? 13  DC  A "C3'" 1 
ATOM   256 O  "O3'" . DC  A 1 13 ? -10.400 -4.881  -2.492  1.00 85.83  ? 13  DC  A "O3'" 1 
ATOM   257 C  "C2'" . DC  A 1 13 ? -8.851  -3.302  -3.524  1.00 86.50  ? 13  DC  A "C2'" 1 
ATOM   258 C  "C1'" . DC  A 1 13 ? -7.465  -3.703  -3.061  1.00 81.44  ? 13  DC  A "C1'" 1 
ATOM   259 N  N1    . DC  A 1 13 ? -6.393  -2.714  -3.383  1.00 77.83  ? 13  DC  A N1    1 
ATOM   260 C  C2    . DC  A 1 13 ? -5.954  -1.834  -2.388  1.00 75.92  ? 13  DC  A C2    1 
ATOM   261 O  O2    . DC  A 1 13 ? -6.470  -1.893  -1.267  1.00 80.34  ? 13  DC  A O2    1 
ATOM   262 N  N3    . DC  A 1 13 ? -4.980  -0.941  -2.681  1.00 70.55  ? 13  DC  A N3    1 
ATOM   263 C  C4    . DC  A 1 13 ? -4.452  -0.912  -3.904  1.00 76.57  ? 13  DC  A C4    1 
ATOM   264 N  N4    . DC  A 1 13 ? -3.490  -0.013  -4.147  1.00 79.81  ? 13  DC  A N4    1 
ATOM   265 C  C5    . DC  A 1 13 ? -4.883  -1.803  -4.932  1.00 77.21  ? 13  DC  A C5    1 
ATOM   266 C  C6    . DC  A 1 13 ? -5.848  -2.678  -4.630  1.00 74.01  ? 13  DC  A C6    1 
ATOM   267 P  P     . DT  A 1 14 ? -11.580 -3.845  -2.142  1.00 105.30 ? 14  DT  A P     1 
ATOM   268 O  OP1   . DT  A 1 14 ? -12.610 -4.596  -1.392  1.00 113.82 ? 14  DT  A OP1   1 
ATOM   269 O  OP2   . DT  A 1 14 ? -11.948 -3.110  -3.373  1.00 99.74  ? 14  DT  A OP2   1 
ATOM   270 O  "O5'" . DT  A 1 14 ? -10.896 -2.816  -1.136  1.00 86.15  ? 14  DT  A "O5'" 1 
ATOM   271 C  "C5'" . DT  A 1 14 ? -10.387 -3.282  0.096   1.00 81.94  ? 14  DT  A "C5'" 1 
ATOM   272 C  "C4'" . DT  A 1 14 ? -10.222 -2.141  1.082   1.00 99.80  ? 14  DT  A "C4'" 1 
ATOM   273 O  "O4'" . DT  A 1 14 ? -9.076  -1.329  0.713   1.00 109.11 ? 14  DT  A "O4'" 1 
ATOM   274 C  "C3'" . DT  A 1 14 ? -11.403 -1.180  1.176   1.00 95.50  ? 14  DT  A "C3'" 1 
ATOM   275 O  "O3'" . DT  A 1 14 ? -11.528 -0.744  2.518   1.00 99.72  ? 14  DT  A "O3'" 1 
ATOM   276 C  "C2'" . DT  A 1 14 ? -10.976 -0.038  0.250   1.00 90.68  ? 14  DT  A "C2'" 1 
ATOM   277 C  "C1'" . DT  A 1 14 ? -9.479  0.015   0.523   1.00 93.81  ? 14  DT  A "C1'" 1 
ATOM   278 N  N1    . DT  A 1 14 ? -8.651  0.600   -0.593  1.00 75.49  ? 14  DT  A N1    1 
ATOM   279 C  C2    . DT  A 1 14 ? -7.767  1.622   -0.315  1.00 77.16  ? 14  DT  A C2    1 
ATOM   280 O  O2    . DT  A 1 14 ? -7.635  2.114   0.791   1.00 79.25  ? 14  DT  A O2    1 
ATOM   281 N  N3    . DT  A 1 14 ? -7.055  2.070   -1.394  1.00 69.92  ? 14  DT  A N3    1 
ATOM   282 C  C4    . DT  A 1 14 ? -7.117  1.605   -2.688  1.00 80.45  ? 14  DT  A C4    1 
ATOM   283 O  O4    . DT  A 1 14 ? -6.430  2.074   -3.587  1.00 83.90  ? 14  DT  A O4    1 
ATOM   284 C  C5    . DT  A 1 14 ? -8.049  0.532   -2.915  1.00 79.62  ? 14  DT  A C5    1 
ATOM   285 C  C7    . DT  A 1 14 ? -8.198  -0.043  -4.293  1.00 83.25  ? 14  DT  A C7    1 
ATOM   286 C  C6    . DT  A 1 14 ? -8.763  0.078   -1.868  1.00 71.69  ? 14  DT  A C6    1 
ATOM   287 P  P     . DC  A 1 15 ? -12.913 -0.148  3.068   1.00 114.65 ? 15  DC  A P     1 
ATOM   288 O  OP1   . DC  A 1 15 ? -13.378 -1.028  4.167   1.00 101.89 ? 15  DC  A OP1   1 
ATOM   289 O  OP2   . DC  A 1 15 ? -13.793 0.110   1.906   1.00 105.59 ? 15  DC  A OP2   1 
ATOM   290 O  "O5'" . DC  A 1 15 ? -12.477 1.258   3.689   1.00 104.86 ? 15  DC  A "O5'" 1 
ATOM   291 C  "C5'" . DC  A 1 15 ? -11.144 1.431   4.159   1.00 98.77  ? 15  DC  A "C5'" 1 
ATOM   292 C  "C4'" . DC  A 1 15 ? -10.829 2.899   4.371   1.00 96.87  ? 15  DC  A "C4'" 1 
ATOM   293 O  "O4'" . DC  A 1 15 ? -9.936  3.375   3.328   1.00 94.50  ? 15  DC  A "O4'" 1 
ATOM   294 C  "C3'" . DC  A 1 15 ? -12.039 3.820   4.353   1.00 101.69 ? 15  DC  A "C3'" 1 
ATOM   295 O  "O3'" . DC  A 1 15 ? -11.890 4.801   5.359   1.00 101.97 ? 15  DC  A "O3'" 1 
ATOM   296 C  "C2'" . DC  A 1 15 ? -12.004 4.424   2.944   1.00 100.53 ? 15  DC  A "C2'" 1 
ATOM   297 C  "C1'" . DC  A 1 15 ? -10.508 4.484   2.659   1.00 96.03  ? 15  DC  A "C1'" 1 
ATOM   298 N  N1    . DC  A 1 15 ? -10.159 4.368   1.205   1.00 81.75  ? 15  DC  A N1    1 
ATOM   299 C  C2    . DC  A 1 15 ? -9.207  5.231   0.640   1.00 79.50  ? 15  DC  A C2    1 
ATOM   300 O  O2    . DC  A 1 15 ? -8.679  6.095   1.349   1.00 81.03  ? 15  DC  A O2    1 
ATOM   301 N  N3    . DC  A 1 15 ? -8.896  5.094   -0.677  1.00 72.44  ? 15  DC  A N3    1 
ATOM   302 C  C4    . DC  A 1 15 ? -9.490  4.147   -1.406  1.00 73.43  ? 15  DC  A C4    1 
ATOM   303 N  N4    . DC  A 1 15 ? -9.157  4.045   -2.698  1.00 70.66  ? 15  DC  A N4    1 
ATOM   304 C  C5    . DC  A 1 15 ? -10.455 3.262   -0.848  1.00 79.60  ? 15  DC  A C5    1 
ATOM   305 C  C6    . DC  A 1 15 ? -10.750 3.404   0.448   1.00 82.11  ? 15  DC  A C6    1 
ATOM   306 P  P     . DC  A 1 16 ? -13.118 5.760   5.740   1.00 118.58 ? 16  DC  A P     1 
ATOM   307 O  OP1   . DC  A 1 16 ? -13.173 5.850   7.218   1.00 119.68 ? 16  DC  A OP1   1 
ATOM   308 O  OP2   . DC  A 1 16 ? -14.305 5.301   4.980   1.00 108.17 ? 16  DC  A OP2   1 
ATOM   309 O  "O5'" . DC  A 1 16 ? -12.667 7.172   5.155   1.00 98.68  ? 16  DC  A "O5'" 1 
ATOM   310 C  "C5'" . DC  A 1 16 ? -11.312 7.570   5.262   1.00 96.45  ? 16  DC  A "C5'" 1 
ATOM   311 C  "C4'" . DC  A 1 16 ? -11.076 8.868   4.520   1.00 95.72  ? 16  DC  A "C4'" 1 
ATOM   312 O  "O4'" . DC  A 1 16 ? -10.628 8.589   3.164   1.00 94.97  ? 16  DC  A "O4'" 1 
ATOM   313 C  "C3'" . DC  A 1 16 ? -12.310 9.752   4.371   1.00 97.19  ? 16  DC  A "C3'" 1 
ATOM   314 O  "O3'" . DC  A 1 16 ? -11.913 11.107  4.424   1.00 101.22 ? 16  DC  A "O3'" 1 
ATOM   315 C  "C2'" . DC  A 1 16 ? -12.801 9.380   2.977   1.00 87.71  ? 16  DC  A "C2'" 1 
ATOM   316 C  "C1'" . DC  A 1 16 ? -11.468 9.271   2.261   1.00 89.68  ? 16  DC  A "C1'" 1 
ATOM   317 N  N1    . DC  A 1 16 ? -11.513 8.517   0.987   1.00 73.84  ? 16  DC  A N1    1 
ATOM   318 C  C2    . DC  A 1 16 ? -10.727 8.944   -0.084  1.00 77.81  ? 16  DC  A C2    1 
ATOM   319 O  O2    . DC  A 1 16 ? -10.013 9.944   0.058   1.00 75.43  ? 16  DC  A O2    1 
ATOM   320 N  N3    . DC  A 1 16 ? -10.769 8.248   -1.248  1.00 75.63  ? 16  DC  A N3    1 
ATOM   321 C  C4    . DC  A 1 16 ? -11.553 7.175   -1.353  1.00 74.87  ? 16  DC  A C4    1 
ATOM   322 N  N4    . DC  A 1 16 ? -11.564 6.518   -2.519  1.00 75.47  ? 16  DC  A N4    1 
ATOM   323 C  C5    . DC  A 1 16 ? -12.362 6.727   -0.268  1.00 79.04  ? 16  DC  A C5    1 
ATOM   324 C  C6    . DC  A 1 16 ? -12.310 7.422   0.873   1.00 75.01  ? 16  DC  A C6    1 
ATOM   325 P  P     . DA  A 1 17 ? -12.830 12.190  5.174   1.00 113.70 ? 17  DA  A P     1 
ATOM   326 O  OP1   . DA  A 1 17 ? -12.641 12.035  6.633   1.00 109.43 ? 17  DA  A OP1   1 
ATOM   327 O  OP2   . DA  A 1 17 ? -14.178 12.072  4.574   1.00 113.42 ? 17  DA  A OP2   1 
ATOM   328 O  "O5'" . DA  A 1 17 ? -12.197 13.591  4.733   1.00 101.37 ? 17  DA  A "O5'" 1 
ATOM   329 C  "C5'" . DA  A 1 17 ? -10.824 13.851  4.966   1.00 84.12  ? 17  DA  A "C5'" 1 
ATOM   330 C  "C4'" . DA  A 1 17 ? -10.161 14.400  3.716   1.00 97.19  ? 17  DA  A "C4'" 1 
ATOM   331 O  "O4'" . DA  A 1 17 ? -10.304 13.452  2.625   1.00 105.57 ? 17  DA  A "O4'" 1 
ATOM   332 C  "C3'" . DA  A 1 17 ? -10.734 15.712  3.199   1.00 91.81  ? 17  DA  A "C3'" 1 
ATOM   333 O  "O3'" . DA  A 1 17 ? -9.689  16.497  2.659   1.00 94.12  ? 17  DA  A "O3'" 1 
ATOM   334 C  "C2'" . DA  A 1 17 ? -11.710 15.253  2.116   1.00 83.62  ? 17  DA  A "C2'" 1 
ATOM   335 C  "C1'" . DA  A 1 17 ? -10.974 14.059  1.536   1.00 84.81  ? 17  DA  A "C1'" 1 
ATOM   336 N  N9    . DA  A 1 17 ? -11.854 13.059  0.954   1.00 76.86  ? 17  DA  A N9    1 
ATOM   337 C  C8    . DA  A 1 17 ? -12.904 12.442  1.566   1.00 83.04  ? 17  DA  A C8    1 
ATOM   338 N  N7    . DA  A 1 17 ? -13.514 11.562  0.813   1.00 83.78  ? 17  DA  A N7    1 
ATOM   339 C  C5    . DA  A 1 17 ? -12.808 11.593  -0.375  1.00 68.78  ? 17  DA  A C5    1 
ATOM   340 C  C6    . DA  A 1 17 ? -12.958 10.885  -1.582  1.00 70.32  ? 17  DA  A C6    1 
ATOM   341 N  N6    . DA  A 1 17 ? -13.911 9.971   -1.783  1.00 70.63  ? 17  DA  A N6    1 
ATOM   342 N  N1    . DA  A 1 17 ? -12.088 11.152  -2.576  1.00 67.03  ? 17  DA  A N1    1 
ATOM   343 C  C2    . DA  A 1 17 ? -11.129 12.065  -2.368  1.00 71.14  ? 17  DA  A C2    1 
ATOM   344 N  N3    . DA  A 1 17 ? -10.891 12.796  -1.277  1.00 76.17  ? 17  DA  A N3    1 
ATOM   345 C  C4    . DA  A 1 17 ? -11.775 12.508  -0.308  1.00 74.17  ? 17  DA  A C4    1 
ATOM   346 P  P     . DC  A 1 18 ? -9.887  18.078  2.468   1.00 112.00 ? 18  DC  A P     1 
ATOM   347 O  OP1   . DC  A 1 18 ? -8.656  18.612  1.839   1.00 102.51 ? 18  DC  A OP1   1 
ATOM   348 O  OP2   . DC  A 1 18 ? -10.346 18.622  3.768   1.00 97.61  ? 18  DC  A OP2   1 
ATOM   349 O  "O5'" . DC  A 1 18 ? -11.096 18.179  1.422   1.00 100.39 ? 18  DC  A "O5'" 1 
ATOM   350 C  "C5'" . DC  A 1 18 ? -10.982 19.015  0.281   1.00 97.80  ? 18  DC  A "C5'" 1 
ATOM   351 C  "C4'" . DC  A 1 18 ? -10.728 18.194  -0.970  1.00 88.68  ? 18  DC  A "C4'" 1 
ATOM   352 O  "O4'" . DC  A 1 18 ? -11.349 16.907  -0.841  1.00 85.53  ? 18  DC  A "O4'" 1 
ATOM   353 C  "C3'" . DC  A 1 18 ? -11.329 18.775  -2.238  1.00 93.07  ? 18  DC  A "C3'" 1 
ATOM   354 O  "O3'" . DC  A 1 18 ? -10.396 19.625  -2.869  1.00 91.29  ? 18  DC  A "O3'" 1 
ATOM   355 C  "C2'" . DC  A 1 18 ? -11.641 17.543  -3.102  1.00 94.59  ? 18  DC  A "C2'" 1 
ATOM   356 C  "C1'" . DC  A 1 18 ? -11.516 16.368  -2.133  1.00 83.79  ? 18  DC  A "C1'" 1 
ATOM   357 N  N1    . DC  A 1 18 ? -12.689 15.436  -2.112  1.00 73.71  ? 18  DC  A N1    1 
ATOM   358 C  C2    . DC  A 1 18 ? -12.976 14.630  -3.230  1.00 78.48  ? 18  DC  A C2    1 
ATOM   359 O  O2    . DC  A 1 18 ? -12.271 14.720  -4.243  1.00 78.58  ? 18  DC  A O2    1 
ATOM   360 N  N3    . DC  A 1 18 ? -14.030 13.773  -3.163  1.00 77.29  ? 18  DC  A N3    1 
ATOM   361 C  C4    . DC  A 1 18 ? -14.764 13.700  -2.050  1.00 77.39  ? 18  DC  A C4    1 
ATOM   362 N  N4    . DC  A 1 18 ? -15.793 12.848  -2.027  1.00 72.45  ? 18  DC  A N4    1 
ATOM   363 C  C5    . DC  A 1 18 ? -14.480 14.503  -0.908  1.00 79.39  ? 18  DC  A C5    1 
ATOM   364 C  C6    . DC  A 1 18 ? -13.443 15.342  -0.983  1.00 79.86  ? 18  DC  A C6    1 
ATOM   365 P  P     . DT  A 1 19 ? -10.914 20.789  -3.845  1.00 117.40 ? 19  DT  A P     1 
ATOM   366 O  OP1   . DT  A 1 19 ? -9.786  21.725  -4.061  1.00 106.26 ? 19  DT  A OP1   1 
ATOM   367 O  OP2   . DT  A 1 19 ? -12.204 21.280  -3.305  1.00 116.05 ? 19  DT  A OP2   1 
ATOM   368 O  "O5'" . DT  A 1 19 ? -11.230 20.025  -5.210  1.00 97.54  ? 19  DT  A "O5'" 1 
ATOM   369 C  "C5'" . DT  A 1 19 ? -10.224 19.242  -5.832  1.00 97.95  ? 19  DT  A "C5'" 1 
ATOM   370 C  "C4'" . DT  A 1 19 ? -10.731 18.656  -7.134  1.00 102.39 ? 19  DT  A "C4'" 1 
ATOM   371 O  "O4'" . DT  A 1 19 ? -11.643 17.560  -6.861  1.00 100.63 ? 19  DT  A "O4'" 1 
ATOM   372 C  "C3'" . DT  A 1 19 ? -11.494 19.629  -8.020  1.00 109.37 ? 19  DT  A "C3'" 1 
ATOM   373 O  "O3'" . DT  A 1 19 ? -11.168 19.381  -9.371  1.00 106.90 ? 19  DT  A "O3'" 1 
ATOM   374 C  "C2'" . DT  A 1 19 ? -12.961 19.307  -7.717  1.00 107.36 ? 19  DT  A "C2'" 1 
ATOM   375 C  "C1'" . DT  A 1 19 ? -12.901 17.808  -7.461  1.00 100.88 ? 19  DT  A "C1'" 1 
ATOM   376 N  N1    . DT  A 1 19 ? -13.964 17.293  -6.531  1.00 87.67  ? 19  DT  A N1    1 
ATOM   377 C  C2    . DT  A 1 19 ? -14.752 16.234  -6.923  1.00 89.43  ? 19  DT  A C2    1 
ATOM   378 O  O2    . DT  A 1 19 ? -14.656 15.694  -8.015  1.00 90.23  ? 19  DT  A O2    1 
ATOM   379 N  N3    . DT  A 1 19 ? -15.669 15.827  -5.992  1.00 78.17  ? 19  DT  A N3    1 
ATOM   380 C  C4    . DT  A 1 19 ? -15.873 16.355  -4.730  1.00 78.41  ? 19  DT  A C4    1 
ATOM   381 O  O4    . DT  A 1 19 ? -16.728 15.916  -3.965  1.00 77.27  ? 19  DT  A O4    1 
ATOM   382 C  C5    . DT  A 1 19 ? -15.014 17.454  -4.377  1.00 80.89  ? 19  DT  A C5    1 
ATOM   383 C  C7    . DT  A 1 19 ? -15.145 18.106  -3.033  1.00 82.29  ? 19  DT  A C7    1 
ATOM   384 C  C6    . DT  A 1 19 ? -14.111 17.867  -5.284  1.00 85.12  ? 19  DT  A C6    1 
ATOM   385 P  P     . DC  A 1 20 ? -11.627 20.412  -10.508 1.00 110.66 ? 20  DC  A P     1 
ATOM   386 O  OP1   . DC  A 1 20 ? -10.580 20.439  -11.556 1.00 106.41 ? 20  DC  A OP1   1 
ATOM   387 O  OP2   . DC  A 1 20 ? -12.020 21.663  -9.819  1.00 112.88 ? 20  DC  A OP2   1 
ATOM   388 O  "O5'" . DC  A 1 20 ? -12.944 19.736  -11.107 1.00 110.96 ? 20  DC  A "O5'" 1 
ATOM   389 C  "C5'" . DC  A 1 20 ? -12.966 18.333  -11.342 1.00 114.12 ? 20  DC  A "C5'" 1 
ATOM   390 C  "C4'" . DC  A 1 20 ? -14.277 17.900  -11.971 1.00 118.03 ? 20  DC  A "C4'" 1 
ATOM   391 O  "O4'" . DC  A 1 20 ? -15.173 17.385  -10.949 1.00 110.28 ? 20  DC  A "O4'" 1 
ATOM   392 C  "C3'" . DC  A 1 20 ? -15.052 19.005  -12.689 1.00 116.72 ? 20  DC  A "C3'" 1 
ATOM   393 O  "O3'" . DC  A 1 20 ? -15.673 18.461  -13.839 1.00 114.21 ? 20  DC  A "O3'" 1 
ATOM   394 C  "C2'" . DC  A 1 20 ? -16.083 19.417  -11.641 1.00 110.61 ? 20  DC  A "C2'" 1 
ATOM   395 C  "C1'" . DC  A 1 20 ? -16.405 18.069  -11.022 1.00 102.22 ? 20  DC  A "C1'" 1 
ATOM   396 N  N1    . DC  A 1 20 ? -16.974 18.149  -9.654  1.00 91.00  ? 20  DC  A N1    1 
ATOM   397 C  C2    . DC  A 1 20 ? -17.946 17.224  -9.264  1.00 91.11  ? 20  DC  A C2    1 
ATOM   398 O  O2    . DC  A 1 20 ? -18.314 16.364  -10.076 1.00 90.04  ? 20  DC  A O2    1 
ATOM   399 N  N3    . DC  A 1 20 ? -18.457 17.300  -8.009  1.00 90.13  ? 20  DC  A N3    1 
ATOM   400 C  C4    . DC  A 1 20 ? -18.028 18.248  -7.168  1.00 92.58  ? 20  DC  A C4    1 
ATOM   401 N  N4    . DC  A 1 20 ? -18.559 18.287  -5.940  1.00 91.71  ? 20  DC  A N4    1 
ATOM   402 C  C5    . DC  A 1 20 ? -17.034 19.198  -7.551  1.00 90.85  ? 20  DC  A C5    1 
ATOM   403 C  C6    . DC  A 1 20 ? -16.539 19.112  -8.790  1.00 91.93  ? 20  DC  A C6    1 
ATOM   404 P  P     . DA  A 1 21 ? -16.160 19.420  -15.034 1.00 129.84 ? 21  DA  A P     1 
ATOM   405 O  OP1   . DA  A 1 21 ? -15.186 19.272  -16.140 1.00 124.15 ? 21  DA  A OP1   1 
ATOM   406 O  OP2   . DA  A 1 21 ? -16.436 20.758  -14.457 1.00 113.41 ? 21  DA  A OP2   1 
ATOM   407 O  "O5'" . DA  A 1 21 ? -17.551 18.772  -15.488 1.00 120.23 ? 21  DA  A "O5'" 1 
ATOM   408 C  "C5'" . DA  A 1 21 ? -17.589 17.422  -15.942 1.00 117.17 ? 21  DA  A "C5'" 1 
ATOM   409 C  "C4'" . DA  A 1 21 ? -18.935 16.782  -15.644 1.00 116.82 ? 21  DA  A "C4'" 1 
ATOM   410 O  "O4'" . DA  A 1 21 ? -19.208 16.864  -14.222 1.00 110.83 ? 21  DA  A "O4'" 1 
ATOM   411 C  "C3'" . DA  A 1 21 ? -20.130 17.430  -16.338 1.00 114.76 ? 21  DA  A "C3'" 1 
ATOM   412 O  "O3'" . DA  A 1 21 ? -21.082 16.433  -16.695 1.00 117.50 ? 21  DA  A "O3'" 1 
ATOM   413 C  "C2'" . DA  A 1 21 ? -20.676 18.366  -15.266 1.00 103.85 ? 21  DA  A "C2'" 1 
ATOM   414 C  "C1'" . DA  A 1 21 ? -20.416 17.562  -14.003 1.00 94.17  ? 21  DA  A "C1'" 1 
ATOM   415 N  N9    . DA  A 1 21 ? -20.253 18.385  -12.813 1.00 94.12  ? 21  DA  A N9    1 
ATOM   416 C  C8    . DA  A 1 21 ? -19.448 19.482  -12.668 1.00 91.05  ? 21  DA  A C8    1 
ATOM   417 N  N7    . DA  A 1 21 ? -19.499 20.020  -11.472 1.00 89.60  ? 21  DA  A N7    1 
ATOM   418 C  C5    . DA  A 1 21 ? -20.398 19.218  -10.786 1.00 87.64  ? 21  DA  A C5    1 
ATOM   419 C  C6    . DA  A 1 21 ? -20.891 19.254  -9.466  1.00 93.75  ? 21  DA  A C6    1 
ATOM   420 N  N6    . DA  A 1 21 ? -20.525 20.175  -8.566  1.00 93.38  ? 21  DA  A N6    1 
ATOM   421 N  N1    . DA  A 1 21 ? -21.777 18.300  -9.105  1.00 94.97  ? 21  DA  A N1    1 
ATOM   422 C  C2    . DA  A 1 21 ? -22.137 17.378  -10.005 1.00 93.12  ? 21  DA  A C2    1 
ATOM   423 N  N3    . DA  A 1 21 ? -21.746 17.246  -11.269 1.00 91.82  ? 21  DA  A N3    1 
ATOM   424 C  C4    . DA  A 1 21 ? -20.868 18.205  -11.599 1.00 88.60  ? 21  DA  A C4    1 
ATOM   425 P  P     . DA  B 2 1  ? 2.717   7.321   -0.824  1.00 77.55  ? 1   DA  B P     1 
ATOM   426 O  OP1   . DA  B 2 1  ? 3.751   8.323   -0.485  1.00 62.18  ? 1   DA  B OP1   1 
ATOM   427 O  OP2   . DA  B 2 1  ? 2.667   6.756   -2.189  1.00 74.08  ? 1   DA  B OP2   1 
ATOM   428 O  "O5'" . DA  B 2 1  ? 1.281   7.955   -0.515  1.00 80.32  ? 1   DA  B "O5'" 1 
ATOM   429 C  "C5'" . DA  B 2 1  ? 1.140   8.931   0.516   1.00 75.37  ? 1   DA  B "C5'" 1 
ATOM   430 C  "C4'" . DA  B 2 1  ? -0.127  8.689   1.315   1.00 66.30  ? 1   DA  B "C4'" 1 
ATOM   431 O  "O4'" . DA  B 2 1  ? -1.239  8.582   0.407   1.00 65.34  ? 1   DA  B "O4'" 1 
ATOM   432 C  "C3'" . DA  B 2 1  ? -0.128  7.407   2.128   1.00 65.80  ? 1   DA  B "C3'" 1 
ATOM   433 O  "O3'" . DA  B 2 1  ? 0.325   7.684   3.434   1.00 75.00  ? 1   DA  B "O3'" 1 
ATOM   434 C  "C2'" . DA  B 2 1  ? -1.593  6.983   2.134   1.00 59.94  ? 1   DA  B "C2'" 1 
ATOM   435 C  "C1'" . DA  B 2 1  ? -2.138  7.591   0.844   1.00 64.19  ? 1   DA  B "C1'" 1 
ATOM   436 N  N9    . DA  B 2 1  ? -2.328  6.644   -0.245  1.00 59.94  ? 1   DA  B N9    1 
ATOM   437 C  C8    . DA  B 2 1  ? -1.646  6.604   -1.427  1.00 65.25  ? 1   DA  B C8    1 
ATOM   438 N  N7    . DA  B 2 1  ? -2.052  5.658   -2.238  1.00 59.94  ? 1   DA  B N7    1 
ATOM   439 C  C5    . DA  B 2 1  ? -3.072  5.048   -1.542  1.00 59.94  ? 1   DA  B C5    1 
ATOM   440 C  C6    . DA  B 2 1  ? -3.915  3.967   -1.853  1.00 76.15  ? 1   DA  B C6    1 
ATOM   441 N  N6    . DA  B 2 1  ? -3.843  3.290   -3.006  1.00 76.33  ? 1   DA  B N6    1 
ATOM   442 N  N1    . DA  B 2 1  ? -4.836  3.607   -0.927  1.00 75.20  ? 1   DA  B N1    1 
ATOM   443 C  C2    . DA  B 2 1  ? -4.894  4.292   0.222   1.00 79.44  ? 1   DA  B C2    1 
ATOM   444 N  N3    . DA  B 2 1  ? -4.153  5.324   0.622   1.00 70.04  ? 1   DA  B N3    1 
ATOM   445 C  C4    . DA  B 2 1  ? -3.256  5.652   -0.312  1.00 59.94  ? 1   DA  B C4    1 
ATOM   446 P  P     . DG  B 2 2  ? 1.156   6.578   4.247   1.00 93.85  ? 2   DG  B P     1 
ATOM   447 O  OP1   . DG  B 2 2  ? 1.523   7.173   5.552   1.00 83.91  ? 2   DG  B OP1   1 
ATOM   448 O  OP2   . DG  B 2 2  ? 2.216   6.062   3.353   1.00 77.29  ? 2   DG  B OP2   1 
ATOM   449 O  "O5'" . DG  B 2 2  ? 0.088   5.410   4.488   1.00 81.02  ? 2   DG  B "O5'" 1 
ATOM   450 C  "C5'" . DG  B 2 2  ? -0.911  5.561   5.489   1.00 81.01  ? 2   DG  B "C5'" 1 
ATOM   451 C  "C4'" . DG  B 2 2  ? -1.963  4.472   5.370   1.00 82.46  ? 2   DG  B "C4'" 1 
ATOM   452 O  "O4'" . DG  B 2 2  ? -2.459  4.446   4.024   1.00 76.62  ? 2   DG  B "O4'" 1 
ATOM   453 C  "C3'" . DG  B 2 2  ? -1.461  3.064   5.622   1.00 84.94  ? 2   DG  B "C3'" 1 
ATOM   454 O  "O3'" . DG  B 2 2  ? -1.552  2.756   7.007   1.00 95.84  ? 2   DG  B "O3'" 1 
ATOM   455 C  "C2'" . DG  B 2 2  ? -2.425  2.202   4.801   1.00 79.99  ? 2   DG  B "C2'" 1 
ATOM   456 C  "C1'" . DG  B 2 2  ? -2.928  3.152   3.716   1.00 73.15  ? 2   DG  B "C1'" 1 
ATOM   457 N  N9    . DG  B 2 2  ? -2.476  2.818   2.370   1.00 72.12  ? 2   DG  B N9    1 
ATOM   458 C  C8    . DG  B 2 2  ? -1.444  3.401   1.678   1.00 72.76  ? 2   DG  B C8    1 
ATOM   459 N  N7    . DG  B 2 2  ? -1.284  2.917   0.480   1.00 69.51  ? 2   DG  B N7    1 
ATOM   460 C  C5    . DG  B 2 2  ? -2.275  1.954   0.368   1.00 63.61  ? 2   DG  B C5    1 
ATOM   461 C  C6    . DG  B 2 2  ? -2.590  1.098   -0.707  1.00 66.31  ? 2   DG  B C6    1 
ATOM   462 O  O6    . DG  B 2 2  ? -2.041  1.021   -1.813  1.00 71.37  ? 2   DG  B O6    1 
ATOM   463 N  N1    . DG  B 2 2  ? -3.671  0.272   -0.411  1.00 69.40  ? 2   DG  B N1    1 
ATOM   464 C  C2    . DG  B 2 2  ? -4.359  0.275   0.779   1.00 72.14  ? 2   DG  B C2    1 
ATOM   465 N  N2    . DG  B 2 2  ? -5.372  -0.593  0.883   1.00 72.32  ? 2   DG  B N2    1 
ATOM   466 N  N3    . DG  B 2 2  ? -4.072  1.075   1.798   1.00 67.27  ? 2   DG  B N3    1 
ATOM   467 C  C4    . DG  B 2 2  ? -3.021  1.883   1.522   1.00 64.12  ? 2   DG  B C4    1 
ATOM   468 P  P     . DT  B 2 3  ? -0.813  1.457   7.596   1.00 114.95 ? 3   DT  B P     1 
ATOM   469 O  OP1   . DT  B 2 3  ? -0.803  1.560   9.074   1.00 96.92  ? 3   DT  B OP1   1 
ATOM   470 O  OP2   . DT  B 2 3  ? 0.467   1.316   6.862   1.00 87.28  ? 3   DT  B OP2   1 
ATOM   471 O  "O5'" . DT  B 2 3  ? -1.770  0.240   7.173   1.00 94.81  ? 3   DT  B "O5'" 1 
ATOM   472 C  "C5'" . DT  B 2 3  ? -3.136  0.235   7.579   1.00 85.76  ? 3   DT  B "C5'" 1 
ATOM   473 C  "C4'" . DT  B 2 3  ? -3.907  -0.877  6.886   1.00 91.44  ? 3   DT  B "C4'" 1 
ATOM   474 O  "O4'" . DT  B 2 3  ? -3.775  -0.748  5.443   1.00 85.76  ? 3   DT  B "O4'" 1 
ATOM   475 C  "C3'" . DT  B 2 3  ? -3.452  -2.297  7.233   1.00 85.44  ? 3   DT  B "C3'" 1 
ATOM   476 O  "O3'" . DT  B 2 3  ? -4.584  -3.123  7.466   1.00 80.66  ? 3   DT  B "O3'" 1 
ATOM   477 C  "C2'" . DT  B 2 3  ? -2.683  -2.735  5.989   1.00 83.70  ? 3   DT  B "C2'" 1 
ATOM   478 C  "C1'" . DT  B 2 3  ? -3.433  -2.000  4.889   1.00 79.97  ? 3   DT  B "C1'" 1 
ATOM   479 N  N1    . DT  B 2 3  ? -2.612  -1.766  3.662   1.00 70.82  ? 3   DT  B N1    1 
ATOM   480 C  C2    . DT  B 2 3  ? -2.901  -2.453  2.503   1.00 71.07  ? 3   DT  B C2    1 
ATOM   481 O  O2    . DT  B 2 3  ? -3.805  -3.265  2.415   1.00 75.39  ? 3   DT  B O2    1 
ATOM   482 N  N3    . DT  B 2 3  ? -2.079  -2.156  1.443   1.00 69.64  ? 3   DT  B N3    1 
ATOM   483 C  C4    . DT  B 2 3  ? -1.027  -1.256  1.430   1.00 68.32  ? 3   DT  B C4    1 
ATOM   484 O  O4    . DT  B 2 3  ? -0.344  -1.057  0.433   1.00 70.59  ? 3   DT  B O4    1 
ATOM   485 C  C5    . DT  B 2 3  ? -0.783  -0.576  2.676   1.00 70.44  ? 3   DT  B C5    1 
ATOM   486 C  C7    . DT  B 2 3  ? 0.333   0.422   2.784   1.00 71.01  ? 3   DT  B C7    1 
ATOM   487 C  C6    . DT  B 2 3  ? -1.573  -0.863  3.717   1.00 73.00  ? 3   DT  B C6    1 
ATOM   488 P  P     . DC  B 2 4  ? -4.408  -4.562  8.159   1.00 94.08  ? 4   DC  B P     1 
ATOM   489 O  OP1   . DC  B 2 4  ? -5.662  -4.850  8.892   1.00 98.97  ? 4   DC  B OP1   1 
ATOM   490 O  OP2   . DC  B 2 4  ? -3.105  -4.580  8.860   1.00 91.36  ? 4   DC  B OP2   1 
ATOM   491 O  "O5'" . DC  B 2 4  ? -4.321  -5.565  6.925   1.00 75.66  ? 4   DC  B "O5'" 1 
ATOM   492 C  "C5'" . DC  B 2 4  ? -5.390  -5.623  6.005   1.00 76.96  ? 4   DC  B "C5'" 1 
ATOM   493 C  "C4'" . DC  B 2 4  ? -5.206  -6.763  5.020   1.00 85.99  ? 4   DC  B "C4'" 1 
ATOM   494 O  "O4'" . DC  B 2 4  ? -4.363  -6.343  3.915   1.00 86.73  ? 4   DC  B "O4'" 1 
ATOM   495 C  "C3'" . DC  B 2 4  ? -4.558  -8.023  5.576   1.00 78.09  ? 4   DC  B "C3'" 1 
ATOM   496 O  "O3'" . DC  B 2 4  ? -5.121  -9.133  4.910   1.00 77.53  ? 4   DC  B "O3'" 1 
ATOM   497 C  "C2'" . DC  B 2 4  ? -3.087  -7.829  5.198   1.00 81.59  ? 4   DC  B "C2'" 1 
ATOM   498 C  "C1'" . DC  B 2 4  ? -3.225  -7.182  3.827   1.00 80.05  ? 4   DC  B "C1'" 1 
ATOM   499 N  N1    . DC  B 2 4  ? -2.084  -6.321  3.424   1.00 71.26  ? 4   DC  B N1    1 
ATOM   500 C  C2    . DC  B 2 4  ? -1.635  -6.350  2.100   1.00 74.34  ? 4   DC  B C2    1 
ATOM   501 O  O2    . DC  B 2 4  ? -2.169  -7.130  1.303   1.00 72.93  ? 4   DC  B O2    1 
ATOM   502 N  N3    . DC  B 2 4  ? -0.617  -5.534  1.735   1.00 74.83  ? 4   DC  B N3    1 
ATOM   503 C  C4    . DC  B 2 4  ? -0.071  -4.709  2.633   1.00 77.29  ? 4   DC  B C4    1 
ATOM   504 N  N4    . DC  B 2 4  ? 0.933   -3.919  2.234   1.00 72.20  ? 4   DC  B N4    1 
ATOM   505 C  C5    . DC  B 2 4  ? -0.527  -4.660  3.983   1.00 73.95  ? 4   DC  B C5    1 
ATOM   506 C  C6    . DC  B 2 4  ? -1.529  -5.471  4.326   1.00 71.19  ? 4   DC  B C6    1 
ATOM   507 P  P     . DT  B 2 5  ? -5.112  -10.588 5.582   1.00 81.59  ? 5   DT  B P     1 
ATOM   508 O  OP1   . DT  B 2 5  ? -6.450  -11.180 5.352   1.00 68.63  ? 5   DT  B OP1   1 
ATOM   509 O  OP2   . DT  B 2 5  ? -4.597  -10.438 6.961   1.00 80.59  ? 5   DT  B OP2   1 
ATOM   510 O  "O5'" . DT  B 2 5  ? -4.037  -11.384 4.703   1.00 69.03  ? 5   DT  B "O5'" 1 
ATOM   511 C  "C5'" . DT  B 2 5  ? -3.907  -11.093 3.321   1.00 69.13  ? 5   DT  B "C5'" 1 
ATOM   512 C  "C4'" . DT  B 2 5  ? -2.592  -11.618 2.786   1.00 74.38  ? 5   DT  B "C4'" 1 
ATOM   513 O  "O4'" . DT  B 2 5  ? -1.692  -10.508 2.497   1.00 78.14  ? 5   DT  B "O4'" 1 
ATOM   514 C  "C3'" . DT  B 2 5  ? -1.831  -12.536 3.751   1.00 76.19  ? 5   DT  B "C3'" 1 
ATOM   515 O  "O3'" . DT  B 2 5  ? -1.389  -13.681 3.067   1.00 68.38  ? 5   DT  B "O3'" 1 
ATOM   516 C  "C2'" . DT  B 2 5  ? -0.646  -11.678 4.188   1.00 78.73  ? 5   DT  B "C2'" 1 
ATOM   517 C  "C1'" . DT  B 2 5  ? -0.407  -10.875 2.929   1.00 66.18  ? 5   DT  B "C1'" 1 
ATOM   518 N  N1    . DT  B 2 5  ? 0.420   -9.665  3.143   1.00 66.56  ? 5   DT  B N1    1 
ATOM   519 C  C2    . DT  B 2 5  ? 1.127   -9.144  2.089   1.00 72.83  ? 5   DT  B C2    1 
ATOM   520 O  O2    . DT  B 2 5  ? 1.091   -9.611  0.968   1.00 82.84  ? 5   DT  B O2    1 
ATOM   521 N  N3    . DT  B 2 5  ? 1.871   -8.043  2.385   1.00 62.57  ? 5   DT  B N3    1 
ATOM   522 C  C4    . DT  B 2 5  ? 1.990   -7.425  3.607   1.00 77.27  ? 5   DT  B C4    1 
ATOM   523 O  O4    . DT  B 2 5  ? 2.691   -6.435  3.771   1.00 82.54  ? 5   DT  B O4    1 
ATOM   524 C  C5    . DT  B 2 5  ? 1.231   -8.025  4.683   1.00 81.31  ? 5   DT  B C5    1 
ATOM   525 C  C7    . DT  B 2 5  ? 1.281   -7.437  6.064   1.00 84.96  ? 5   DT  B C7    1 
ATOM   526 C  C6    . DT  B 2 5  ? 0.494   -9.110  4.402   1.00 67.94  ? 5   DT  B C6    1 
ATOM   527 O  "O5'" . DT  C 3 1  ? -26.115 29.969  -2.402  1.00 118.25 ? 1   DT  C "O5'" 1 
ATOM   528 C  "C5'" . DT  C 3 1  ? -25.342 28.894  -1.882  1.00 112.19 ? 1   DT  C "C5'" 1 
ATOM   529 C  "C4'" . DT  C 3 1  ? -26.127 27.595  -1.925  1.00 114.34 ? 1   DT  C "C4'" 1 
ATOM   530 O  "O4'" . DT  C 3 1  ? -26.364 27.211  -3.305  1.00 110.76 ? 1   DT  C "O4'" 1 
ATOM   531 C  "C3'" . DT  C 3 1  ? -25.437 26.396  -1.261  1.00 117.24 ? 1   DT  C "C3'" 1 
ATOM   532 O  "O3'" . DT  C 3 1  ? -26.324 25.770  -0.342  1.00 119.93 ? 1   DT  C "O3'" 1 
ATOM   533 C  "C2'" . DT  C 3 1  ? -25.094 25.472  -2.433  1.00 108.08 ? 1   DT  C "C2'" 1 
ATOM   534 C  "C1'" . DT  C 3 1  ? -26.178 25.822  -3.433  1.00 107.03 ? 1   DT  C "C1'" 1 
ATOM   535 N  N1    . DT  C 3 1  ? -25.805 25.520  -4.846  1.00 103.82 ? 1   DT  C N1    1 
ATOM   536 C  C2    . DT  C 3 1  ? -26.491 24.542  -5.535  1.00 106.71 ? 1   DT  C C2    1 
ATOM   537 O  O2    . DT  C 3 1  ? -27.403 23.894  -5.047  1.00 105.61 ? 1   DT  C O2    1 
ATOM   538 N  N3    . DT  C 3 1  ? -26.065 24.345  -6.824  1.00 101.62 ? 1   DT  C N3    1 
ATOM   539 C  C4    . DT  C 3 1  ? -25.046 25.016  -7.477  1.00 95.47  ? 1   DT  C C4    1 
ATOM   540 O  O4    . DT  C 3 1  ? -24.735 24.769  -8.637  1.00 88.45  ? 1   DT  C O4    1 
ATOM   541 C  C5    . DT  C 3 1  ? -24.372 26.028  -6.700  1.00 92.76  ? 1   DT  C C5    1 
ATOM   542 C  C7    . DT  C 3 1  ? -23.252 26.820  -7.303  1.00 97.78  ? 1   DT  C C7    1 
ATOM   543 C  C6    . DT  C 3 1  ? -24.778 26.228  -5.436  1.00 98.96  ? 1   DT  C C6    1 
ATOM   544 P  P     . DC  C 3 2  ? -25.780 24.638  0.660   1.00 124.31 ? 2   DC  C P     1 
ATOM   545 O  OP1   . DC  C 3 2  ? -26.607 24.705  1.887   1.00 125.73 ? 2   DC  C OP1   1 
ATOM   546 O  OP2   . DC  C 3 2  ? -24.310 24.777  0.749   1.00 117.52 ? 2   DC  C OP2   1 
ATOM   547 O  "O5'" . DC  C 3 2  ? -26.096 23.265  -0.102  1.00 110.93 ? 2   DC  C "O5'" 1 
ATOM   548 C  "C5'" . DC  C 3 2  ? -27.421 22.762  -0.105  1.00 112.83 ? 2   DC  C "C5'" 1 
ATOM   549 C  "C4'" . DC  C 3 2  ? -27.614 21.706  -1.179  1.00 107.08 ? 2   DC  C "C4'" 1 
ATOM   550 O  "O4'" . DC  C 3 2  ? -27.002 22.130  -2.420  1.00 109.33 ? 2   DC  C "O4'" 1 
ATOM   551 C  "C3'" . DC  C 3 2  ? -27.023 20.323  -0.869  1.00 101.87 ? 2   DC  C "C3'" 1 
ATOM   552 O  "O3'" . DC  C 3 2  ? -28.055 19.345  -0.929  1.00 107.17 ? 2   DC  C "O3'" 1 
ATOM   553 C  "C2'" . DC  C 3 2  ? -25.985 20.110  -1.981  1.00 101.85 ? 2   DC  C "C2'" 1 
ATOM   554 C  "C1'" . DC  C 3 2  ? -26.557 20.978  -3.083  1.00 103.32 ? 2   DC  C "C1'" 1 
ATOM   555 N  N1    . DC  C 3 2  ? -25.577 21.368  -4.138  1.00 99.90  ? 2   DC  C N1    1 
ATOM   556 C  C2    . DC  C 3 2  ? -25.632 20.749  -5.394  1.00 100.25 ? 2   DC  C C2    1 
ATOM   557 O  O2    . DC  C 3 2  ? -26.488 19.879  -5.603  1.00 101.83 ? 2   DC  C O2    1 
ATOM   558 N  N3    . DC  C 3 2  ? -24.744 21.119  -6.346  1.00 98.03  ? 2   DC  C N3    1 
ATOM   559 C  C4    . DC  C 3 2  ? -23.838 22.060  -6.084  1.00 99.89  ? 2   DC  C C4    1 
ATOM   560 N  N4    . DC  C 3 2  ? -22.982 22.391  -7.056  1.00 101.48 ? 2   DC  C N4    1 
ATOM   561 C  C5    . DC  C 3 2  ? -23.770 22.705  -4.813  1.00 92.25  ? 2   DC  C C5    1 
ATOM   562 C  C6    . DC  C 3 2  ? -24.651 22.332  -3.880  1.00 93.07  ? 2   DC  C C6    1 
ATOM   563 P  P     . DT  C 3 3  ? -27.773 17.830  -0.474  1.00 114.14 ? 3   DT  C P     1 
ATOM   564 O  OP1   . DT  C 3 3  ? -29.073 17.230  -0.098  1.00 100.04 ? 3   DT  C OP1   1 
ATOM   565 O  OP2   . DT  C 3 3  ? -26.670 17.863  0.513   1.00 108.15 ? 3   DT  C OP2   1 
ATOM   566 O  "O5'" . DT  C 3 3  ? -27.236 17.116  -1.807  1.00 100.48 ? 3   DT  C "O5'" 1 
ATOM   567 C  "C5'" . DT  C 3 3  ? -28.098 16.958  -2.922  1.00 92.21  ? 3   DT  C "C5'" 1 
ATOM   568 C  "C4'" . DT  C 3 3  ? -27.539 15.948  -3.909  1.00 96.11  ? 3   DT  C "C4'" 1 
ATOM   569 O  "O4'" . DT  C 3 3  ? -26.618 16.601  -4.826  1.00 106.71 ? 3   DT  C "O4'" 1 
ATOM   570 C  "C3'" . DT  C 3 3  ? -26.759 14.794  -3.287  1.00 106.97 ? 3   DT  C "C3'" 1 
ATOM   571 O  "O3'" . DT  C 3 3  ? -27.051 13.599  -3.989  1.00 113.40 ? 3   DT  C "O3'" 1 
ATOM   572 C  "C2'" . DT  C 3 3  ? -25.307 15.218  -3.491  1.00 108.49 ? 3   DT  C "C2'" 1 
ATOM   573 C  "C1'" . DT  C 3 3  ? -25.394 15.895  -4.845  1.00 102.76 ? 3   DT  C "C1'" 1 
ATOM   574 N  N1    . DT  C 3 3  ? -24.286 16.867  -5.110  1.00 100.86 ? 3   DT  C N1    1 
ATOM   575 C  C2    . DT  C 3 3  ? -23.703 16.906  -6.360  1.00 99.30  ? 3   DT  C C2    1 
ATOM   576 O  O2    . DT  C 3 3  ? -24.040 16.178  -7.280  1.00 97.27  ? 3   DT  C O2    1 
ATOM   577 N  N3    . DT  C 3 3  ? -22.707 17.838  -6.497  1.00 95.45  ? 3   DT  C N3    1 
ATOM   578 C  C4    . DT  C 3 3  ? -22.243 18.716  -5.534  1.00 98.03  ? 3   DT  C C4    1 
ATOM   579 O  O4    . DT  C 3 3  ? -21.339 19.517  -5.758  1.00 97.46  ? 3   DT  C O4    1 
ATOM   580 C  C5    . DT  C 3 3  ? -22.894 18.622  -4.248  1.00 99.23  ? 3   DT  C C5    1 
ATOM   581 C  C7    . DT  C 3 3  ? -22.474 19.524  -3.124  1.00 91.53  ? 3   DT  C C7    1 
ATOM   582 C  C6    . DT  C 3 3  ? -23.872 17.713  -4.100  1.00 98.85  ? 3   DT  C C6    1 
ATOM   583 P  P     . DG  C 3 4  ? -26.830 12.174  -3.282  1.00 115.69 ? 4   DG  C P     1 
ATOM   584 O  OP1   . DG  C 3 4  ? -28.170 11.599  -3.024  1.00 113.49 ? 4   DG  C OP1   1 
ATOM   585 O  OP2   . DG  C 3 4  ? -25.876 12.369  -2.167  1.00 106.12 ? 4   DG  C OP2   1 
ATOM   586 O  "O5'" . DG  C 3 4  ? -26.100 11.302  -4.406  1.00 109.89 ? 4   DG  C "O5'" 1 
ATOM   587 C  "C5'" . DG  C 3 4  ? -26.828 10.856  -5.538  1.00 100.36 ? 4   DG  C "C5'" 1 
ATOM   588 C  "C4'" . DG  C 3 4  ? -25.912 10.698  -6.736  1.00 96.97  ? 4   DG  C "C4'" 1 
ATOM   589 O  "O4'" . DG  C 3 4  ? -25.068 11.872  -6.858  1.00 104.22 ? 4   DG  C "O4'" 1 
ATOM   590 C  "C3'" . DG  C 3 4  ? -24.959 9.507   -6.675  1.00 89.49  ? 4   DG  C "C3'" 1 
ATOM   591 O  "O3'" . DG  C 3 4  ? -24.785 8.984   -7.982  1.00 95.32  ? 4   DG  C "O3'" 1 
ATOM   592 C  "C2'" . DG  C 3 4  ? -23.674 10.134  -6.142  1.00 97.66  ? 4   DG  C "C2'" 1 
ATOM   593 C  "C1'" . DG  C 3 4  ? -23.708 11.494  -6.822  1.00 104.05 ? 4   DG  C "C1'" 1 
ATOM   594 N  N9    . DG  C 3 4  ? -22.957 12.535  -6.117  1.00 99.85  ? 4   DG  C N9    1 
ATOM   595 C  C8    . DG  C 3 4  ? -23.103 12.920  -4.807  1.00 100.29 ? 4   DG  C C8    1 
ATOM   596 N  N7    . DG  C 3 4  ? -22.299 13.887  -4.455  1.00 99.15  ? 4   DG  C N7    1 
ATOM   597 C  C5    . DG  C 3 4  ? -21.579 14.168  -5.609  1.00 96.21  ? 4   DG  C C5    1 
ATOM   598 C  C6    . DG  C 3 4  ? -20.560 15.125  -5.838  1.00 94.63  ? 4   DG  C C6    1 
ATOM   599 O  O6    . DG  C 3 4  ? -20.078 15.942  -5.039  1.00 89.16  ? 4   DG  C O6    1 
ATOM   600 N  N1    . DG  C 3 4  ? -20.095 15.077  -7.154  1.00 88.57  ? 4   DG  C N1    1 
ATOM   601 C  C2    . DG  C 3 4  ? -20.558 14.213  -8.122  1.00 89.69  ? 4   DG  C C2    1 
ATOM   602 N  N2    . DG  C 3 4  ? -19.992 14.308  -9.335  1.00 83.95  ? 4   DG  C N2    1 
ATOM   603 N  N3    . DG  C 3 4  ? -21.510 13.313  -7.917  1.00 92.48  ? 4   DG  C N3    1 
ATOM   604 C  C4    . DG  C 3 4  ? -21.974 13.346  -6.642  1.00 96.80  ? 4   DG  C C4    1 
ATOM   605 P  P     . DA  C 3 5  ? -23.992 7.605   -8.214  1.00 115.50 ? 5   DA  C P     1 
ATOM   606 O  OP1   . DA  C 3 5  ? -24.777 6.789   -9.169  1.00 109.74 ? 5   DA  C OP1   1 
ATOM   607 O  OP2   . DA  C 3 5  ? -23.647 7.050   -6.887  1.00 104.63 ? 5   DA  C OP2   1 
ATOM   608 O  "O5'" . DA  C 3 5  ? -22.637 8.064   -8.931  1.00 105.87 ? 5   DA  C "O5'" 1 
ATOM   609 C  "C5'" . DA  C 3 5  ? -22.692 8.801   -10.148 1.00 105.35 ? 5   DA  C "C5'" 1 
ATOM   610 C  "C4'" . DA  C 3 5  ? -21.295 9.122   -10.655 1.00 103.50 ? 5   DA  C "C4'" 1 
ATOM   611 O  "O4'" . DA  C 3 5  ? -20.748 10.245  -9.917  1.00 99.88  ? 5   DA  C "O4'" 1 
ATOM   612 C  "C3'" . DA  C 3 5  ? -20.282 7.990   -10.512 1.00 102.32 ? 5   DA  C "C3'" 1 
ATOM   613 O  "O3'" . DA  C 3 5  ? -19.430 7.967   -11.642 1.00 99.27  ? 5   DA  C "O3'" 1 
ATOM   614 C  "C2'" . DA  C 3 5  ? -19.521 8.370   -9.246  1.00 99.13  ? 5   DA  C "C2'" 1 
ATOM   615 C  "C1'" . DA  C 3 5  ? -19.505 9.884   -9.352  1.00 94.29  ? 5   DA  C "C1'" 1 
ATOM   616 N  N9    . DA  C 3 5  ? -19.380 10.561  -8.065  1.00 96.42  ? 5   DA  C N9    1 
ATOM   617 C  C8    . DA  C 3 5  ? -20.106 10.321  -6.931  1.00 96.19  ? 5   DA  C C8    1 
ATOM   618 N  N7    . DA  C 3 5  ? -19.780 11.094  -5.921  1.00 92.97  ? 5   DA  C N7    1 
ATOM   619 C  C5    . DA  C 3 5  ? -18.774 11.897  -6.430  1.00 82.58  ? 5   DA  C C5    1 
ATOM   620 C  C6    . DA  C 3 5  ? -18.005 12.930  -5.860  1.00 82.71  ? 5   DA  C C6    1 
ATOM   621 N  N6    . DA  C 3 5  ? -18.144 13.341  -4.596  1.00 90.07  ? 5   DA  C N6    1 
ATOM   622 N  N1    . DA  C 3 5  ? -17.085 13.526  -6.646  1.00 84.67  ? 5   DA  C N1    1 
ATOM   623 C  C2    . DA  C 3 5  ? -16.947 13.113  -7.911  1.00 86.69  ? 5   DA  C C2    1 
ATOM   624 N  N3    . DA  C 3 5  ? -17.610 12.155  -8.556  1.00 85.82  ? 5   DA  C N3    1 
ATOM   625 C  C4    . DA  C 3 5  ? -18.516 11.581  -7.750  1.00 86.30  ? 5   DA  C C4    1 
ATOM   626 P  P     . DG  C 3 6  ? -19.042 6.562   -12.319 1.00 118.60 ? 6   DG  C P     1 
ATOM   627 O  OP1   . DG  C 3 6  ? -19.414 6.637   -13.749 1.00 120.43 ? 6   DG  C OP1   1 
ATOM   628 O  OP2   . DG  C 3 6  ? -19.601 5.489   -11.467 1.00 102.48 ? 6   DG  C OP2   1 
ATOM   629 O  "O5'" . DG  C 3 6  ? -17.449 6.513   -12.202 1.00 113.44 ? 6   DG  C "O5'" 1 
ATOM   630 C  "C5'" . DG  C 3 6  ? -16.805 7.096   -11.076 1.00 109.66 ? 6   DG  C "C5'" 1 
ATOM   631 C  "C4'" . DG  C 3 6  ? -15.825 8.169   -11.511 1.00 101.92 ? 6   DG  C "C4'" 1 
ATOM   632 O  "O4'" . DG  C 3 6  ? -15.951 9.325   -10.645 1.00 91.66  ? 6   DG  C "O4'" 1 
ATOM   633 C  "C3'" . DG  C 3 6  ? -14.366 7.759   -11.431 1.00 93.38  ? 6   DG  C "C3'" 1 
ATOM   634 O  "O3'" . DG  C 3 6  ? -13.610 8.455   -12.401 1.00 95.30  ? 6   DG  C "O3'" 1 
ATOM   635 C  "C2'" . DG  C 3 6  ? -13.985 8.172   -10.014 1.00 92.08  ? 6   DG  C "C2'" 1 
ATOM   636 C  "C1'" . DG  C 3 6  ? -14.819 9.432   -9.799  1.00 81.61  ? 6   DG  C "C1'" 1 
ATOM   637 N  N9    . DG  C 3 6  ? -15.292 9.575   -8.428  1.00 75.64  ? 6   DG  C N9    1 
ATOM   638 C  C8    . DG  C 3 6  ? -16.270 8.829   -7.819  1.00 81.17  ? 6   DG  C C8    1 
ATOM   639 N  N7    . DG  C 3 6  ? -16.494 9.172   -6.584  1.00 77.83  ? 6   DG  C N7    1 
ATOM   640 C  C5    . DG  C 3 6  ? -15.608 10.213  -6.354  1.00 71.18  ? 6   DG  C C5    1 
ATOM   641 C  C6    . DG  C 3 6  ? -15.399 10.981  -5.186  1.00 78.94  ? 6   DG  C C6    1 
ATOM   642 O  O6    . DG  C 3 6  ? -15.975 10.882  -4.096  1.00 83.43  ? 6   DG  C O6    1 
ATOM   643 N  N1    . DG  C 3 6  ? -14.406 11.940  -5.367  1.00 68.04  ? 6   DG  C N1    1 
ATOM   644 C  C2    . DG  C 3 6  ? -13.706 12.134  -6.534  1.00 72.17  ? 6   DG  C C2    1 
ATOM   645 N  N2    . DG  C 3 6  ? -12.786 13.112  -6.520  1.00 77.53  ? 6   DG  C N2    1 
ATOM   646 N  N3    . DG  C 3 6  ? -13.893 11.418  -7.642  1.00 70.68  ? 6   DG  C N3    1 
ATOM   647 C  C4    . DG  C 3 6  ? -14.858 10.477  -7.477  1.00 68.67  ? 6   DG  C C4    1 
ATOM   648 P  P     . DT  C 3 7  ? -12.129 7.951   -12.768 1.00 117.31 ? 7   DT  C P     1 
ATOM   649 O  OP1   . DT  C 3 7  ? -11.773 8.498   -14.096 1.00 126.08 ? 7   DT  C OP1   1 
ATOM   650 O  OP2   . DT  C 3 7  ? -12.091 6.487   -12.546 1.00 108.36 ? 7   DT  C OP2   1 
ATOM   651 O  "O5'" . DT  C 3 7  ? -11.212 8.644   -11.658 1.00 93.72  ? 7   DT  C "O5'" 1 
ATOM   652 C  "C5'" . DT  C 3 7  ? -11.337 10.038  -11.404 1.00 100.28 ? 7   DT  C "C5'" 1 
ATOM   653 C  "C4'" . DT  C 3 7  ? -10.363 10.477  -10.325 1.00 98.13  ? 7   DT  C "C4'" 1 
ATOM   654 O  "O4'" . DT  C 3 7  ? -11.035 10.532  -9.034  1.00 87.48  ? 7   DT  C "O4'" 1 
ATOM   655 C  "C3'" . DT  C 3 7  ? -9.164  9.548   -10.122 1.00 85.13  ? 7   DT  C "C3'" 1 
ATOM   656 O  "O3'" . DT  C 3 7  ? -8.028  10.328  -9.828  1.00 71.50  ? 7   DT  C "O3'" 1 
ATOM   657 C  "C2'" . DT  C 3 7  ? -9.591  8.736   -8.904  1.00 75.36  ? 7   DT  C "C2'" 1 
ATOM   658 C  "C1'" . DT  C 3 7  ? -10.244 9.836   -8.098  1.00 71.82  ? 7   DT  C "C1'" 1 
ATOM   659 N  N1    . DT  C 3 7  ? -11.103 9.367   -6.989  1.00 66.02  ? 7   DT  C N1    1 
ATOM   660 C  C2    . DT  C 3 7  ? -11.022 10.008  -5.776  1.00 66.10  ? 7   DT  C C2    1 
ATOM   661 O  O2    . DT  C 3 7  ? -10.273 10.943  -5.565  1.00 70.72  ? 7   DT  C O2    1 
ATOM   662 N  N3    . DT  C 3 7  ? -11.855 9.520   -4.813  1.00 61.41  ? 7   DT  C N3    1 
ATOM   663 C  C4    . DT  C 3 7  ? -12.743 8.469   -4.935  1.00 69.82  ? 7   DT  C C4    1 
ATOM   664 O  O4    . DT  C 3 7  ? -13.453 8.103   -4.007  1.00 72.67  ? 7   DT  C O4    1 
ATOM   665 C  C5    . DT  C 3 7  ? -12.781 7.837   -6.233  1.00 66.99  ? 7   DT  C C5    1 
ATOM   666 C  C7    . DT  C 3 7  ? -13.710 6.688   -6.483  1.00 63.93  ? 7   DT  C C7    1 
ATOM   667 C  C6    . DT  C 3 7  ? -11.965 8.311   -7.189  1.00 65.39  ? 7   DT  C C6    1 
ATOM   668 P  P     . DG  C 3 8  ? -6.639  10.057  -10.584 1.00 91.02  ? 8   DG  C P     1 
ATOM   669 O  OP1   . DG  C 3 8  ? -6.694  10.760  -11.886 1.00 93.40  ? 8   DG  C OP1   1 
ATOM   670 O  OP2   . DG  C 3 8  ? -6.392  8.597   -10.542 1.00 99.63  ? 8   DG  C OP2   1 
ATOM   671 O  "O5'" . DG  C 3 8  ? -5.563  10.780  -9.650  1.00 70.78  ? 8   DG  C "O5'" 1 
ATOM   672 C  "C5'" . DG  C 3 8  ? -5.617  12.184  -9.469  1.00 62.27  ? 8   DG  C "C5'" 1 
ATOM   673 C  "C4'" . DG  C 3 8  ? -5.167  12.581  -8.072  1.00 66.55  ? 8   DG  C "C4'" 1 
ATOM   674 O  "O4'" . DG  C 3 8  ? -6.063  12.022  -7.080  1.00 78.01  ? 8   DG  C "O4'" 1 
ATOM   675 C  "C3'" . DG  C 3 8  ? -3.780  12.118  -7.662  1.00 68.78  ? 8   DG  C "C3'" 1 
ATOM   676 O  "O3'" . DG  C 3 8  ? -3.257  13.051  -6.752  1.00 57.39  ? 8   DG  C "O3'" 1 
ATOM   677 C  "C2'" . DG  C 3 8  ? -4.069  10.782  -6.980  1.00 74.78  ? 8   DG  C "C2'" 1 
ATOM   678 C  "C1'" . DG  C 3 8  ? -5.369  11.098  -6.256  1.00 70.43  ? 8   DG  C "C1'" 1 
ATOM   679 N  N9    . DG  C 3 8  ? -6.256  9.958   -6.061  1.00 64.75  ? 8   DG  C N9    1 
ATOM   680 C  C8    . DG  C 3 8  ? -6.567  8.983   -6.977  1.00 69.98  ? 8   DG  C C8    1 
ATOM   681 N  N7    . DG  C 3 8  ? -7.436  8.115   -6.533  1.00 68.85  ? 8   DG  C N7    1 
ATOM   682 C  C5    . DG  C 3 8  ? -7.736  8.558   -5.254  1.00 59.97  ? 8   DG  C C5    1 
ATOM   683 C  C6    . DG  C 3 8  ? -8.619  8.024   -4.289  1.00 63.86  ? 8   DG  C C6    1 
ATOM   684 O  O6    . DG  C 3 8  ? -9.334  7.017   -4.380  1.00 71.73  ? 8   DG  C O6    1 
ATOM   685 N  N1    . DG  C 3 8  ? -8.624  8.780   -3.119  1.00 60.14  ? 8   DG  C N1    1 
ATOM   686 C  C2    . DG  C 3 8  ? -7.873  9.911   -2.913  1.00 62.12  ? 8   DG  C C2    1 
ATOM   687 N  N2    . DG  C 3 8  ? -8.007  10.510  -1.723  1.00 66.99  ? 8   DG  C N2    1 
ATOM   688 N  N3    . DG  C 3 8  ? -7.043  10.422  -3.811  1.00 60.17  ? 8   DG  C N3    1 
ATOM   689 C  C4    . DG  C 3 8  ? -7.025  9.697   -4.951  1.00 59.31  ? 8   DG  C C4    1 
ATOM   690 P  P     . DG  C 3 9  ? -1.677  13.160  -6.512  1.00 71.73  ? 9   DG  C P     1 
ATOM   691 O  OP1   . DG  C 3 9  ? -1.251  14.547  -6.807  1.00 61.87  ? 9   DG  C OP1   1 
ATOM   692 O  OP2   . DG  C 3 9  ? -1.045  12.024  -7.223  1.00 86.78  ? 9   DG  C OP2   1 
ATOM   693 O  "O5'" . DG  C 3 9  ? -1.544  12.914  -4.945  1.00 66.92  ? 9   DG  C "O5'" 1 
ATOM   694 C  "C5'" . DG  C 3 9  ? -2.710  12.874  -4.148  1.00 62.71  ? 9   DG  C "C5'" 1 
ATOM   695 C  "C4'" . DG  C 3 9  ? -2.464  12.053  -2.909  1.00 68.10  ? 9   DG  C "C4'" 1 
ATOM   696 O  "O4'" . DG  C 3 9  ? -3.464  11.000  -2.814  1.00 75.82  ? 9   DG  C "O4'" 1 
ATOM   697 C  "C3'" . DG  C 3 9  ? -1.110  11.347  -2.888  1.00 70.79  ? 9   DG  C "C3'" 1 
ATOM   698 O  "O3'" . DG  C 3 9  ? -0.577  11.385  -1.592  1.00 64.15  ? 9   DG  C "O3'" 1 
ATOM   699 C  "C2'" . DG  C 3 9  ? -1.472  9.921   -3.289  1.00 72.08  ? 9   DG  C "C2'" 1 
ATOM   700 C  "C1'" . DG  C 3 9  ? -2.811  9.774   -2.597  1.00 58.63  ? 9   DG  C "C1'" 1 
ATOM   701 N  N9    . DG  C 3 9  ? -3.630  8.684   -3.118  1.00 61.33  ? 9   DG  C N9    1 
ATOM   702 C  C8    . DG  C 3 9  ? -3.548  8.096   -4.357  1.00 62.97  ? 9   DG  C C8    1 
ATOM   703 N  N7    . DG  C 3 9  ? -4.406  7.127   -4.529  1.00 62.70  ? 9   DG  C N7    1 
ATOM   704 C  C5    . DG  C 3 9  ? -5.092  7.066   -3.326  1.00 55.88  ? 9   DG  C C5    1 
ATOM   705 C  C6    . DG  C 3 9  ? -6.142  6.214   -2.917  1.00 64.03  ? 9   DG  C C6    1 
ATOM   706 O  O6    . DG  C 3 9  ? -6.689  5.308   -3.563  1.00 72.12  ? 9   DG  C O6    1 
ATOM   707 N  N1    . DG  C 3 9  ? -6.556  6.495   -1.619  1.00 66.51  ? 9   DG  C N1    1 
ATOM   708 C  C2    . DG  C 3 9  ? -6.020  7.474   -0.815  1.00 65.91  ? 9   DG  C C2    1 
ATOM   709 N  N2    . DG  C 3 9  ? -6.542  7.599   0.415   1.00 75.82  ? 9   DG  C N2    1 
ATOM   710 N  N3    . DG  C 3 9  ? -5.036  8.275   -1.187  1.00 60.27  ? 9   DG  C N3    1 
ATOM   711 C  C4    . DG  C 3 9  ? -4.625  8.016   -2.447  1.00 59.64  ? 9   DG  C C4    1 
ATOM   712 P  P     . DG  D 4 1  ? 2.883   -15.974 5.261   1.00 70.01  ? 10  DG  D P     1 
ATOM   713 O  OP1   . DG  D 4 1  ? 2.144   -17.252 5.202   1.00 72.18  ? 10  DG  D OP1   1 
ATOM   714 O  OP2   . DG  D 4 1  ? 2.921   -15.224 6.533   1.00 69.83  ? 10  DG  D OP2   1 
ATOM   715 O  "O5'" . DG  D 4 1  ? 2.271   -14.997 4.157   1.00 75.19  ? 10  DG  D "O5'" 1 
ATOM   716 C  "C5'" . DG  D 4 1  ? 1.633   -15.538 3.009   1.00 77.10  ? 10  DG  D "C5'" 1 
ATOM   717 C  "C4'" . DG  D 4 1  ? 2.096   -14.830 1.750   1.00 68.32  ? 10  DG  D "C4'" 1 
ATOM   718 O  "O4'" . DG  D 4 1  ? 1.767   -13.427 1.839   1.00 69.65  ? 10  DG  D "O4'" 1 
ATOM   719 C  "C3'" . DG  D 4 1  ? 3.590   -14.850 1.521   1.00 72.58  ? 10  DG  D "C3'" 1 
ATOM   720 O  "O3'" . DG  D 4 1  ? 3.966   -16.057 0.875   1.00 82.54  ? 10  DG  D "O3'" 1 
ATOM   721 C  "C2'" . DG  D 4 1  ? 3.783   -13.644 0.610   1.00 70.84  ? 10  DG  D "C2'" 1 
ATOM   722 C  "C1'" . DG  D 4 1  ? 2.735   -12.666 1.140   1.00 68.90  ? 10  DG  D "C1'" 1 
ATOM   723 N  N9    . DG  D 4 1  ? 3.276   -11.663 2.049   1.00 68.56  ? 10  DG  D N9    1 
ATOM   724 C  C8    . DG  D 4 1  ? 3.084   -11.585 3.403   1.00 71.43  ? 10  DG  D C8    1 
ATOM   725 N  N7    . DG  D 4 1  ? 3.696   -10.576 3.957   1.00 69.71  ? 10  DG  D N7    1 
ATOM   726 C  C5    . DG  D 4 1  ? 4.329   -9.944  2.905   1.00 66.42  ? 10  DG  D C5    1 
ATOM   727 C  C6    . DG  D 4 1  ? 5.142   -8.790  2.891   1.00 76.14  ? 10  DG  D C6    1 
ATOM   728 O  O6    . DG  D 4 1  ? 5.471   -8.075  3.851   1.00 83.03  ? 10  DG  D O6    1 
ATOM   729 N  N1    . DG  D 4 1  ? 5.587   -8.483  1.611   1.00 71.29  ? 10  DG  D N1    1 
ATOM   730 C  C2    . DG  D 4 1  ? 5.283   -9.203  0.482   1.00 76.44  ? 10  DG  D C2    1 
ATOM   731 N  N2    . DG  D 4 1  ? 5.799   -8.755  -0.672  1.00 84.05  ? 10  DG  D N2    1 
ATOM   732 N  N3    . DG  D 4 1  ? 4.521   -10.290 0.479   1.00 74.28  ? 10  DG  D N3    1 
ATOM   733 C  C4    . DG  D 4 1  ? 4.082   -10.598 1.718   1.00 66.97  ? 10  DG  D C4    1 
ATOM   734 P  P     . DG  D 4 2  ? 5.463   -16.618 1.032   1.00 87.59  ? 11  DG  D P     1 
ATOM   735 O  OP1   . DG  D 4 2  ? 5.540   -17.914 0.319   1.00 82.73  ? 11  DG  D OP1   1 
ATOM   736 O  OP2   . DG  D 4 2  ? 5.825   -16.541 2.468   1.00 90.02  ? 11  DG  D OP2   1 
ATOM   737 O  "O5'" . DG  D 4 2  ? 6.356   -15.545 0.253   1.00 73.02  ? 11  DG  D "O5'" 1 
ATOM   738 C  "C5'" . DG  D 4 2  ? 6.339   -15.506 -1.169  1.00 79.08  ? 11  DG  D "C5'" 1 
ATOM   739 C  "C4'" . DG  D 4 2  ? 7.050   -14.265 -1.670  1.00 78.76  ? 11  DG  D "C4'" 1 
ATOM   740 O  "O4'" . DG  D 4 2  ? 6.556   -13.127 -0.942  1.00 73.59  ? 11  DG  D "O4'" 1 
ATOM   741 C  "C3'" . DG  D 4 2  ? 8.551   -14.256 -1.442  1.00 77.54  ? 11  DG  D "C3'" 1 
ATOM   742 O  "O3'" . DG  D 4 2  ? 9.211   -14.834 -2.556  1.00 78.07  ? 11  DG  D "O3'" 1 
ATOM   743 C  "C2'" . DG  D 4 2  ? 8.877   -12.769 -1.322  1.00 73.86  ? 11  DG  D "C2'" 1 
ATOM   744 C  "C1'" . DG  D 4 2  ? 7.572   -12.155 -0.820  1.00 73.72  ? 11  DG  D "C1'" 1 
ATOM   745 N  N9    . DG  D 4 2  ? 7.624   -11.704 0.565   1.00 72.90  ? 11  DG  D N9    1 
ATOM   746 C  C8    . DG  D 4 2  ? 7.033   -12.292 1.657   1.00 74.46  ? 11  DG  D C8    1 
ATOM   747 N  N7    . DG  D 4 2  ? 7.251   -11.647 2.770   1.00 64.79  ? 11  DG  D N7    1 
ATOM   748 C  C5    . DG  D 4 2  ? 8.032   -10.568 2.389   1.00 67.57  ? 11  DG  D C5    1 
ATOM   749 C  C6    . DG  D 4 2  ? 8.580   -9.521  3.161   1.00 80.41  ? 11  DG  D C6    1 
ATOM   750 O  O6    . DG  D 4 2  ? 8.478   -9.330  4.379   1.00 83.61  ? 11  DG  D O6    1 
ATOM   751 N  N1    . DG  D 4 2  ? 9.313   -8.633  2.377   1.00 81.51  ? 11  DG  D N1    1 
ATOM   752 C  C2    . DG  D 4 2  ? 9.488   -8.744  1.019   1.00 81.49  ? 11  DG  D C2    1 
ATOM   753 N  N2    . DG  D 4 2  ? 10.222  -7.793  0.426   1.00 85.31  ? 11  DG  D N2    1 
ATOM   754 N  N3    . DG  D 4 2  ? 8.980   -9.722  0.288   1.00 73.33  ? 11  DG  D N3    1 
ATOM   755 C  C4    . DG  D 4 2  ? 8.268   -10.592 1.034   1.00 69.98  ? 11  DG  D C4    1 
ATOM   756 P  P     . DT  D 4 3  ? 10.740  -15.310 -2.431  1.00 98.22  ? 12  DT  D P     1 
ATOM   757 O  OP1   . DT  D 4 3  ? 11.076  -16.032 -3.683  1.00 83.95  ? 12  DT  D OP1   1 
ATOM   758 O  OP2   . DT  D 4 3  ? 10.900  -15.980 -1.120  1.00 81.11  ? 12  DT  D OP2   1 
ATOM   759 O  "O5'" . DT  D 4 3  ? 11.570  -13.943 -2.386  1.00 67.01  ? 12  DT  D "O5'" 1 
ATOM   760 C  "C5'" . DT  D 4 3  ? 11.559  -13.077 -3.507  1.00 70.03  ? 12  DT  D "C5'" 1 
ATOM   761 C  "C4'" . DT  D 4 3  ? 12.377  -11.833 -3.230  1.00 86.13  ? 12  DT  D "C4'" 1 
ATOM   762 O  "O4'" . DT  D 4 3  ? 11.917  -11.219 -1.998  1.00 85.71  ? 12  DT  D "O4'" 1 
ATOM   763 C  "C3'" . DT  D 4 3  ? 13.877  -12.075 -3.058  1.00 85.58  ? 12  DT  D "C3'" 1 
ATOM   764 O  "O3'" . DT  D 4 3  ? 14.611  -11.086 -3.763  1.00 86.18  ? 12  DT  D "O3'" 1 
ATOM   765 C  "C2'" . DT  D 4 3  ? 14.086  -11.968 -1.547  1.00 84.82  ? 12  DT  D "C2'" 1 
ATOM   766 C  "C1'" . DT  D 4 3  ? 13.011  -10.968 -1.149  1.00 81.44  ? 12  DT  D "C1'" 1 
ATOM   767 N  N1    . DT  D 4 3  ? 12.554  -11.130 0.257   1.00 80.19  ? 12  DT  D N1    1 
ATOM   768 C  C2    . DT  D 4 3  ? 12.777  -10.117 1.162   1.00 84.97  ? 12  DT  D C2    1 
ATOM   769 O  O2    . DT  D 4 3  ? 13.332  -9.069  0.872   1.00 86.97  ? 12  DT  D O2    1 
ATOM   770 N  N3    . DT  D 4 3  ? 12.320  -10.370 2.426   1.00 78.68  ? 12  DT  D N3    1 
ATOM   771 C  C4    . DT  D 4 3  ? 11.680  -11.510 2.871   1.00 80.29  ? 12  DT  D C4    1 
ATOM   772 O  O4    . DT  D 4 3  ? 11.307  -11.641 4.032   1.00 90.23  ? 12  DT  D O4    1 
ATOM   773 C  C5    . DT  D 4 3  ? 11.478  -12.534 1.875   1.00 72.12  ? 12  DT  D C5    1 
ATOM   774 C  C7    . DT  D 4 3  ? 10.792  -13.817 2.240   1.00 65.47  ? 12  DT  D C7    1 
ATOM   775 C  C6    . DT  D 4 3  ? 11.920  -12.298 0.630   1.00 76.44  ? 12  DT  D C6    1 
ATOM   776 P  P     . DC  D 4 4  ? 16.210  -11.191 -3.871  1.00 96.69  ? 13  DC  D P     1 
ATOM   777 O  OP1   . DC  D 4 4  ? 16.610  -10.607 -5.171  1.00 95.44  ? 13  DC  D OP1   1 
ATOM   778 O  OP2   . DC  D 4 4  ? 16.583  -12.582 -3.533  1.00 95.34  ? 13  DC  D OP2   1 
ATOM   779 O  "O5'" . DC  D 4 4  ? 16.730  -10.232 -2.705  1.00 74.45  ? 13  DC  D "O5'" 1 
ATOM   780 C  "C5'" . DC  D 4 4  ? 16.033  -9.030  -2.438  1.00 81.78  ? 13  DC  D "C5'" 1 
ATOM   781 C  "C4'" . DC  D 4 4  ? 16.893  -8.054  -1.661  1.00 87.01  ? 13  DC  D "C4'" 1 
ATOM   782 O  "O4'" . DC  D 4 4  ? 16.488  -8.045  -0.271  1.00 88.41  ? 13  DC  D "O4'" 1 
ATOM   783 C  "C3'" . DC  D 4 4  ? 18.382  -8.354  -1.652  1.00 90.33  ? 13  DC  D "C3'" 1 
ATOM   784 O  "O3'" . DC  D 4 4  ? 19.102  -7.133  -1.559  1.00 91.70  ? 13  DC  D "O3'" 1 
ATOM   785 C  "C2'" . DC  D 4 4  ? 18.543  -9.203  -0.393  1.00 90.66  ? 13  DC  D "C2'" 1 
ATOM   786 C  "C1'" . DC  D 4 4  ? 17.513  -8.581  0.544   1.00 84.13  ? 13  DC  D "C1'" 1 
ATOM   787 N  N1    . DC  D 4 4  ? 16.885  -9.558  1.468   1.00 81.45  ? 13  DC  D N1    1 
ATOM   788 C  C2    . DC  D 4 4  ? 16.683  -9.211  2.808   1.00 89.45  ? 13  DC  D C2    1 
ATOM   789 O  O2    . DC  D 4 4  ? 17.045  -8.094  3.203   1.00 90.38  ? 13  DC  D O2    1 
ATOM   790 N  N3    . DC  D 4 4  ? 16.095  -10.111 3.634   1.00 84.13  ? 13  DC  D N3    1 
ATOM   791 C  C4    . DC  D 4 4  ? 15.718  -11.300 3.164   1.00 86.28  ? 13  DC  D C4    1 
ATOM   792 N  N4    . DC  D 4 4  ? 15.143  -12.156 4.014   1.00 92.14  ? 13  DC  D N4    1 
ATOM   793 C  C5    . DC  D 4 4  ? 15.915  -11.667 1.802   1.00 85.54  ? 13  DC  D C5    1 
ATOM   794 C  C6    . DC  D 4 4  ? 16.493  -10.772 0.997   1.00 81.31  ? 13  DC  D C6    1 
ATOM   795 P  P     . DT  D 4 5  ? 20.699  -7.130  -1.385  1.00 103.32 ? 14  DT  D P     1 
ATOM   796 O  OP1   . DT  D 4 5  ? 21.207  -5.851  -1.931  1.00 100.27 ? 14  DT  D OP1   1 
ATOM   797 O  OP2   . DT  D 4 5  ? 21.214  -8.415  -1.912  1.00 97.72  ? 14  DT  D OP2   1 
ATOM   798 O  "O5'" . DT  D 4 5  ? 20.905  -7.096  0.197   1.00 89.64  ? 14  DT  D "O5'" 1 
ATOM   799 C  "C5'" . DT  D 4 5  ? 20.304  -6.061  0.961   1.00 86.67  ? 14  DT  D "C5'" 1 
ATOM   800 C  "C4'" . DT  D 4 5  ? 20.889  -6.011  2.361   1.00 91.26  ? 14  DT  D "C4'" 1 
ATOM   801 O  "O4'" . DT  D 4 5  ? 20.200  -6.958  3.226   1.00 96.74  ? 14  DT  D "O4'" 1 
ATOM   802 C  "C3'" . DT  D 4 5  ? 22.365  -6.367  2.454   1.00 96.48  ? 14  DT  D "C3'" 1 
ATOM   803 O  "O3'" . DT  D 4 5  ? 22.967  -5.585  3.464   1.00 95.96  ? 14  DT  D "O3'" 1 
ATOM   804 C  "C2'" . DT  D 4 5  ? 22.327  -7.844  2.843   1.00 100.05 ? 14  DT  D "C2'" 1 
ATOM   805 C  "C1'" . DT  D 4 5  ? 21.139  -7.856  3.788   1.00 91.15  ? 14  DT  D "C1'" 1 
ATOM   806 N  N1    . DT  D 4 5  ? 20.482  -9.186  3.930   1.00 85.04  ? 14  DT  D N1    1 
ATOM   807 C  C2    . DT  D 4 5  ? 19.941  -9.531  5.143   1.00 89.28  ? 14  DT  D C2    1 
ATOM   808 O  O2    . DT  D 4 5  ? 19.983  -8.807  6.122   1.00 90.31  ? 14  DT  D O2    1 
ATOM   809 N  N3    . DT  D 4 5  ? 19.342  -10.761 5.174   1.00 92.59  ? 14  DT  D N3    1 
ATOM   810 C  C4    . DT  D 4 5  ? 19.229  -11.665 4.136   1.00 85.31  ? 14  DT  D C4    1 
ATOM   811 O  O4    . DT  D 4 5  ? 18.667  -12.748 4.269   1.00 84.15  ? 14  DT  D O4    1 
ATOM   812 C  C5    . DT  D 4 5  ? 19.813  -11.244 2.888   1.00 83.93  ? 14  DT  D C5    1 
ATOM   813 C  C7    . DT  D 4 5  ? 19.752  -12.144 1.689   1.00 77.08  ? 14  DT  D C7    1 
ATOM   814 C  C6    . DT  D 4 5  ? 20.406  -10.036 2.843   1.00 85.10  ? 14  DT  D C6    1 
ATOM   815 P  P     . DG  D 4 6  ? 24.402  -4.917  3.209   1.00 113.33 ? 15  DG  D P     1 
ATOM   816 O  OP1   . DG  D 4 6  ? 24.182  -3.519  2.772   1.00 114.70 ? 15  DG  D OP1   1 
ATOM   817 O  OP2   . DG  D 4 6  ? 25.171  -5.853  2.357   1.00 102.97 ? 15  DG  D OP2   1 
ATOM   818 O  "O5'" . DG  D 4 6  ? 25.072  -4.898  4.657   1.00 101.09 ? 15  DG  D "O5'" 1 
ATOM   819 C  "C5'" . DG  D 4 6  ? 24.367  -4.348  5.752   1.00 93.12  ? 15  DG  D "C5'" 1 
ATOM   820 C  "C4'" . DG  D 4 6  ? 24.526  -5.224  6.979   1.00 102.89 ? 15  DG  D "C4'" 1 
ATOM   821 O  "O4'" . DG  D 4 6  ? 23.787  -6.463  6.799   1.00 107.90 ? 15  DG  D "O4'" 1 
ATOM   822 C  "C3'" . DG  D 4 6  ? 25.967  -5.629  7.299   1.00 92.91  ? 15  DG  D "C3'" 1 
ATOM   823 O  "O3'" . DG  D 4 6  ? 26.226  -5.407  8.675   1.00 102.77 ? 15  DG  D "O3'" 1 
ATOM   824 C  "C2'" . DG  D 4 6  ? 26.010  -7.118  6.942   1.00 92.78  ? 15  DG  D "C2'" 1 
ATOM   825 C  "C1'" . DG  D 4 6  ? 24.581  -7.543  7.223   1.00 97.88  ? 15  DG  D "C1'" 1 
ATOM   826 N  N9    . DG  D 4 6  ? 24.173  -8.738  6.486   1.00 90.17  ? 15  DG  D N9    1 
ATOM   827 C  C8    . DG  D 4 6  ? 24.454  -9.032  5.178   1.00 92.40  ? 15  DG  D C8    1 
ATOM   828 N  N7    . DG  D 4 6  ? 23.959  -10.172 4.782   1.00 90.00  ? 15  DG  D N7    1 
ATOM   829 C  C5    . DG  D 4 6  ? 23.308  -10.668 5.902   1.00 91.24  ? 15  DG  D C5    1 
ATOM   830 C  C6    . DG  D 4 6  ? 22.587  -11.874 6.074   1.00 90.58  ? 15  DG  D C6    1 
ATOM   831 O  O6    . DG  D 4 6  ? 22.374  -12.768 5.242   1.00 91.13  ? 15  DG  D O6    1 
ATOM   832 N  N1    . DG  D 4 6  ? 22.085  -11.993 7.366   1.00 86.12  ? 15  DG  D N1    1 
ATOM   833 C  C2    . DG  D 4 6  ? 22.259  -11.066 8.365   1.00 93.63  ? 15  DG  D C2    1 
ATOM   834 N  N2    . DG  D 4 6  ? 21.699  -11.358 9.549   1.00 98.03  ? 15  DG  D N2    1 
ATOM   835 N  N3    . DG  D 4 6  ? 22.933  -9.931  8.218   1.00 97.09  ? 15  DG  D N3    1 
ATOM   836 C  C4    . DG  D 4 6  ? 23.429  -9.799  6.962   1.00 93.22  ? 15  DG  D C4    1 
ATOM   837 P  P     . DC  D 4 7  ? 27.715  -5.562  9.260   1.00 121.78 ? 16  DC  D P     1 
ATOM   838 O  OP1   . DC  D 4 7  ? 28.009  -4.368  10.085  1.00 109.58 ? 16  DC  D OP1   1 
ATOM   839 O  OP2   . DC  D 4 7  ? 28.599  -5.886  8.120   1.00 107.83 ? 16  DC  D OP2   1 
ATOM   840 O  "O5'" . DC  D 4 7  ? 27.617  -6.846  10.218  1.00 119.57 ? 16  DC  D "O5'" 1 
ATOM   841 C  "C5'" . DC  D 4 7  ? 27.995  -8.134  9.729   1.00 114.76 ? 16  DC  D "C5'" 1 
ATOM   842 C  "C4'" . DC  D 4 7  ? 27.098  -9.228  10.295  1.00 113.98 ? 16  DC  D "C4'" 1 
ATOM   843 O  "O4'" . DC  D 4 7  ? 26.364  -9.847  9.224   1.00 108.92 ? 16  DC  D "O4'" 1 
ATOM   844 C  "C3'" . DC  D 4 7  ? 27.833  -10.377 10.977  1.00 111.40 ? 16  DC  D "C3'" 1 
ATOM   845 O  "O3'" . DC  D 4 7  ? 27.907  -10.143 12.383  1.00 111.41 ? 16  DC  D "O3'" 1 
ATOM   846 C  "C2'" . DC  D 4 7  ? 26.982  -11.621 10.656  1.00 105.99 ? 16  DC  D "C2'" 1 
ATOM   847 C  "C1'" . DC  D 4 7  ? 25.943  -11.119 9.647   1.00 99.84  ? 16  DC  D "C1'" 1 
ATOM   848 N  N1    . DC  D 4 7  ? 25.798  -11.999 8.444   1.00 94.50  ? 16  DC  D N1    1 
ATOM   849 C  C2    . DC  D 4 7  ? 25.082  -13.199 8.540   1.00 95.88  ? 16  DC  D C2    1 
ATOM   850 O  O2    . DC  D 4 7  ? 24.583  -13.518 9.626   1.00 98.60  ? 16  DC  D O2    1 
ATOM   851 N  N3    . DC  D 4 7  ? 24.958  -13.981 7.440   1.00 93.17  ? 16  DC  D N3    1 
ATOM   852 C  C4    . DC  D 4 7  ? 25.513  -13.602 6.289   1.00 90.46  ? 16  DC  D C4    1 
ATOM   853 N  N4    . DC  D 4 7  ? 25.366  -14.406 5.231   1.00 88.54  ? 16  DC  D N4    1 
ATOM   854 C  C5    . DC  D 4 7  ? 26.242  -12.384 6.169   1.00 90.00  ? 16  DC  D C5    1 
ATOM   855 C  C6    . DC  D 4 7  ? 26.357  -11.620 7.261   1.00 93.37  ? 16  DC  D C6    1 
HETATM 856 AS AS    . CAC E 5 .  ? -4.367  4.484   -7.616  1.00 173.93 ? 101 CAC C AS    1 
HETATM 857 AS AS    . CAC F 5 .  ? 0.305   17.478  -1.738  1.00 210.24 ? 102 CAC C AS    1 
HETATM 858 AS AS    . CAC G 5 .  ? 6.473   -11.651 6.998   1.00 162.77 ? 101 CAC D AS    1 
# 
loop_
_pdbx_poly_seq_scheme.asym_id 
_pdbx_poly_seq_scheme.entity_id 
_pdbx_poly_seq_scheme.seq_id 
_pdbx_poly_seq_scheme.mon_id 
_pdbx_poly_seq_scheme.ndb_seq_num 
_pdbx_poly_seq_scheme.pdb_seq_num 
_pdbx_poly_seq_scheme.auth_seq_num 
_pdbx_poly_seq_scheme.pdb_mon_id 
_pdbx_poly_seq_scheme.auth_mon_id 
_pdbx_poly_seq_scheme.pdb_strand_id 
_pdbx_poly_seq_scheme.pdb_ins_code 
_pdbx_poly_seq_scheme.hetero 
A 1 1  DG 1  1  1  DG DG A . n 
A 1 2  DA 2  2  2  DA DA A . n 
A 1 3  DG 3  3  3  DG DG A . n 
A 1 4  DC 4  4  4  DC DC A . n 
A 1 5  DA 5  5  5  DA DA A . n 
A 1 6  DG 6  6  6  DG DG A . n 
A 1 7  DA 7  7  7  DA DA A . n 
A 1 8  DC 8  8  8  DC DC A . n 
A 1 9  DC 9  9  9  DC DC A . n 
A 1 10 DA 10 10 10 DA DA A . n 
A 1 11 DG 11 11 11 DG DG A . n 
A 1 12 DA 12 12 12 DA DA A . n 
A 1 13 DC 13 13 13 DC DC A . n 
A 1 14 DT 14 14 14 DT DT A . n 
A 1 15 DC 15 15 15 DC DC A . n 
A 1 16 DC 16 16 16 DC DC A . n 
A 1 17 DA 17 17 17 DA DA A . n 
A 1 18 DC 18 18 18 DC DC A . n 
A 1 19 DT 19 19 19 DT DT A . n 
A 1 20 DC 20 20 20 DC DC A . n 
A 1 21 DA 21 21 21 DA DA A . n 
B 2 1  DA 1  1  1  DA DA B . n 
B 2 2  DG 2  2  2  DG DG B . n 
B 2 3  DT 3  3  3  DT DT B . n 
B 2 4  DC 4  4  4  DC DC B . n 
B 2 5  DT 5  5  5  DT DT B . n 
C 3 1  DT 1  1  1  DT DT C . n 
C 3 2  DC 2  2  2  DC DC C . n 
C 3 3  DT 3  3  3  DT DT C . n 
C 3 4  DG 4  4  4  DG DG C . n 
C 3 5  DA 5  5  5  DA DA C . n 
C 3 6  DG 6  6  6  DG DG C . n 
C 3 7  DT 7  7  7  DT DT C . n 
C 3 8  DG 8  8  8  DG DG C . n 
C 3 9  DG 9  9  9  DG DG C . n 
D 4 1  DG 1  10 10 DG DG D . n 
D 4 2  DG 2  11 11 DG DG D . n 
D 4 3  DT 3  12 12 DT DT D . n 
D 4 4  DC 4  13 13 DC DC D . n 
D 4 5  DT 5  14 14 DT DT D . n 
D 4 6  DG 6  15 15 DG DG D . n 
D 4 7  DC 7  16 16 DC DC D . n 
# 
loop_
_pdbx_nonpoly_scheme.asym_id 
_pdbx_nonpoly_scheme.entity_id 
_pdbx_nonpoly_scheme.mon_id 
_pdbx_nonpoly_scheme.ndb_seq_num 
_pdbx_nonpoly_scheme.pdb_seq_num 
_pdbx_nonpoly_scheme.auth_seq_num 
_pdbx_nonpoly_scheme.pdb_mon_id 
_pdbx_nonpoly_scheme.auth_mon_id 
_pdbx_nonpoly_scheme.pdb_strand_id 
_pdbx_nonpoly_scheme.pdb_ins_code 
E 5 CAC 1 101 1 CAC AS C . 
F 5 CAC 1 102 4 CAC AS C . 
G 5 CAC 1 101 2 CAC AS D . 
# 
_pdbx_struct_assembly.id                   1 
_pdbx_struct_assembly.details              author_defined_assembly 
_pdbx_struct_assembly.method_details       ? 
_pdbx_struct_assembly.oligomeric_details   tetrameric 
_pdbx_struct_assembly.oligomeric_count     4 
# 
_pdbx_struct_assembly_gen.assembly_id       1 
_pdbx_struct_assembly_gen.oper_expression   1 
_pdbx_struct_assembly_gen.asym_id_list      A,B,C,D,E,F,G 
# 
_pdbx_struct_oper_list.id                   1 
_pdbx_struct_oper_list.type                 'identity operation' 
_pdbx_struct_oper_list.name                 1_555 
_pdbx_struct_oper_list.symmetry_operation   x,y,z 
_pdbx_struct_oper_list.matrix[1][1]         1.0000000000 
_pdbx_struct_oper_list.matrix[1][2]         0.0000000000 
_pdbx_struct_oper_list.matrix[1][3]         0.0000000000 
_pdbx_struct_oper_list.vector[1]            0.0000000000 
_pdbx_struct_oper_list.matrix[2][1]         0.0000000000 
_pdbx_struct_oper_list.matrix[2][2]         1.0000000000 
_pdbx_struct_oper_list.matrix[2][3]         0.0000000000 
_pdbx_struct_oper_list.vector[2]            0.0000000000 
_pdbx_struct_oper_list.matrix[3][1]         0.0000000000 
_pdbx_struct_oper_list.matrix[3][2]         0.0000000000 
_pdbx_struct_oper_list.matrix[3][3]         1.0000000000 
_pdbx_struct_oper_list.vector[3]            0.0000000000 
# 
loop_
_pdbx_audit_revision_history.ordinal 
_pdbx_audit_revision_history.data_content_type 
_pdbx_audit_revision_history.major_revision 
_pdbx_audit_revision_history.minor_revision 
_pdbx_audit_revision_history.revision_date 
1 'Structure model' 1 0 2021-07-14 
2 'Structure model' 1 1 2022-07-06 
3 'Structure model' 1 2 2023-10-18 
# 
_pdbx_audit_revision_details.ordinal             1 
_pdbx_audit_revision_details.revision_ordinal    1 
_pdbx_audit_revision_details.data_content_type   'Structure model' 
_pdbx_audit_revision_details.provider            repository 
_pdbx_audit_revision_details.type                'Initial release' 
_pdbx_audit_revision_details.description         ? 
_pdbx_audit_revision_details.details             ? 
# 
loop_
_pdbx_audit_revision_group.ordinal 
_pdbx_audit_revision_group.revision_ordinal 
_pdbx_audit_revision_group.data_content_type 
_pdbx_audit_revision_group.group 
1 2 'Structure model' 'Database references'    
2 3 'Structure model' 'Data collection'        
3 3 'Structure model' 'Refinement description' 
# 
loop_
_pdbx_audit_revision_category.ordinal 
_pdbx_audit_revision_category.revision_ordinal 
_pdbx_audit_revision_category.data_content_type 
_pdbx_audit_revision_category.category 
1 2 'Structure model' citation                      
2 2 'Structure model' citation_author               
3 2 'Structure model' database_2                    
4 3 'Structure model' chem_comp_atom                
5 3 'Structure model' chem_comp_bond                
6 3 'Structure model' pdbx_initial_refinement_model 
# 
loop_
_pdbx_audit_revision_item.ordinal 
_pdbx_audit_revision_item.revision_ordinal 
_pdbx_audit_revision_item.data_content_type 
_pdbx_audit_revision_item.item 
1  2 'Structure model' '_citation.country'                   
2  2 'Structure model' '_citation.journal_abbrev'            
3  2 'Structure model' '_citation.journal_id_CSD'            
4  2 'Structure model' '_citation.journal_id_ISSN'           
5  2 'Structure model' '_citation.journal_volume'            
6  2 'Structure model' '_citation.page_first'                
7  2 'Structure model' '_citation.page_last'                 
8  2 'Structure model' '_citation.pdbx_database_id_DOI'      
9  2 'Structure model' '_citation.pdbx_database_id_PubMed'   
10 2 'Structure model' '_citation.title'                     
11 2 'Structure model' '_citation.year'                      
12 2 'Structure model' '_database_2.pdbx_DOI'                
13 2 'Structure model' '_database_2.pdbx_database_accession' 
# 
loop_
_software.citation_id 
_software.classification 
_software.compiler_name 
_software.compiler_version 
_software.contact_author 
_software.contact_author_email 
_software.date 
_software.description 
_software.dependencies 
_software.hardware 
_software.language 
_software.location 
_software.mods 
_software.name 
_software.os 
_software.os_version 
_software.type 
_software.version 
_software.pdbx_ordinal 
? 'data reduction'  ? ? ? ? ? ? ? ? ? ? ? HKL-2000    ? ? ? .           1 
? 'data scaling'    ? ? ? ? ? ? ? ? ? ? ? HKL-2000    ? ? ? .           2 
? refinement        ? ? ? ? ? ? ? ? ? ? ? PHENIX      ? ? ? 1.11.1_2575 3 
? 'data extraction' ? ? ? ? ? ? ? ? ? ? ? PDB_EXTRACT ? ? ? 3.25        4 
? phasing           ? ? ? ? ? ? ? ? ? ? ? PHASER      ? ? ? .           5 
# 
_pdbx_entry_details.entry_id                 6WSZ 
_pdbx_entry_details.has_ligand_of_interest   N 
_pdbx_entry_details.compound_details         ? 
_pdbx_entry_details.source_details           ? 
_pdbx_entry_details.nonpolymer_details       ? 
_pdbx_entry_details.sequence_details         ? 
# 
loop_
_pdbx_unobs_or_zero_occ_atoms.id 
_pdbx_unobs_or_zero_occ_atoms.PDB_model_num 
_pdbx_unobs_or_zero_occ_atoms.polymer_flag 
_pdbx_unobs_or_zero_occ_atoms.occupancy_flag 
_pdbx_unobs_or_zero_occ_atoms.auth_asym_id 
_pdbx_unobs_or_zero_occ_atoms.auth_comp_id 
_pdbx_unobs_or_zero_occ_atoms.auth_seq_id 
_pdbx_unobs_or_zero_occ_atoms.PDB_ins_code 
_pdbx_unobs_or_zero_occ_atoms.auth_atom_id 
_pdbx_unobs_or_zero_occ_atoms.label_alt_id 
_pdbx_unobs_or_zero_occ_atoms.label_asym_id 
_pdbx_unobs_or_zero_occ_atoms.label_comp_id 
_pdbx_unobs_or_zero_occ_atoms.label_seq_id 
_pdbx_unobs_or_zero_occ_atoms.label_atom_id 
1  1 N 1 C CAC 101 ? O1 ? E CAC 1 O1 
2  1 N 1 C CAC 101 ? O2 ? E CAC 1 O2 
3  1 N 1 C CAC 101 ? C1 ? E CAC 1 C1 
4  1 N 1 C CAC 101 ? C2 ? E CAC 1 C2 
5  1 N 1 C CAC 102 ? O1 ? F CAC 1 O1 
6  1 N 1 C CAC 102 ? O2 ? F CAC 1 O2 
7  1 N 1 C CAC 102 ? C1 ? F CAC 1 C1 
8  1 N 1 C CAC 102 ? C2 ? F CAC 1 C2 
9  1 N 1 D CAC 101 ? O1 ? G CAC 1 O1 
10 1 N 1 D CAC 101 ? O2 ? G CAC 1 O2 
11 1 N 1 D CAC 101 ? C1 ? G CAC 1 C1 
12 1 N 1 D CAC 101 ? C2 ? G CAC 1 C2 
# 
loop_
_chem_comp_atom.comp_id 
_chem_comp_atom.atom_id 
_chem_comp_atom.type_symbol 
_chem_comp_atom.pdbx_aromatic_flag 
_chem_comp_atom.pdbx_stereo_config 
_chem_comp_atom.pdbx_ordinal 
CAC AS     AS N N 1   
CAC O1     O  N N 2   
CAC O2     O  N N 3   
CAC C1     C  N N 4   
CAC C2     C  N N 5   
CAC H11    H  N N 6   
CAC H12    H  N N 7   
CAC H13    H  N N 8   
CAC H21    H  N N 9   
CAC H22    H  N N 10  
CAC H23    H  N N 11  
DA  OP3    O  N N 12  
DA  P      P  N N 13  
DA  OP1    O  N N 14  
DA  OP2    O  N N 15  
DA  "O5'"  O  N N 16  
DA  "C5'"  C  N N 17  
DA  "C4'"  C  N R 18  
DA  "O4'"  O  N N 19  
DA  "C3'"  C  N S 20  
DA  "O3'"  O  N N 21  
DA  "C2'"  C  N N 22  
DA  "C1'"  C  N R 23  
DA  N9     N  Y N 24  
DA  C8     C  Y N 25  
DA  N7     N  Y N 26  
DA  C5     C  Y N 27  
DA  C6     C  Y N 28  
DA  N6     N  N N 29  
DA  N1     N  Y N 30  
DA  C2     C  Y N 31  
DA  N3     N  Y N 32  
DA  C4     C  Y N 33  
DA  HOP3   H  N N 34  
DA  HOP2   H  N N 35  
DA  "H5'"  H  N N 36  
DA  "H5''" H  N N 37  
DA  "H4'"  H  N N 38  
DA  "H3'"  H  N N 39  
DA  "HO3'" H  N N 40  
DA  "H2'"  H  N N 41  
DA  "H2''" H  N N 42  
DA  "H1'"  H  N N 43  
DA  H8     H  N N 44  
DA  H61    H  N N 45  
DA  H62    H  N N 46  
DA  H2     H  N N 47  
DC  OP3    O  N N 48  
DC  P      P  N N 49  
DC  OP1    O  N N 50  
DC  OP2    O  N N 51  
DC  "O5'"  O  N N 52  
DC  "C5'"  C  N N 53  
DC  "C4'"  C  N R 54  
DC  "O4'"  O  N N 55  
DC  "C3'"  C  N S 56  
DC  "O3'"  O  N N 57  
DC  "C2'"  C  N N 58  
DC  "C1'"  C  N R 59  
DC  N1     N  N N 60  
DC  C2     C  N N 61  
DC  O2     O  N N 62  
DC  N3     N  N N 63  
DC  C4     C  N N 64  
DC  N4     N  N N 65  
DC  C5     C  N N 66  
DC  C6     C  N N 67  
DC  HOP3   H  N N 68  
DC  HOP2   H  N N 69  
DC  "H5'"  H  N N 70  
DC  "H5''" H  N N 71  
DC  "H4'"  H  N N 72  
DC  "H3'"  H  N N 73  
DC  "HO3'" H  N N 74  
DC  "H2'"  H  N N 75  
DC  "H2''" H  N N 76  
DC  "H1'"  H  N N 77  
DC  H41    H  N N 78  
DC  H42    H  N N 79  
DC  H5     H  N N 80  
DC  H6     H  N N 81  
DG  OP3    O  N N 82  
DG  P      P  N N 83  
DG  OP1    O  N N 84  
DG  OP2    O  N N 85  
DG  "O5'"  O  N N 86  
DG  "C5'"  C  N N 87  
DG  "C4'"  C  N R 88  
DG  "O4'"  O  N N 89  
DG  "C3'"  C  N S 90  
DG  "O3'"  O  N N 91  
DG  "C2'"  C  N N 92  
DG  "C1'"  C  N R 93  
DG  N9     N  Y N 94  
DG  C8     C  Y N 95  
DG  N7     N  Y N 96  
DG  C5     C  Y N 97  
DG  C6     C  N N 98  
DG  O6     O  N N 99  
DG  N1     N  N N 100 
DG  C2     C  N N 101 
DG  N2     N  N N 102 
DG  N3     N  N N 103 
DG  C4     C  Y N 104 
DG  HOP3   H  N N 105 
DG  HOP2   H  N N 106 
DG  "H5'"  H  N N 107 
DG  "H5''" H  N N 108 
DG  "H4'"  H  N N 109 
DG  "H3'"  H  N N 110 
DG  "HO3'" H  N N 111 
DG  "H2'"  H  N N 112 
DG  "H2''" H  N N 113 
DG  "H1'"  H  N N 114 
DG  H8     H  N N 115 
DG  H1     H  N N 116 
DG  H21    H  N N 117 
DG  H22    H  N N 118 
DT  OP3    O  N N 119 
DT  P      P  N N 120 
DT  OP1    O  N N 121 
DT  OP2    O  N N 122 
DT  "O5'"  O  N N 123 
DT  "C5'"  C  N N 124 
DT  "C4'"  C  N R 125 
DT  "O4'"  O  N N 126 
DT  "C3'"  C  N S 127 
DT  "O3'"  O  N N 128 
DT  "C2'"  C  N N 129 
DT  "C1'"  C  N R 130 
DT  N1     N  N N 131 
DT  C2     C  N N 132 
DT  O2     O  N N 133 
DT  N3     N  N N 134 
DT  C4     C  N N 135 
DT  O4     O  N N 136 
DT  C5     C  N N 137 
DT  C7     C  N N 138 
DT  C6     C  N N 139 
DT  HOP3   H  N N 140 
DT  HOP2   H  N N 141 
DT  "H5'"  H  N N 142 
DT  "H5''" H  N N 143 
DT  "H4'"  H  N N 144 
DT  "H3'"  H  N N 145 
DT  "HO3'" H  N N 146 
DT  "H2'"  H  N N 147 
DT  "H2''" H  N N 148 
DT  "H1'"  H  N N 149 
DT  H3     H  N N 150 
DT  H71    H  N N 151 
DT  H72    H  N N 152 
DT  H73    H  N N 153 
DT  H6     H  N N 154 
# 
loop_
_chem_comp_bond.comp_id 
_chem_comp_bond.atom_id_1 
_chem_comp_bond.atom_id_2 
_chem_comp_bond.value_order 
_chem_comp_bond.pdbx_aromatic_flag 
_chem_comp_bond.pdbx_stereo_config 
_chem_comp_bond.pdbx_ordinal 
CAC AS    O1     doub N N 1   
CAC AS    O2     sing N N 2   
CAC AS    C1     sing N N 3   
CAC AS    C2     sing N N 4   
CAC C1    H11    sing N N 5   
CAC C1    H12    sing N N 6   
CAC C1    H13    sing N N 7   
CAC C2    H21    sing N N 8   
CAC C2    H22    sing N N 9   
CAC C2    H23    sing N N 10  
DA  OP3   P      sing N N 11  
DA  OP3   HOP3   sing N N 12  
DA  P     OP1    doub N N 13  
DA  P     OP2    sing N N 14  
DA  P     "O5'"  sing N N 15  
DA  OP2   HOP2   sing N N 16  
DA  "O5'" "C5'"  sing N N 17  
DA  "C5'" "C4'"  sing N N 18  
DA  "C5'" "H5'"  sing N N 19  
DA  "C5'" "H5''" sing N N 20  
DA  "C4'" "O4'"  sing N N 21  
DA  "C4'" "C3'"  sing N N 22  
DA  "C4'" "H4'"  sing N N 23  
DA  "O4'" "C1'"  sing N N 24  
DA  "C3'" "O3'"  sing N N 25  
DA  "C3'" "C2'"  sing N N 26  
DA  "C3'" "H3'"  sing N N 27  
DA  "O3'" "HO3'" sing N N 28  
DA  "C2'" "C1'"  sing N N 29  
DA  "C2'" "H2'"  sing N N 30  
DA  "C2'" "H2''" sing N N 31  
DA  "C1'" N9     sing N N 32  
DA  "C1'" "H1'"  sing N N 33  
DA  N9    C8     sing Y N 34  
DA  N9    C4     sing Y N 35  
DA  C8    N7     doub Y N 36  
DA  C8    H8     sing N N 37  
DA  N7    C5     sing Y N 38  
DA  C5    C6     sing Y N 39  
DA  C5    C4     doub Y N 40  
DA  C6    N6     sing N N 41  
DA  C6    N1     doub Y N 42  
DA  N6    H61    sing N N 43  
DA  N6    H62    sing N N 44  
DA  N1    C2     sing Y N 45  
DA  C2    N3     doub Y N 46  
DA  C2    H2     sing N N 47  
DA  N3    C4     sing Y N 48  
DC  OP3   P      sing N N 49  
DC  OP3   HOP3   sing N N 50  
DC  P     OP1    doub N N 51  
DC  P     OP2    sing N N 52  
DC  P     "O5'"  sing N N 53  
DC  OP2   HOP2   sing N N 54  
DC  "O5'" "C5'"  sing N N 55  
DC  "C5'" "C4'"  sing N N 56  
DC  "C5'" "H5'"  sing N N 57  
DC  "C5'" "H5''" sing N N 58  
DC  "C4'" "O4'"  sing N N 59  
DC  "C4'" "C3'"  sing N N 60  
DC  "C4'" "H4'"  sing N N 61  
DC  "O4'" "C1'"  sing N N 62  
DC  "C3'" "O3'"  sing N N 63  
DC  "C3'" "C2'"  sing N N 64  
DC  "C3'" "H3'"  sing N N 65  
DC  "O3'" "HO3'" sing N N 66  
DC  "C2'" "C1'"  sing N N 67  
DC  "C2'" "H2'"  sing N N 68  
DC  "C2'" "H2''" sing N N 69  
DC  "C1'" N1     sing N N 70  
DC  "C1'" "H1'"  sing N N 71  
DC  N1    C2     sing N N 72  
DC  N1    C6     sing N N 73  
DC  C2    O2     doub N N 74  
DC  C2    N3     sing N N 75  
DC  N3    C4     doub N N 76  
DC  C4    N4     sing N N 77  
DC  C4    C5     sing N N 78  
DC  N4    H41    sing N N 79  
DC  N4    H42    sing N N 80  
DC  C5    C6     doub N N 81  
DC  C5    H5     sing N N 82  
DC  C6    H6     sing N N 83  
DG  OP3   P      sing N N 84  
DG  OP3   HOP3   sing N N 85  
DG  P     OP1    doub N N 86  
DG  P     OP2    sing N N 87  
DG  P     "O5'"  sing N N 88  
DG  OP2   HOP2   sing N N 89  
DG  "O5'" "C5'"  sing N N 90  
DG  "C5'" "C4'"  sing N N 91  
DG  "C5'" "H5'"  sing N N 92  
DG  "C5'" "H5''" sing N N 93  
DG  "C4'" "O4'"  sing N N 94  
DG  "C4'" "C3'"  sing N N 95  
DG  "C4'" "H4'"  sing N N 96  
DG  "O4'" "C1'"  sing N N 97  
DG  "C3'" "O3'"  sing N N 98  
DG  "C3'" "C2'"  sing N N 99  
DG  "C3'" "H3'"  sing N N 100 
DG  "O3'" "HO3'" sing N N 101 
DG  "C2'" "C1'"  sing N N 102 
DG  "C2'" "H2'"  sing N N 103 
DG  "C2'" "H2''" sing N N 104 
DG  "C1'" N9     sing N N 105 
DG  "C1'" "H1'"  sing N N 106 
DG  N9    C8     sing Y N 107 
DG  N9    C4     sing Y N 108 
DG  C8    N7     doub Y N 109 
DG  C8    H8     sing N N 110 
DG  N7    C5     sing Y N 111 
DG  C5    C6     sing N N 112 
DG  C5    C4     doub Y N 113 
DG  C6    O6     doub N N 114 
DG  C6    N1     sing N N 115 
DG  N1    C2     sing N N 116 
DG  N1    H1     sing N N 117 
DG  C2    N2     sing N N 118 
DG  C2    N3     doub N N 119 
DG  N2    H21    sing N N 120 
DG  N2    H22    sing N N 121 
DG  N3    C4     sing N N 122 
DT  OP3   P      sing N N 123 
DT  OP3   HOP3   sing N N 124 
DT  P     OP1    doub N N 125 
DT  P     OP2    sing N N 126 
DT  P     "O5'"  sing N N 127 
DT  OP2   HOP2   sing N N 128 
DT  "O5'" "C5'"  sing N N 129 
DT  "C5'" "C4'"  sing N N 130 
DT  "C5'" "H5'"  sing N N 131 
DT  "C5'" "H5''" sing N N 132 
DT  "C4'" "O4'"  sing N N 133 
DT  "C4'" "C3'"  sing N N 134 
DT  "C4'" "H4'"  sing N N 135 
DT  "O4'" "C1'"  sing N N 136 
DT  "C3'" "O3'"  sing N N 137 
DT  "C3'" "C2'"  sing N N 138 
DT  "C3'" "H3'"  sing N N 139 
DT  "O3'" "HO3'" sing N N 140 
DT  "C2'" "C1'"  sing N N 141 
DT  "C2'" "H2'"  sing N N 142 
DT  "C2'" "H2''" sing N N 143 
DT  "C1'" N1     sing N N 144 
DT  "C1'" "H1'"  sing N N 145 
DT  N1    C2     sing N N 146 
DT  N1    C6     sing N N 147 
DT  C2    O2     doub N N 148 
DT  C2    N3     sing N N 149 
DT  N3    C4     sing N N 150 
DT  N3    H3     sing N N 151 
DT  C4    O4     doub N N 152 
DT  C4    C5     sing N N 153 
DT  C5    C7     sing N N 154 
DT  C5    C6     doub N N 155 
DT  C7    H71    sing N N 156 
DT  C7    H72    sing N N 157 
DT  C7    H73    sing N N 158 
DT  C6    H6     sing N N 159 
# 
loop_
_ndb_struct_conf_na.entry_id 
_ndb_struct_conf_na.feature 
6WSZ 'double helix'        
6WSZ 'a-form double helix' 
6WSZ 'b-form double helix' 
# 
loop_
_ndb_struct_na_base_pair.model_number 
_ndb_struct_na_base_pair.i_label_asym_id 
_ndb_struct_na_base_pair.i_label_comp_id 
_ndb_struct_na_base_pair.i_label_seq_id 
_ndb_struct_na_base_pair.i_symmetry 
_ndb_struct_na_base_pair.j_label_asym_id 
_ndb_struct_na_base_pair.j_label_comp_id 
_ndb_struct_na_base_pair.j_label_seq_id 
_ndb_struct_na_base_pair.j_symmetry 
_ndb_struct_na_base_pair.shear 
_ndb_struct_na_base_pair.stretch 
_ndb_struct_na_base_pair.stagger 
_ndb_struct_na_base_pair.buckle 
_ndb_struct_na_base_pair.propeller 
_ndb_struct_na_base_pair.opening 
_ndb_struct_na_base_pair.pair_number 
_ndb_struct_na_base_pair.pair_name 
_ndb_struct_na_base_pair.i_auth_asym_id 
_ndb_struct_na_base_pair.i_auth_seq_id 
_ndb_struct_na_base_pair.i_PDB_ins_code 
_ndb_struct_na_base_pair.j_auth_asym_id 
_ndb_struct_na_base_pair.j_auth_seq_id 
_ndb_struct_na_base_pair.j_PDB_ins_code 
_ndb_struct_na_base_pair.hbond_type_28 
_ndb_struct_na_base_pair.hbond_type_12 
1 A DG 3  1_555 D DC 7 1_555 -0.159 -0.257 0.820  1.469  -3.050  -0.805 1  A_DG3:DC16_D A 3  ? D 16 ? 19 1 
1 A DC 4  1_555 D DG 6 1_555 -0.793 0.742  0.495  -0.994 -5.029  -2.420 2  A_DC4:DG15_D A 4  ? D 15 ? 19 1 
1 A DA 5  1_555 D DT 5 1_555 0.089  -0.183 0.511  1.305  -2.722  4.209  3  A_DA5:DT14_D A 5  ? D 14 ? 20 1 
1 A DG 6  1_555 D DC 4 1_555 -0.186 -0.168 0.227  2.431  -7.396  0.229  4  A_DG6:DC13_D A 6  ? D 13 ? 19 1 
1 A DA 7  1_555 D DT 3 1_555 0.066  -0.151 -0.067 -4.170 -7.128  1.823  5  A_DA7:DT12_D A 7  ? D 12 ? 20 1 
1 A DC 8  1_555 D DG 2 1_555 0.199  -0.179 0.170  0.239  -6.299  1.468  6  A_DC8:DG11_D A 8  ? D 11 ? 19 1 
1 A DC 9  1_555 D DG 1 1_555 0.177  -0.157 0.340  -5.616 -8.288  -0.090 7  A_DC9:DG10_D A 9  ? D 10 ? 19 1 
1 A DA 10 1_555 B DT 5 1_555 0.054  -0.311 0.634  -4.418 1.730   4.266  8  A_DA10:DT5_B A 10 ? B 5  ? 20 1 
1 A DG 11 1_555 B DC 4 1_555 -0.180 -0.202 0.664  1.655  -2.766  0.251  9  A_DG11:DC4_B A 11 ? B 4  ? 19 1 
1 A DA 12 1_555 B DT 3 1_555 0.213  -0.152 0.578  0.107  -4.245  -5.905 10 A_DA12:DT3_B A 12 ? B 3  ? 20 1 
1 A DC 13 1_555 B DG 2 1_555 0.163  -0.255 0.829  0.272  -6.079  -0.887 11 A_DC13:DG2_B A 13 ? B 2  ? 19 1 
1 A DT 14 1_555 B DA 1 1_555 -0.295 -0.319 0.771  -0.304 -12.420 -3.112 12 A_DT14:DA1_B A 14 ? B 1  ? 20 1 
1 A DC 15 1_555 C DG 9 1_555 0.135  -0.178 0.581  -6.017 -4.160  -0.918 13 A_DC15:DG9_C A 15 ? C 9  ? 19 1 
1 A DC 16 1_555 C DG 8 1_555 0.172  -0.198 0.701  -2.399 -1.788  0.497  14 A_DC16:DG8_C A 16 ? C 8  ? 19 1 
1 A DA 17 1_555 C DT 7 1_555 0.038  -0.249 0.633  1.406  -7.779  -1.242 15 A_DA17:DT7_C A 17 ? C 7  ? 20 1 
1 A DC 18 1_555 C DG 6 1_555 0.150  -0.170 0.366  -1.854 -6.173  -2.645 16 A_DC18:DG6_C A 18 ? C 6  ? 19 1 
1 A DT 19 1_555 C DA 5 1_555 -0.082 -0.181 0.348  1.628  -4.803  1.866  17 A_DT19:DA5_C A 19 ? C 5  ? 20 1 
1 A DC 20 1_555 C DG 4 1_555 0.179  -0.181 0.555  1.440  -4.595  -0.128 18 A_DC20:DG4_C A 20 ? C 4  ? 19 1 
1 A DA 21 1_555 C DT 3 1_555 0.152  -0.165 0.494  2.658  -6.340  0.464  19 A_DA21:DT3_C A 21 ? C 3  ? 20 1 
# 
loop_
_ndb_struct_na_base_pair_step.model_number 
_ndb_struct_na_base_pair_step.i_label_asym_id_1 
_ndb_struct_na_base_pair_step.i_label_comp_id_1 
_ndb_struct_na_base_pair_step.i_label_seq_id_1 
_ndb_struct_na_base_pair_step.i_symmetry_1 
_ndb_struct_na_base_pair_step.j_label_asym_id_1 
_ndb_struct_na_base_pair_step.j_label_comp_id_1 
_ndb_struct_na_base_pair_step.j_label_seq_id_1 
_ndb_struct_na_base_pair_step.j_symmetry_1 
_ndb_struct_na_base_pair_step.i_label_asym_id_2 
_ndb_struct_na_base_pair_step.i_label_comp_id_2 
_ndb_struct_na_base_pair_step.i_label_seq_id_2 
_ndb_struct_na_base_pair_step.i_symmetry_2 
_ndb_struct_na_base_pair_step.j_label_asym_id_2 
_ndb_struct_na_base_pair_step.j_label_comp_id_2 
_ndb_struct_na_base_pair_step.j_label_seq_id_2 
_ndb_struct_na_base_pair_step.j_symmetry_2 
_ndb_struct_na_base_pair_step.shift 
_ndb_struct_na_base_pair_step.slide 
_ndb_struct_na_base_pair_step.rise 
_ndb_struct_na_base_pair_step.tilt 
_ndb_struct_na_base_pair_step.roll 
_ndb_struct_na_base_pair_step.twist 
_ndb_struct_na_base_pair_step.x_displacement 
_ndb_struct_na_base_pair_step.y_displacement 
_ndb_struct_na_base_pair_step.helical_rise 
_ndb_struct_na_base_pair_step.inclination 
_ndb_struct_na_base_pair_step.tip 
_ndb_struct_na_base_pair_step.helical_twist 
_ndb_struct_na_base_pair_step.step_number 
_ndb_struct_na_base_pair_step.step_name 
_ndb_struct_na_base_pair_step.i_auth_asym_id_1 
_ndb_struct_na_base_pair_step.i_auth_seq_id_1 
_ndb_struct_na_base_pair_step.i_PDB_ins_code_1 
_ndb_struct_na_base_pair_step.j_auth_asym_id_1 
_ndb_struct_na_base_pair_step.j_auth_seq_id_1 
_ndb_struct_na_base_pair_step.j_PDB_ins_code_1 
_ndb_struct_na_base_pair_step.i_auth_asym_id_2 
_ndb_struct_na_base_pair_step.i_auth_seq_id_2 
_ndb_struct_na_base_pair_step.i_PDB_ins_code_2 
_ndb_struct_na_base_pair_step.j_auth_asym_id_2 
_ndb_struct_na_base_pair_step.j_auth_seq_id_2 
_ndb_struct_na_base_pair_step.j_PDB_ins_code_2 
1 A DG 3  1_555 D DC 7 1_555 A DC 4  1_555 D DG 6 1_555 -1.458 -1.226 3.224 -0.872 1.373  24.699 -3.270 3.141  3.201 3.206   2.035 
24.751 1  AA_DG3DC4:DG15DC16_DD A 3  ? D 16 ? A 4  ? D 15 ? 
1 A DC 4  1_555 D DG 6 1_555 A DA 5  1_555 D DT 5 1_555 0.178  0.722  3.431 -0.570 2.418  39.913 0.763  -0.329 3.465 3.538   0.834 
39.987 2  AA_DC4DA5:DT14DG15_DD A 4  ? D 15 ? A 5  ? D 14 ? 
1 A DA 5  1_555 D DT 5 1_555 A DG 6  1_555 D DC 4 1_555 -0.284 -0.284 3.263 -0.906 0.466  29.861 -0.647 0.364  3.265 0.904   1.757 
29.878 3  AA_DA5DG6:DC13DT14_DD A 5  ? D 14 ? A 6  ? D 13 ? 
1 A DG 6  1_555 D DC 4 1_555 A DA 7  1_555 D DT 3 1_555 0.248  -0.741 3.393 -0.956 -2.007 39.496 -0.849 -0.484 3.418 -2.968  1.414 
39.556 4  AA_DG6DA7:DT12DC13_DD A 6  ? D 13 ? A 7  ? D 12 ? 
1 A DA 7  1_555 D DT 3 1_555 A DC 8  1_555 D DG 2 1_555 0.271  -1.030 3.270 -5.901 -0.849 32.734 -1.658 -1.456 3.199 -1.490  
10.363 33.258 5  AA_DA7DC8:DG11DT12_DD A 7  ? D 12 ? A 8  ? D 11 ? 
1 A DC 8  1_555 D DG 2 1_555 A DC 9  1_555 D DG 1 1_555 -0.353 -1.560 3.311 -2.388 -1.331 33.705 -2.463 0.212  3.385 -2.291  4.110 
33.813 6  AA_DC8DC9:DG10DG11_DD A 8  ? D 11 ? A 9  ? D 10 ? 
1 A DC 9  1_555 D DG 1 1_555 A DA 10 1_555 B DT 5 1_555 -0.838 -0.480 3.133 -2.508 0.648  32.497 -0.964 1.071  3.177 1.156   4.474 
32.598 7  AA_DC9DA10:DT5DG10_BD A 9  ? D 10 ? A 10 ? B 5  ? 
1 A DA 10 1_555 B DT 5 1_555 A DG 11 1_555 B DC 4 1_555 -0.762 0.084  3.302 -3.279 4.748  24.609 -1.229 0.761  3.331 10.948  7.560 
25.266 8  AA_DA10DG11:DC4DT5_BB A 10 ? B 5  ? A 11 ? B 4  ? 
1 A DG 11 1_555 B DC 4 1_555 A DA 12 1_555 B DT 3 1_555 -0.293 -0.278 3.351 -1.267 2.044  39.832 -0.649 0.281  3.340 2.996   1.858 
39.902 9  AA_DG11DA12:DT3DC4_BB A 11 ? B 4  ? A 12 ? B 3  ? 
1 A DA 12 1_555 B DT 3 1_555 A DC 13 1_555 B DG 2 1_555 0.679  -0.982 3.265 -3.842 0.694  30.345 -1.996 -2.034 3.134 1.320   7.302 
30.589 10 AA_DA12DC13:DG2DT3_BB A 12 ? B 3  ? A 13 ? B 2  ? 
1 A DC 13 1_555 B DG 2 1_555 A DT 14 1_555 B DA 1 1_555 -0.449 -1.351 3.118 -1.719 -1.713 36.203 -1.939 0.489  3.194 -2.753  2.762 
36.282 11 AA_DC13DT14:DA1DG2_BB A 13 ? B 2  ? A 14 ? B 1  ? 
1 A DT 14 1_555 B DA 1 1_555 A DC 15 1_555 C DG 9 1_555 -0.593 -0.275 3.265 -0.684 -0.516 35.597 -0.375 0.870  3.279 -0.844  1.119 
35.607 12 AA_DT14DC15:DG9DA1_CB A 14 ? B 1  ? A 15 ? C 9  ? 
1 A DC 15 1_555 C DG 9 1_555 A DC 16 1_555 C DG 8 1_555 -0.207 -0.248 3.346 -1.348 5.676  27.633 -1.853 0.106  3.237 11.718  2.784 
28.231 13 AA_DC15DC16:DG8DG9_CC A 15 ? C 9  ? A 16 ? C 8  ? 
1 A DC 16 1_555 C DG 8 1_555 A DA 17 1_555 C DT 7 1_555 0.091  1.601  3.228 -0.573 -7.840 44.447 2.753  -0.168 2.918 -10.268 0.751 
45.102 14 AA_DC16DA17:DT7DG8_CC A 16 ? C 8  ? A 17 ? C 7  ? 
1 A DA 17 1_555 C DT 7 1_555 A DC 18 1_555 C DG 6 1_555 0.161  -0.935 3.412 0.204  -1.105 28.779 -1.621 -0.276 3.446 -2.223  
-0.409 28.801 15 AA_DA17DC18:DG6DT7_CC A 17 ? C 7  ? A 18 ? C 6  ? 
1 A DC 18 1_555 C DG 6 1_555 A DT 19 1_555 C DA 5 1_555 -0.200 -0.502 3.252 2.142  0.888  35.233 -0.957 0.643  3.222 1.465   
-3.534 35.307 16 AA_DC18DT19:DA5DG6_CC A 18 ? C 6  ? A 19 ? C 5  ? 
1 A DT 19 1_555 C DA 5 1_555 A DC 20 1_555 C DG 4 1_555 0.288  -0.449 3.345 1.831  1.963  35.991 -1.009 -0.200 3.327 3.171   
-2.958 36.087 17 AA_DT19DC20:DG4DA5_CC A 19 ? C 5  ? A 20 ? C 4  ? 
1 A DC 20 1_555 C DG 4 1_555 A DA 21 1_555 C DT 3 1_555 0.084  1.042  3.373 0.747  -0.405 40.337 1.558  -0.036 3.364 -0.588  
-1.084 40.345 18 AA_DC20DA21:DT3DG4_CC A 20 ? C 4  ? A 21 ? C 3  ? 
# 
loop_
_pdbx_audit_support.funding_organization 
_pdbx_audit_support.country 
_pdbx_audit_support.grant_number 
_pdbx_audit_support.ordinal 
'National Science Foundation (NSF, United States)'                                         'United States' 1360635     1 
'National Institutes of Health/National Institute of General Medical Sciences (NIH/NIGMS)' 'United States' R01GM104960 2 
'National Science Foundation (NSF, United States)'                                         'United States' NSF2004250  3 
# 
_pdbx_entity_nonpoly.entity_id   5 
_pdbx_entity_nonpoly.name        'CACODYLATE ION' 
_pdbx_entity_nonpoly.comp_id     CAC 
# 
_pdbx_initial_refinement_model.id               1 
_pdbx_initial_refinement_model.entity_id_list   ? 
_pdbx_initial_refinement_model.type             'experimental model' 
_pdbx_initial_refinement_model.source_name      PDB 
_pdbx_initial_refinement_model.accession_code   5KEK 
_pdbx_initial_refinement_model.details          ? 
# 
_pdbx_struct_assembly_auth_evidence.id                     1 
_pdbx_struct_assembly_auth_evidence.assembly_id            1 
_pdbx_struct_assembly_auth_evidence.experimental_support   none 
_pdbx_struct_assembly_auth_evidence.details                ? 
# 
